data_2ZG2
# 
_entry.id   2ZG2 
# 
_audit_conform.dict_name       mmcif_pdbx.dic 
_audit_conform.dict_version    5.397 
_audit_conform.dict_location   http://mmcif.pdb.org/dictionaries/ascii/mmcif_pdbx.dic 
# 
loop_
_database_2.database_id 
_database_2.database_code 
_database_2.pdbx_database_accession 
_database_2.pdbx_DOI 
PDB   2ZG2         pdb_00002zg2 10.2210/pdb2zg2/pdb 
RCSB  RCSB027926   ?            ?                   
WWPDB D_1000027926 ?            ?                   
# 
loop_
_pdbx_audit_revision_history.ordinal 
_pdbx_audit_revision_history.data_content_type 
_pdbx_audit_revision_history.major_revision 
_pdbx_audit_revision_history.minor_revision 
_pdbx_audit_revision_history.revision_date 
1 'Structure model' 1 0 2008-02-05 
2 'Structure model' 1 1 2011-07-13 
3 'Structure model' 1 2 2017-10-11 
4 'Structure model' 1 3 2023-11-01 
5 'Structure model' 1 4 2024-10-16 
# 
_pdbx_audit_revision_details.ordinal             1 
_pdbx_audit_revision_details.revision_ordinal    1 
_pdbx_audit_revision_details.data_content_type   'Structure model' 
_pdbx_audit_revision_details.provider            repository 
_pdbx_audit_revision_details.type                'Initial release' 
_pdbx_audit_revision_details.description         ? 
_pdbx_audit_revision_details.details             ? 
# 
loop_
_pdbx_audit_revision_group.ordinal 
_pdbx_audit_revision_group.revision_ordinal 
_pdbx_audit_revision_group.data_content_type 
_pdbx_audit_revision_group.group 
1 2 'Structure model' 'Version format compliance' 
2 3 'Structure model' 'Refinement description'    
3 4 'Structure model' 'Data collection'           
4 4 'Structure model' 'Database references'       
5 4 'Structure model' 'Refinement description'    
6 5 'Structure model' 'Structure summary'         
# 
loop_
_pdbx_audit_revision_category.ordinal 
_pdbx_audit_revision_category.revision_ordinal 
_pdbx_audit_revision_category.data_content_type 
_pdbx_audit_revision_category.category 
1 3 'Structure model' software                      
2 4 'Structure model' chem_comp_atom                
3 4 'Structure model' chem_comp_bond                
4 4 'Structure model' database_2                    
5 4 'Structure model' pdbx_initial_refinement_model 
6 4 'Structure model' struct_ref_seq_dif            
7 5 'Structure model' pdbx_entry_details            
8 5 'Structure model' pdbx_modification_feature     
# 
loop_
_pdbx_audit_revision_item.ordinal 
_pdbx_audit_revision_item.revision_ordinal 
_pdbx_audit_revision_item.data_content_type 
_pdbx_audit_revision_item.item 
1 3 'Structure model' '_software.name'                      
2 4 'Structure model' '_database_2.pdbx_DOI'                
3 4 'Structure model' '_database_2.pdbx_database_accession' 
4 4 'Structure model' '_struct_ref_seq_dif.details'         
# 
_pdbx_database_status.status_code                     REL 
_pdbx_database_status.entry_id                        2ZG2 
_pdbx_database_status.recvd_initial_deposition_date   2008-01-17 
_pdbx_database_status.deposit_site                    PDBJ 
_pdbx_database_status.process_site                    PDBJ 
_pdbx_database_status.status_code_sf                  REL 
_pdbx_database_status.status_code_mr                  ? 
_pdbx_database_status.SG_entry                        ? 
_pdbx_database_status.pdb_format_compatible           Y 
_pdbx_database_status.status_code_cs                  ? 
_pdbx_database_status.methods_development_category    ? 
_pdbx_database_status.status_code_nmr_data            ? 
# 
loop_
_pdbx_database_related.db_name 
_pdbx_database_related.db_id 
_pdbx_database_related.details 
_pdbx_database_related.content_type 
PDB 1O7S Siglec-7                                                                                    unspecified 
PDB 1QFO Siglec-1                                                                                    unspecified 
PDB 1NKO Siglec-7                                                                                    unspecified 
PDB 2DF3 Siglec-7                                                                                    unspecified 
PDB 2G5R Siglec-7                                                                                    unspecified 
PDB 2HRL 'Siglec-7 in complex with GT1b'                                                             unspecified 
PDB 2ZG1 
;N-terminal V-set and C2-set domain structure of Siglec-5 in complex with 6'-sialyllactose
;
unspecified 
PDB 2ZG3 
;N-terminal V-set and C2-set domain structure of Siglec-5 in complex with 3'-sialyllactose
;
unspecified 
# 
loop_
_audit_author.name 
_audit_author.pdbx_ordinal 
'Zhuravleva, M.A.' 1 
'Sun, P.D.'        2 
# 
_citation.id                        primary 
_citation.title                     'Structural implications of Siglec-5-mediated sialoglycan recognition' 
_citation.journal_abbrev            J.Mol.Biol. 
_citation.journal_volume            375 
_citation.page_first                437 
_citation.page_last                 447 
_citation.year                      2008 
_citation.journal_id_ASTM           JMOBAK 
_citation.country                   UK 
_citation.journal_id_ISSN           0022-2836 
_citation.journal_id_CSD            0070 
_citation.book_publisher            ? 
_citation.pdbx_database_id_PubMed   18022638 
_citation.pdbx_database_id_DOI      10.1016/j.jmb.2007.10.009 
# 
loop_
_citation_author.citation_id 
_citation_author.name 
_citation_author.ordinal 
_citation_author.identifier_ORCID 
primary 'Zhuravleva, M.A.' 1 ? 
primary 'Trandem, K.'      2 ? 
primary 'Sun, P.D.'        3 ? 
# 
loop_
_entity.id 
_entity.type 
_entity.src_method 
_entity.pdbx_description 
_entity.formula_weight 
_entity.pdbx_number_of_molecules 
_entity.pdbx_ec 
_entity.pdbx_mutation 
_entity.pdbx_fragment 
_entity.details 
1 polymer man 'Sialic acid-binding Ig-like lectin 5' 24532.592 1  ? ? 'N-terminal V-set and C2-set domain, UNP residues 20-233' ? 
2 water   nat water                                  18.015    31 ? ? ?                                                         ? 
# 
_entity_name_com.entity_id   1 
_entity_name_com.name        
'Siglec-5, Obesity-binding protein 2, OB-binding protein 2, OB-BP2, CD33 antigen-like 2, CD170 antigen' 
# 
_entity_poly.entity_id                      1 
_entity_poly.type                           'polypeptide(L)' 
_entity_poly.nstd_linkage                   no 
_entity_poly.nstd_monomer                   no 
_entity_poly.pdbx_seq_one_letter_code       
;SVYELQVQKSVTVQEGLCVLVPCSFSYPWRSWYSSPPLYVYWFRDGEIPYYAEVVATNNPDRRVKPETQGRFRLLGDVQK
KNCSLSIGDARMEDTGSYFFRVERGRDVKYSYQQNKLNLEVTALIEKPDIHFLEPLESGRPTRLSCSLPGSCEAGPPLTF
SWTGNALSPLDPETTRSSELTLTPRPEDHGTNLTCQMKRQGAQVTTERTVQLNVSL
;
_entity_poly.pdbx_seq_one_letter_code_can   
;SVYELQVQKSVTVQEGLCVLVPCSFSYPWRSWYSSPPLYVYWFRDGEIPYYAEVVATNNPDRRVKPETQGRFRLLGDVQK
KNCSLSIGDARMEDTGSYFFRVERGRDVKYSYQQNKLNLEVTALIEKPDIHFLEPLESGRPTRLSCSLPGSCEAGPPLTF
SWTGNALSPLDPETTRSSELTLTPRPEDHGTNLTCQMKRQGAQVTTERTVQLNVSL
;
_entity_poly.pdbx_strand_id                 A 
_entity_poly.pdbx_target_identifier         ? 
# 
_pdbx_entity_nonpoly.entity_id   2 
_pdbx_entity_nonpoly.name        water 
_pdbx_entity_nonpoly.comp_id     HOH 
# 
loop_
_entity_poly_seq.entity_id 
_entity_poly_seq.num 
_entity_poly_seq.mon_id 
_entity_poly_seq.hetero 
1 1   SER n 
1 2   VAL n 
1 3   TYR n 
1 4   GLU n 
1 5   LEU n 
1 6   GLN n 
1 7   VAL n 
1 8   GLN n 
1 9   LYS n 
1 10  SER n 
1 11  VAL n 
1 12  THR n 
1 13  VAL n 
1 14  GLN n 
1 15  GLU n 
1 16  GLY n 
1 17  LEU n 
1 18  CYS n 
1 19  VAL n 
1 20  LEU n 
1 21  VAL n 
1 22  PRO n 
1 23  CYS n 
1 24  SER n 
1 25  PHE n 
1 26  SER n 
1 27  TYR n 
1 28  PRO n 
1 29  TRP n 
1 30  ARG n 
1 31  SER n 
1 32  TRP n 
1 33  TYR n 
1 34  SER n 
1 35  SER n 
1 36  PRO n 
1 37  PRO n 
1 38  LEU n 
1 39  TYR n 
1 40  VAL n 
1 41  TYR n 
1 42  TRP n 
1 43  PHE n 
1 44  ARG n 
1 45  ASP n 
1 46  GLY n 
1 47  GLU n 
1 48  ILE n 
1 49  PRO n 
1 50  TYR n 
1 51  TYR n 
1 52  ALA n 
1 53  GLU n 
1 54  VAL n 
1 55  VAL n 
1 56  ALA n 
1 57  THR n 
1 58  ASN n 
1 59  ASN n 
1 60  PRO n 
1 61  ASP n 
1 62  ARG n 
1 63  ARG n 
1 64  VAL n 
1 65  LYS n 
1 66  PRO n 
1 67  GLU n 
1 68  THR n 
1 69  GLN n 
1 70  GLY n 
1 71  ARG n 
1 72  PHE n 
1 73  ARG n 
1 74  LEU n 
1 75  LEU n 
1 76  GLY n 
1 77  ASP n 
1 78  VAL n 
1 79  GLN n 
1 80  LYS n 
1 81  LYS n 
1 82  ASN n 
1 83  CYS n 
1 84  SER n 
1 85  LEU n 
1 86  SER n 
1 87  ILE n 
1 88  GLY n 
1 89  ASP n 
1 90  ALA n 
1 91  ARG n 
1 92  MET n 
1 93  GLU n 
1 94  ASP n 
1 95  THR n 
1 96  GLY n 
1 97  SER n 
1 98  TYR n 
1 99  PHE n 
1 100 PHE n 
1 101 ARG n 
1 102 VAL n 
1 103 GLU n 
1 104 ARG n 
1 105 GLY n 
1 106 ARG n 
1 107 ASP n 
1 108 VAL n 
1 109 LYS n 
1 110 TYR n 
1 111 SER n 
1 112 TYR n 
1 113 GLN n 
1 114 GLN n 
1 115 ASN n 
1 116 LYS n 
1 117 LEU n 
1 118 ASN n 
1 119 LEU n 
1 120 GLU n 
1 121 VAL n 
1 122 THR n 
1 123 ALA n 
1 124 LEU n 
1 125 ILE n 
1 126 GLU n 
1 127 LYS n 
1 128 PRO n 
1 129 ASP n 
1 130 ILE n 
1 131 HIS n 
1 132 PHE n 
1 133 LEU n 
1 134 GLU n 
1 135 PRO n 
1 136 LEU n 
1 137 GLU n 
1 138 SER n 
1 139 GLY n 
1 140 ARG n 
1 141 PRO n 
1 142 THR n 
1 143 ARG n 
1 144 LEU n 
1 145 SER n 
1 146 CYS n 
1 147 SER n 
1 148 LEU n 
1 149 PRO n 
1 150 GLY n 
1 151 SER n 
1 152 CYS n 
1 153 GLU n 
1 154 ALA n 
1 155 GLY n 
1 156 PRO n 
1 157 PRO n 
1 158 LEU n 
1 159 THR n 
1 160 PHE n 
1 161 SER n 
1 162 TRP n 
1 163 THR n 
1 164 GLY n 
1 165 ASN n 
1 166 ALA n 
1 167 LEU n 
1 168 SER n 
1 169 PRO n 
1 170 LEU n 
1 171 ASP n 
1 172 PRO n 
1 173 GLU n 
1 174 THR n 
1 175 THR n 
1 176 ARG n 
1 177 SER n 
1 178 SER n 
1 179 GLU n 
1 180 LEU n 
1 181 THR n 
1 182 LEU n 
1 183 THR n 
1 184 PRO n 
1 185 ARG n 
1 186 PRO n 
1 187 GLU n 
1 188 ASP n 
1 189 HIS n 
1 190 GLY n 
1 191 THR n 
1 192 ASN n 
1 193 LEU n 
1 194 THR n 
1 195 CYS n 
1 196 GLN n 
1 197 MET n 
1 198 LYS n 
1 199 ARG n 
1 200 GLN n 
1 201 GLY n 
1 202 ALA n 
1 203 GLN n 
1 204 VAL n 
1 205 THR n 
1 206 THR n 
1 207 GLU n 
1 208 ARG n 
1 209 THR n 
1 210 VAL n 
1 211 GLN n 
1 212 LEU n 
1 213 ASN n 
1 214 VAL n 
1 215 SER n 
1 216 LEU n 
# 
_entity_src_gen.entity_id                          1 
_entity_src_gen.pdbx_src_id                        1 
_entity_src_gen.pdbx_alt_source_flag               sample 
_entity_src_gen.pdbx_seq_type                      ? 
_entity_src_gen.pdbx_beg_seq_num                   ? 
_entity_src_gen.pdbx_end_seq_num                   ? 
_entity_src_gen.gene_src_common_name               human 
_entity_src_gen.gene_src_genus                     Homo 
_entity_src_gen.pdbx_gene_src_gene                 SIGLEC5 
_entity_src_gen.gene_src_species                   ? 
_entity_src_gen.gene_src_strain                    ? 
_entity_src_gen.gene_src_tissue                    ? 
_entity_src_gen.gene_src_tissue_fraction           ? 
_entity_src_gen.gene_src_details                   ? 
_entity_src_gen.pdbx_gene_src_fragment             ? 
_entity_src_gen.pdbx_gene_src_scientific_name      'Homo sapiens' 
_entity_src_gen.pdbx_gene_src_ncbi_taxonomy_id     9606 
_entity_src_gen.pdbx_gene_src_variant              ? 
_entity_src_gen.pdbx_gene_src_cell_line            ? 
_entity_src_gen.pdbx_gene_src_atcc                 ? 
_entity_src_gen.pdbx_gene_src_organ                ? 
_entity_src_gen.pdbx_gene_src_organelle            ? 
_entity_src_gen.pdbx_gene_src_cell                 ? 
_entity_src_gen.pdbx_gene_src_cellular_location    ? 
_entity_src_gen.host_org_common_name               ? 
_entity_src_gen.pdbx_host_org_scientific_name      'Escherichia coli BL21(DE3)' 
_entity_src_gen.pdbx_host_org_ncbi_taxonomy_id     469008 
_entity_src_gen.host_org_genus                     Escherichia 
_entity_src_gen.pdbx_host_org_gene                 ? 
_entity_src_gen.pdbx_host_org_organ                ? 
_entity_src_gen.host_org_species                   'Escherichia coli' 
_entity_src_gen.pdbx_host_org_tissue               ? 
_entity_src_gen.pdbx_host_org_tissue_fraction      ? 
_entity_src_gen.pdbx_host_org_strain               'BL21(DE3)' 
_entity_src_gen.pdbx_host_org_variant              ? 
_entity_src_gen.pdbx_host_org_cell_line            ? 
_entity_src_gen.pdbx_host_org_atcc                 ? 
_entity_src_gen.pdbx_host_org_culture_collection   ? 
_entity_src_gen.pdbx_host_org_cell                 ? 
_entity_src_gen.pdbx_host_org_organelle            ? 
_entity_src_gen.pdbx_host_org_cellular_location    ? 
_entity_src_gen.pdbx_host_org_vector_type          plasmid 
_entity_src_gen.pdbx_host_org_vector               ? 
_entity_src_gen.host_org_details                   ? 
_entity_src_gen.expression_system_id               ? 
_entity_src_gen.plasmid_name                       pET30a 
_entity_src_gen.plasmid_details                    ? 
_entity_src_gen.pdbx_description                   ? 
# 
loop_
_chem_comp.id 
_chem_comp.type 
_chem_comp.mon_nstd_flag 
_chem_comp.name 
_chem_comp.pdbx_synonyms 
_chem_comp.formula 
_chem_comp.formula_weight 
ALA 'L-peptide linking' y ALANINE         ? 'C3 H7 N O2'     89.093  
ARG 'L-peptide linking' y ARGININE        ? 'C6 H15 N4 O2 1' 175.209 
ASN 'L-peptide linking' y ASPARAGINE      ? 'C4 H8 N2 O3'    132.118 
ASP 'L-peptide linking' y 'ASPARTIC ACID' ? 'C4 H7 N O4'     133.103 
CYS 'L-peptide linking' y CYSTEINE        ? 'C3 H7 N O2 S'   121.158 
GLN 'L-peptide linking' y GLUTAMINE       ? 'C5 H10 N2 O3'   146.144 
GLU 'L-peptide linking' y 'GLUTAMIC ACID' ? 'C5 H9 N O4'     147.129 
GLY 'peptide linking'   y GLYCINE         ? 'C2 H5 N O2'     75.067  
HIS 'L-peptide linking' y HISTIDINE       ? 'C6 H10 N3 O2 1' 156.162 
HOH non-polymer         . WATER           ? 'H2 O'           18.015  
ILE 'L-peptide linking' y ISOLEUCINE      ? 'C6 H13 N O2'    131.173 
LEU 'L-peptide linking' y LEUCINE         ? 'C6 H13 N O2'    131.173 
LYS 'L-peptide linking' y LYSINE          ? 'C6 H15 N2 O2 1' 147.195 
MET 'L-peptide linking' y METHIONINE      ? 'C5 H11 N O2 S'  149.211 
PHE 'L-peptide linking' y PHENYLALANINE   ? 'C9 H11 N O2'    165.189 
PRO 'L-peptide linking' y PROLINE         ? 'C5 H9 N O2'     115.130 
SER 'L-peptide linking' y SERINE          ? 'C3 H7 N O3'     105.093 
THR 'L-peptide linking' y THREONINE       ? 'C4 H9 N O3'     119.119 
TRP 'L-peptide linking' y TRYPTOPHAN      ? 'C11 H12 N2 O2'  204.225 
TYR 'L-peptide linking' y TYROSINE        ? 'C9 H11 N O3'    181.189 
VAL 'L-peptide linking' y VALINE          ? 'C5 H11 N O2'    117.146 
# 
loop_
_pdbx_poly_seq_scheme.asym_id 
_pdbx_poly_seq_scheme.entity_id 
_pdbx_poly_seq_scheme.seq_id 
_pdbx_poly_seq_scheme.mon_id 
_pdbx_poly_seq_scheme.ndb_seq_num 
_pdbx_poly_seq_scheme.pdb_seq_num 
_pdbx_poly_seq_scheme.auth_seq_num 
_pdbx_poly_seq_scheme.pdb_mon_id 
_pdbx_poly_seq_scheme.auth_mon_id 
_pdbx_poly_seq_scheme.pdb_strand_id 
_pdbx_poly_seq_scheme.pdb_ins_code 
_pdbx_poly_seq_scheme.hetero 
A 1 1   SER 1   24  24  SER SER A . n 
A 1 2   VAL 2   25  25  VAL VAL A . n 
A 1 3   TYR 3   26  26  TYR TYR A . n 
A 1 4   GLU 4   27  27  GLU GLU A . n 
A 1 5   LEU 5   28  28  LEU LEU A . n 
A 1 6   GLN 6   29  29  GLN GLN A . n 
A 1 7   VAL 7   30  30  VAL VAL A . n 
A 1 8   GLN 8   31  31  GLN GLN A . n 
A 1 9   LYS 9   32  32  LYS LYS A . n 
A 1 10  SER 10  33  33  SER SER A . n 
A 1 11  VAL 11  34  34  VAL VAL A . n 
A 1 12  THR 12  35  35  THR THR A . n 
A 1 13  VAL 13  36  36  VAL VAL A . n 
A 1 14  GLN 14  37  37  GLN GLN A . n 
A 1 15  GLU 15  38  38  GLU GLU A . n 
A 1 16  GLY 16  39  39  GLY GLY A . n 
A 1 17  LEU 17  40  40  LEU LEU A . n 
A 1 18  CYS 18  41  41  CYS CYS A . n 
A 1 19  VAL 19  42  42  VAL VAL A . n 
A 1 20  LEU 20  43  43  LEU LEU A . n 
A 1 21  VAL 21  44  44  VAL VAL A . n 
A 1 22  PRO 22  45  45  PRO PRO A . n 
A 1 23  CYS 23  46  46  CYS CYS A . n 
A 1 24  SER 24  47  47  SER SER A . n 
A 1 25  PHE 25  48  48  PHE PHE A . n 
A 1 26  SER 26  49  49  SER SER A . n 
A 1 27  TYR 27  50  50  TYR TYR A . n 
A 1 28  PRO 28  51  51  PRO PRO A . n 
A 1 29  TRP 29  52  52  TRP TRP A . n 
A 1 30  ARG 30  53  53  ARG ALA A . n 
A 1 31  SER 31  54  54  SER SER A . n 
A 1 32  TRP 32  55  55  TRP TRP A . n 
A 1 33  TYR 33  56  56  TYR ALA A . n 
A 1 34  SER 34  57  57  SER SER A . n 
A 1 35  SER 35  58  58  SER SER A . n 
A 1 36  PRO 36  59  59  PRO PRO A . n 
A 1 37  PRO 37  60  60  PRO PRO A . n 
A 1 38  LEU 38  61  61  LEU LEU A . n 
A 1 39  TYR 39  62  62  TYR TYR A . n 
A 1 40  VAL 40  63  63  VAL VAL A . n 
A 1 41  TYR 41  64  64  TYR TYR A . n 
A 1 42  TRP 42  65  65  TRP TRP A . n 
A 1 43  PHE 43  66  66  PHE PHE A . n 
A 1 44  ARG 44  67  67  ARG ARG A . n 
A 1 45  ASP 45  68  68  ASP ASP A . n 
A 1 46  GLY 46  69  69  GLY GLY A . n 
A 1 47  GLU 47  70  70  GLU GLU A . n 
A 1 48  ILE 48  71  71  ILE ILE A . n 
A 1 49  PRO 49  72  72  PRO PRO A . n 
A 1 50  TYR 50  73  73  TYR TYR A . n 
A 1 51  TYR 51  74  74  TYR TYR A . n 
A 1 52  ALA 52  75  75  ALA ALA A . n 
A 1 53  GLU 53  76  76  GLU GLU A . n 
A 1 54  VAL 54  77  77  VAL VAL A . n 
A 1 55  VAL 55  78  78  VAL VAL A . n 
A 1 56  ALA 56  79  79  ALA ALA A . n 
A 1 57  THR 57  80  80  THR THR A . n 
A 1 58  ASN 58  81  81  ASN ASN A . n 
A 1 59  ASN 59  82  82  ASN ASN A . n 
A 1 60  PRO 60  83  83  PRO PRO A . n 
A 1 61  ASP 61  84  84  ASP ASP A . n 
A 1 62  ARG 62  85  85  ARG ARG A . n 
A 1 63  ARG 63  86  86  ARG ARG A . n 
A 1 64  VAL 64  87  87  VAL VAL A . n 
A 1 65  LYS 65  88  88  LYS LYS A . n 
A 1 66  PRO 66  89  89  PRO PRO A . n 
A 1 67  GLU 67  90  90  GLU GLU A . n 
A 1 68  THR 68  91  91  THR THR A . n 
A 1 69  GLN 69  92  92  GLN GLN A . n 
A 1 70  GLY 70  93  93  GLY GLY A . n 
A 1 71  ARG 71  94  94  ARG ARG A . n 
A 1 72  PHE 72  95  95  PHE PHE A . n 
A 1 73  ARG 73  96  96  ARG ARG A . n 
A 1 74  LEU 74  97  97  LEU LEU A . n 
A 1 75  LEU 75  98  98  LEU LEU A . n 
A 1 76  GLY 76  99  99  GLY GLY A . n 
A 1 77  ASP 77  100 100 ASP ASP A . n 
A 1 78  VAL 78  101 101 VAL VAL A . n 
A 1 79  GLN 79  102 102 GLN GLN A . n 
A 1 80  LYS 80  103 103 LYS LYS A . n 
A 1 81  LYS 81  104 104 LYS LYS A . n 
A 1 82  ASN 82  105 105 ASN ASN A . n 
A 1 83  CYS 83  106 106 CYS CYS A . n 
A 1 84  SER 84  107 107 SER SER A . n 
A 1 85  LEU 85  108 108 LEU LEU A . n 
A 1 86  SER 86  109 109 SER SER A . n 
A 1 87  ILE 87  110 110 ILE ILE A . n 
A 1 88  GLY 88  111 111 GLY GLY A . n 
A 1 89  ASP 89  112 112 ASP ASP A . n 
A 1 90  ALA 90  113 113 ALA ALA A . n 
A 1 91  ARG 91  114 114 ARG ARG A . n 
A 1 92  MET 92  115 115 MET MET A . n 
A 1 93  GLU 93  116 116 GLU GLU A . n 
A 1 94  ASP 94  117 117 ASP ASP A . n 
A 1 95  THR 95  118 118 THR THR A . n 
A 1 96  GLY 96  119 119 GLY GLY A . n 
A 1 97  SER 97  120 120 SER SER A . n 
A 1 98  TYR 98  121 121 TYR TYR A . n 
A 1 99  PHE 99  122 122 PHE PHE A . n 
A 1 100 PHE 100 123 123 PHE PHE A . n 
A 1 101 ARG 101 124 124 ARG ARG A . n 
A 1 102 VAL 102 125 125 VAL VAL A . n 
A 1 103 GLU 103 126 126 GLU GLU A . n 
A 1 104 ARG 104 127 127 ARG ARG A . n 
A 1 105 GLY 105 128 128 GLY GLY A . n 
A 1 106 ARG 106 129 129 ARG ALA A . n 
A 1 107 ASP 107 130 130 ASP ASP A . n 
A 1 108 VAL 108 131 131 VAL VAL A . n 
A 1 109 LYS 109 132 132 LYS LYS A . n 
A 1 110 TYR 110 133 133 TYR TYR A . n 
A 1 111 SER 111 134 134 SER SER A . n 
A 1 112 TYR 112 135 135 TYR TYR A . n 
A 1 113 GLN 113 136 136 GLN GLN A . n 
A 1 114 GLN 114 137 137 GLN GLN A . n 
A 1 115 ASN 115 138 138 ASN ASN A . n 
A 1 116 LYS 116 139 139 LYS LYS A . n 
A 1 117 LEU 117 140 140 LEU LEU A . n 
A 1 118 ASN 118 141 141 ASN ASN A . n 
A 1 119 LEU 119 142 142 LEU LEU A . n 
A 1 120 GLU 120 143 143 GLU GLU A . n 
A 1 121 VAL 121 144 144 VAL VAL A . n 
A 1 122 THR 122 145 145 THR THR A . n 
A 1 123 ALA 123 146 146 ALA ALA A . n 
A 1 124 LEU 124 147 147 LEU LEU A . n 
A 1 125 ILE 125 148 148 ILE ILE A . n 
A 1 126 GLU 126 149 149 GLU GLU A . n 
A 1 127 LYS 127 150 150 LYS LYS A . n 
A 1 128 PRO 128 151 151 PRO PRO A . n 
A 1 129 ASP 129 152 152 ASP ASP A . n 
A 1 130 ILE 130 153 153 ILE ILE A . n 
A 1 131 HIS 131 154 154 HIS HIS A . n 
A 1 132 PHE 132 155 155 PHE PHE A . n 
A 1 133 LEU 133 156 156 LEU LEU A . n 
A 1 134 GLU 134 157 157 GLU GLU A . n 
A 1 135 PRO 135 158 158 PRO PRO A . n 
A 1 136 LEU 136 159 159 LEU LEU A . n 
A 1 137 GLU 137 160 160 GLU GLU A . n 
A 1 138 SER 138 161 161 SER SER A . n 
A 1 139 GLY 139 162 162 GLY GLY A . n 
A 1 140 ARG 140 163 163 ARG ARG A . n 
A 1 141 PRO 141 164 164 PRO PRO A . n 
A 1 142 THR 142 165 165 THR THR A . n 
A 1 143 ARG 143 166 166 ARG ARG A . n 
A 1 144 LEU 144 167 167 LEU LEU A . n 
A 1 145 SER 145 168 168 SER SER A . n 
A 1 146 CYS 146 169 169 CYS CYS A . n 
A 1 147 SER 147 170 170 SER SER A . n 
A 1 148 LEU 148 171 171 LEU LEU A . n 
A 1 149 PRO 149 172 172 PRO PRO A . n 
A 1 150 GLY 150 173 173 GLY GLY A . n 
A 1 151 SER 151 174 174 SER SER A . n 
A 1 152 CYS 152 175 175 CYS CYS A . n 
A 1 153 GLU 153 176 176 GLU GLU A . n 
A 1 154 ALA 154 177 177 ALA ALA A . n 
A 1 155 GLY 155 178 178 GLY GLY A . n 
A 1 156 PRO 156 179 179 PRO PRO A . n 
A 1 157 PRO 157 180 180 PRO PRO A . n 
A 1 158 LEU 158 181 181 LEU LEU A . n 
A 1 159 THR 159 182 182 THR THR A . n 
A 1 160 PHE 160 183 183 PHE PHE A . n 
A 1 161 SER 161 184 184 SER SER A . n 
A 1 162 TRP 162 185 185 TRP TRP A . n 
A 1 163 THR 163 186 186 THR THR A . n 
A 1 164 GLY 164 187 187 GLY GLY A . n 
A 1 165 ASN 165 188 188 ASN ASN A . n 
A 1 166 ALA 166 189 189 ALA ALA A . n 
A 1 167 LEU 167 190 190 LEU LEU A . n 
A 1 168 SER 168 191 191 SER SER A . n 
A 1 169 PRO 169 192 192 PRO PRO A . n 
A 1 170 LEU 170 193 193 LEU LEU A . n 
A 1 171 ASP 171 194 194 ASP ASP A . n 
A 1 172 PRO 172 195 195 PRO PRO A . n 
A 1 173 GLU 173 196 196 GLU GLU A . n 
A 1 174 THR 174 197 197 THR THR A . n 
A 1 175 THR 175 198 198 THR THR A . n 
A 1 176 ARG 176 199 199 ARG ARG A . n 
A 1 177 SER 177 200 200 SER SER A . n 
A 1 178 SER 178 201 201 SER SER A . n 
A 1 179 GLU 179 202 202 GLU GLU A . n 
A 1 180 LEU 180 203 203 LEU LEU A . n 
A 1 181 THR 181 204 204 THR THR A . n 
A 1 182 LEU 182 205 205 LEU LEU A . n 
A 1 183 THR 183 206 206 THR THR A . n 
A 1 184 PRO 184 207 207 PRO PRO A . n 
A 1 185 ARG 185 208 208 ARG ARG A . n 
A 1 186 PRO 186 209 209 PRO PRO A . n 
A 1 187 GLU 187 210 210 GLU GLU A . n 
A 1 188 ASP 188 211 211 ASP ASP A . n 
A 1 189 HIS 189 212 212 HIS HIS A . n 
A 1 190 GLY 190 213 213 GLY GLY A . n 
A 1 191 THR 191 214 214 THR THR A . n 
A 1 192 ASN 192 215 215 ASN ASN A . n 
A 1 193 LEU 193 216 216 LEU LEU A . n 
A 1 194 THR 194 217 217 THR THR A . n 
A 1 195 CYS 195 218 218 CYS CYS A . n 
A 1 196 GLN 196 219 219 GLN GLN A . n 
A 1 197 MET 197 220 220 MET MET A . n 
A 1 198 LYS 198 221 221 LYS LYS A . n 
A 1 199 ARG 199 222 222 ARG ARG A . n 
A 1 200 GLN 200 223 223 GLN GLN A . n 
A 1 201 GLY 201 224 ?   ?   ?   A . n 
A 1 202 ALA 202 225 ?   ?   ?   A . n 
A 1 203 GLN 203 226 226 GLN GLN A . n 
A 1 204 VAL 204 227 227 VAL VAL A . n 
A 1 205 THR 205 228 228 THR THR A . n 
A 1 206 THR 206 229 229 THR THR A . n 
A 1 207 GLU 207 230 230 GLU GLU A . n 
A 1 208 ARG 208 231 231 ARG ARG A . n 
A 1 209 THR 209 232 232 THR THR A . n 
A 1 210 VAL 210 233 233 VAL VAL A . n 
A 1 211 GLN 211 234 234 GLN GLN A . n 
A 1 212 LEU 212 235 235 LEU LEU A . n 
A 1 213 ASN 213 236 236 ASN ASN A . n 
A 1 214 VAL 214 237 237 VAL VAL A . n 
A 1 215 SER 215 238 238 SER SER A . n 
A 1 216 LEU 216 239 239 LEU LEU A . n 
# 
loop_
_pdbx_nonpoly_scheme.asym_id 
_pdbx_nonpoly_scheme.entity_id 
_pdbx_nonpoly_scheme.mon_id 
_pdbx_nonpoly_scheme.ndb_seq_num 
_pdbx_nonpoly_scheme.pdb_seq_num 
_pdbx_nonpoly_scheme.auth_seq_num 
_pdbx_nonpoly_scheme.pdb_mon_id 
_pdbx_nonpoly_scheme.auth_mon_id 
_pdbx_nonpoly_scheme.pdb_strand_id 
_pdbx_nonpoly_scheme.pdb_ins_code 
B 2 HOH 1  240 1  HOH HOH A . 
B 2 HOH 2  241 2  HOH HOH A . 
B 2 HOH 3  242 3  HOH HOH A . 
B 2 HOH 4  243 4  HOH HOH A . 
B 2 HOH 5  244 5  HOH HOH A . 
B 2 HOH 6  245 6  HOH HOH A . 
B 2 HOH 7  246 7  HOH HOH A . 
B 2 HOH 8  247 8  HOH HOH A . 
B 2 HOH 9  248 9  HOH HOH A . 
B 2 HOH 10 249 10 HOH HOH A . 
B 2 HOH 11 250 11 HOH HOH A . 
B 2 HOH 12 251 12 HOH HOH A . 
B 2 HOH 13 252 13 HOH HOH A . 
B 2 HOH 14 253 14 HOH HOH A . 
B 2 HOH 15 254 15 HOH HOH A . 
B 2 HOH 16 255 16 HOH HOH A . 
B 2 HOH 17 256 17 HOH HOH A . 
B 2 HOH 18 257 18 HOH HOH A . 
B 2 HOH 19 258 19 HOH HOH A . 
B 2 HOH 20 259 20 HOH HOH A . 
B 2 HOH 21 260 21 HOH HOH A . 
B 2 HOH 22 261 22 HOH HOH A . 
B 2 HOH 23 262 23 HOH HOH A . 
B 2 HOH 24 263 24 HOH HOH A . 
B 2 HOH 25 264 25 HOH HOH A . 
B 2 HOH 26 265 26 HOH HOH A . 
B 2 HOH 27 266 27 HOH HOH A . 
B 2 HOH 28 267 28 HOH HOH A . 
B 2 HOH 29 268 29 HOH HOH A . 
B 2 HOH 30 269 30 HOH HOH A . 
B 2 HOH 31 270 31 HOH HOH A . 
# 
loop_
_pdbx_unobs_or_zero_occ_atoms.id 
_pdbx_unobs_or_zero_occ_atoms.PDB_model_num 
_pdbx_unobs_or_zero_occ_atoms.polymer_flag 
_pdbx_unobs_or_zero_occ_atoms.occupancy_flag 
_pdbx_unobs_or_zero_occ_atoms.auth_asym_id 
_pdbx_unobs_or_zero_occ_atoms.auth_comp_id 
_pdbx_unobs_or_zero_occ_atoms.auth_seq_id 
_pdbx_unobs_or_zero_occ_atoms.PDB_ins_code 
_pdbx_unobs_or_zero_occ_atoms.auth_atom_id 
_pdbx_unobs_or_zero_occ_atoms.label_alt_id 
_pdbx_unobs_or_zero_occ_atoms.label_asym_id 
_pdbx_unobs_or_zero_occ_atoms.label_comp_id 
_pdbx_unobs_or_zero_occ_atoms.label_seq_id 
_pdbx_unobs_or_zero_occ_atoms.label_atom_id 
1  1 Y 1 A ARG 53  ? CG  ? A ARG 30  CG  
2  1 Y 1 A ARG 53  ? CD  ? A ARG 30  CD  
3  1 Y 1 A ARG 53  ? NE  ? A ARG 30  NE  
4  1 Y 1 A ARG 53  ? CZ  ? A ARG 30  CZ  
5  1 Y 1 A ARG 53  ? NH1 ? A ARG 30  NH1 
6  1 Y 1 A ARG 53  ? NH2 ? A ARG 30  NH2 
7  1 Y 1 A TYR 56  ? CG  ? A TYR 33  CG  
8  1 Y 1 A TYR 56  ? CD1 ? A TYR 33  CD1 
9  1 Y 1 A TYR 56  ? CD2 ? A TYR 33  CD2 
10 1 Y 1 A TYR 56  ? CE1 ? A TYR 33  CE1 
11 1 Y 1 A TYR 56  ? CE2 ? A TYR 33  CE2 
12 1 Y 1 A TYR 56  ? CZ  ? A TYR 33  CZ  
13 1 Y 1 A TYR 56  ? OH  ? A TYR 33  OH  
14 1 Y 1 A ARG 129 ? CG  ? A ARG 106 CG  
15 1 Y 1 A ARG 129 ? CD  ? A ARG 106 CD  
16 1 Y 1 A ARG 129 ? NE  ? A ARG 106 NE  
17 1 Y 1 A ARG 129 ? CZ  ? A ARG 106 CZ  
18 1 Y 1 A ARG 129 ? NH1 ? A ARG 106 NH1 
19 1 Y 1 A ARG 129 ? NH2 ? A ARG 106 NH2 
# 
loop_
_software.name 
_software.classification 
_software.version 
_software.citation_id 
_software.pdbx_ordinal 
HKL-2000  'data collection' . ? 1 
BRUTE     'model building'  . ? 2 
CNS       refinement        . ? 3 
HKL-2000  'data reduction'  . ? 4 
SCALEPACK 'data scaling'    . ? 5 
BRUTE     phasing           . ? 6 
# 
_cell.entry_id           2ZG2 
_cell.length_a           93.146 
_cell.length_b           93.146 
_cell.length_c           205.805 
_cell.angle_alpha        90.00 
_cell.angle_beta         90.00 
_cell.angle_gamma        120.00 
_cell.Z_PDB              18 
_cell.pdbx_unique_axis   ? 
_cell.length_a_esd       ? 
_cell.length_b_esd       ? 
_cell.length_c_esd       ? 
_cell.angle_alpha_esd    ? 
_cell.angle_beta_esd     ? 
_cell.angle_gamma_esd    ? 
# 
_symmetry.entry_id                         2ZG2 
_symmetry.space_group_name_H-M             'H 3 2' 
_symmetry.pdbx_full_space_group_name_H-M   ? 
_symmetry.cell_setting                     ? 
_symmetry.Int_Tables_number                155 
_symmetry.space_group_name_Hall            ? 
# 
_exptl.entry_id          2ZG2 
_exptl.method            'X-RAY DIFFRACTION' 
_exptl.crystals_number   1 
# 
_exptl_crystal.id                    1 
_exptl_crystal.density_meas          ? 
_exptl_crystal.density_Matthews      3.50 
_exptl_crystal.density_percent_sol   64.88 
_exptl_crystal.description           ? 
_exptl_crystal.F_000                 ? 
_exptl_crystal.preparation           ? 
# 
_exptl_crystal_grow.crystal_id      1 
_exptl_crystal_grow.method          'VAPOR DIFFUSION, HANGING DROP' 
_exptl_crystal_grow.temp            277 
_exptl_crystal_grow.temp_details    ? 
_exptl_crystal_grow.pH              8.0 
_exptl_crystal_grow.pdbx_details    '20% MPEG 550, 0.1M TRIS, pH 8.0, VAPOR DIFFUSION, HANGING DROP, temperature 277K' 
_exptl_crystal_grow.pdbx_pH_range   . 
# 
_diffrn.id                     1 
_diffrn.ambient_temp           100 
_diffrn.ambient_temp_details   ? 
_diffrn.crystal_id             1 
# 
_diffrn_detector.diffrn_id              1 
_diffrn_detector.detector               CCD 
_diffrn_detector.type                   'MARMOSAIC 300 mm CCD' 
_diffrn_detector.pdbx_collection_date   2006-03-09 
_diffrn_detector.details                ? 
# 
_diffrn_radiation.diffrn_id                        1 
_diffrn_radiation.wavelength_id                    1 
_diffrn_radiation.pdbx_monochromatic_or_laue_m_l   M 
_diffrn_radiation.monochromator                    GRAPHITE 
_diffrn_radiation.pdbx_diffrn_protocol             'SINGLE WAVELENGTH' 
_diffrn_radiation.pdbx_scattering_type             x-ray 
# 
_diffrn_radiation_wavelength.id           1 
_diffrn_radiation_wavelength.wavelength   1.0000 
_diffrn_radiation_wavelength.wt           1.0 
# 
_diffrn_source.diffrn_id                   1 
_diffrn_source.source                      SYNCHROTRON 
_diffrn_source.type                        'APS BEAMLINE 22-ID' 
_diffrn_source.pdbx_synchrotron_site       APS 
_diffrn_source.pdbx_synchrotron_beamline   22-ID 
_diffrn_source.pdbx_wavelength             ? 
_diffrn_source.pdbx_wavelength_list        1.0000 
# 
_reflns.entry_id                     2ZG2 
_reflns.observed_criterion_sigma_F   ? 
_reflns.observed_criterion_sigma_I   -3.0 
_reflns.d_resolution_high            2.75 
_reflns.d_resolution_low             50 
_reflns.number_all                   ? 
_reflns.number_obs                   9235 
_reflns.percent_possible_obs         ? 
_reflns.pdbx_Rmerge_I_obs            ? 
_reflns.pdbx_Rsym_value              0.067 
_reflns.pdbx_netI_over_sigmaI        23.0 
_reflns.B_iso_Wilson_estimate        ? 
_reflns.pdbx_redundancy              6.9 
_reflns.R_free_details               ? 
_reflns.limit_h_max                  ? 
_reflns.limit_h_min                  ? 
_reflns.limit_k_max                  ? 
_reflns.limit_k_min                  ? 
_reflns.limit_l_max                  ? 
_reflns.limit_l_min                  ? 
_reflns.observed_criterion_F_max     ? 
_reflns.observed_criterion_F_min     ? 
_reflns.pdbx_chi_squared             ? 
_reflns.pdbx_scaling_rejects         ? 
_reflns.pdbx_diffrn_id               1 
_reflns.pdbx_ordinal                 1 
# 
_reflns_shell.d_res_high             2.75 
_reflns_shell.d_res_low              ? 
_reflns_shell.percent_possible_all   ? 
_reflns_shell.Rmerge_I_obs           ? 
_reflns_shell.pdbx_Rsym_value        0.47 
_reflns_shell.meanI_over_sigI_obs    ? 
_reflns_shell.pdbx_redundancy        ? 
_reflns_shell.percent_possible_obs   ? 
_reflns_shell.number_unique_all      ? 
_reflns_shell.number_measured_all    ? 
_reflns_shell.number_measured_obs    ? 
_reflns_shell.number_unique_obs      ? 
_reflns_shell.pdbx_chi_squared       ? 
_reflns_shell.pdbx_diffrn_id         ? 
_reflns_shell.pdbx_ordinal           1 
# 
_refine.entry_id                                 2ZG2 
_refine.ls_d_res_high                            2.85 
_refine.ls_d_res_low                             30 
_refine.pdbx_ls_sigma_F                          0 
_refine.pdbx_ls_sigma_I                          ? 
_refine.ls_number_reflns_all                     8324 
_refine.ls_number_reflns_obs                     7951 
_refine.ls_number_reflns_R_free                  421 
_refine.ls_percent_reflns_obs                    95.5 
_refine.ls_R_factor_all                          ? 
_refine.ls_R_factor_obs                          ? 
_refine.ls_R_factor_R_work                       0.248 
_refine.ls_R_factor_R_free                       0.291 
_refine.ls_redundancy_reflns_obs                 ? 
_refine.pdbx_data_cutoff_high_absF               ? 
_refine.pdbx_data_cutoff_low_absF                ? 
_refine.ls_number_parameters                     ? 
_refine.ls_number_restraints                     ? 
_refine.ls_percent_reflns_R_free                 ? 
_refine.ls_R_factor_R_free_error                 ? 
_refine.ls_R_factor_R_free_error_details         ? 
_refine.pdbx_method_to_determine_struct          'Molecular Replacement and SAD' 
_refine.pdbx_starting_model                      'PDB ENTRY 1O7S and 1VCA' 
_refine.pdbx_ls_cross_valid_method               THROUGHOUT 
_refine.pdbx_R_Free_selection_details            RANDOM 
_refine.pdbx_stereochem_target_val_spec_case     ? 
_refine.pdbx_stereochemistry_target_values       'Engh & Huber' 
_refine.solvent_model_details                    ? 
_refine.solvent_model_param_bsol                 ? 
_refine.solvent_model_param_ksol                 ? 
_refine.occupancy_max                            ? 
_refine.occupancy_min                            ? 
_refine.pdbx_isotropic_thermal_model             Isotropic 
_refine.B_iso_mean                               88 
_refine.aniso_B[1][1]                            ? 
_refine.aniso_B[1][2]                            ? 
_refine.aniso_B[1][3]                            ? 
_refine.aniso_B[2][2]                            ? 
_refine.aniso_B[2][3]                            ? 
_refine.aniso_B[3][3]                            ? 
_refine.details                                  ? 
_refine.B_iso_min                                ? 
_refine.B_iso_max                                ? 
_refine.correlation_coeff_Fo_to_Fc               ? 
_refine.correlation_coeff_Fo_to_Fc_free          ? 
_refine.pdbx_solvent_vdw_probe_radii             ? 
_refine.pdbx_solvent_ion_probe_radii             ? 
_refine.pdbx_solvent_shrinkage_radii             ? 
_refine.overall_SU_R_Cruickshank_DPI             ? 
_refine.overall_SU_R_free                        ? 
_refine.overall_SU_ML                            ? 
_refine.overall_SU_B                             ? 
_refine.pdbx_overall_ESU_R_Free                  ? 
_refine.pdbx_data_cutoff_high_rms_absF           ? 
_refine.pdbx_overall_ESU_R                       ? 
_refine.ls_wR_factor_R_free                      ? 
_refine.ls_wR_factor_R_work                      ? 
_refine.overall_FOM_free_R_set                   ? 
_refine.overall_FOM_work_R_set                   ? 
_refine.pdbx_overall_phase_error                 ? 
_refine.pdbx_refine_id                           'X-RAY DIFFRACTION' 
_refine.pdbx_diffrn_id                           1 
_refine.pdbx_TLS_residual_ADP_flag               ? 
_refine.pdbx_overall_SU_R_free_Cruickshank_DPI   ? 
_refine.pdbx_overall_SU_R_Blow_DPI               ? 
_refine.pdbx_overall_SU_R_free_Blow_DPI          ? 
# 
_refine_hist.pdbx_refine_id                   'X-RAY DIFFRACTION' 
_refine_hist.cycle_id                         LAST 
_refine_hist.pdbx_number_atoms_protein        1697 
_refine_hist.pdbx_number_atoms_nucleic_acid   0 
_refine_hist.pdbx_number_atoms_ligand         0 
_refine_hist.number_atoms_solvent             31 
_refine_hist.number_atoms_total               1728 
_refine_hist.d_res_high                       2.85 
_refine_hist.d_res_low                        30 
# 
loop_
_refine_ls_restr.type 
_refine_ls_restr.dev_ideal 
_refine_ls_restr.dev_ideal_target 
_refine_ls_restr.weight 
_refine_ls_restr.number 
_refine_ls_restr.pdbx_refine_id 
_refine_ls_restr.pdbx_restraint_function 
c_bond_d                0.008 ?   ? ? 'X-RAY DIFFRACTION' ? 
c_bond_d_na             ?     ?   ? ? 'X-RAY DIFFRACTION' ? 
c_bond_d_prot           ?     ?   ? ? 'X-RAY DIFFRACTION' ? 
c_angle_d               ?     ?   ? ? 'X-RAY DIFFRACTION' ? 
c_angle_d_na            ?     ?   ? ? 'X-RAY DIFFRACTION' ? 
c_angle_d_prot          ?     ?   ? ? 'X-RAY DIFFRACTION' ? 
c_angle_deg             1.46  ?   ? ? 'X-RAY DIFFRACTION' ? 
c_angle_deg_na          ?     ?   ? ? 'X-RAY DIFFRACTION' ? 
c_angle_deg_prot        ?     ?   ? ? 'X-RAY DIFFRACTION' ? 
c_dihedral_angle_d      ?     ?   ? ? 'X-RAY DIFFRACTION' ? 
c_dihedral_angle_d_na   ?     ?   ? ? 'X-RAY DIFFRACTION' ? 
c_dihedral_angle_d_prot ?     ?   ? ? 'X-RAY DIFFRACTION' ? 
c_improper_angle_d      ?     ?   ? ? 'X-RAY DIFFRACTION' ? 
c_improper_angle_d_na   ?     ?   ? ? 'X-RAY DIFFRACTION' ? 
c_improper_angle_d_prot ?     ?   ? ? 'X-RAY DIFFRACTION' ? 
c_mcbond_it             1.476 1.5 ? ? 'X-RAY DIFFRACTION' ? 
c_mcangle_it            2.609 2.0 ? ? 'X-RAY DIFFRACTION' ? 
c_scbond_it             1.795 2.0 ? ? 'X-RAY DIFFRACTION' ? 
c_scangle_it            2.807 2.5 ? ? 'X-RAY DIFFRACTION' ? 
# 
_refine_ls_shell.pdbx_total_number_of_bins_used   ? 
_refine_ls_shell.d_res_high                       2.85 
_refine_ls_shell.d_res_low                        2.98 
_refine_ls_shell.number_reflns_R_work             ? 
_refine_ls_shell.R_factor_R_work                  0.358 
_refine_ls_shell.percent_reflns_obs               ? 
_refine_ls_shell.R_factor_R_free                  0.342 
_refine_ls_shell.R_factor_R_free_error            ? 
_refine_ls_shell.percent_reflns_R_free            ? 
_refine_ls_shell.number_reflns_R_free             30 
_refine_ls_shell.number_reflns_all                ? 
_refine_ls_shell.R_factor_all                     ? 
_refine_ls_shell.number_reflns_obs                ? 
_refine_ls_shell.redundancy_reflns_obs            ? 
_refine_ls_shell.pdbx_refine_id                   'X-RAY DIFFRACTION' 
# 
loop_
_pdbx_xplor_file.serial_no 
_pdbx_xplor_file.param_file 
_pdbx_xplor_file.topol_file 
_pdbx_xplor_file.pdbx_refine_id 
1 protein_rep.param  protein.top      'X-RAY DIFFRACTION' 
2 dna-rna_rep.param  dna-rna.top      'X-RAY DIFFRACTION' 
3 water_rep.param    water.top        'X-RAY DIFFRACTION' 
4 ion.param          ion.top          'X-RAY DIFFRACTION' 
5 carbohydrate.param carbohydrate.top 'X-RAY DIFFRACTION' 
# 
_struct.entry_id                  2ZG2 
_struct.title                     'Crystal Structure of Two N-terminal Domains of Native Siglec-5' 
_struct.pdbx_model_details        ? 
_struct.pdbx_CASP_flag            ? 
_struct.pdbx_model_type_details   ? 
# 
_struct_keywords.entry_id        2ZG2 
_struct_keywords.pdbx_keywords   'IMMUNE SYSTEM/CARBOHYDRATE BINDING PROTEIN' 
_struct_keywords.text            
;Siglec-5 inhibitory receptor, two-domain structure, V-set, C2-set, Ig-like domain, sialic acid, Cell adhesion, Glycoprotein, Immunoglobulin domain, Lectin, Membrane, Polymorphism, Transmembrane, IMMUNE SYSTEM-CARBOHYDRATE BINDING PROTEIN COMPLEX
;
# 
loop_
_struct_asym.id 
_struct_asym.pdbx_blank_PDB_chainid_flag 
_struct_asym.pdbx_modified 
_struct_asym.entity_id 
_struct_asym.details 
A N N 1 ? 
B N N 2 ? 
# 
_struct_ref.id                         1 
_struct_ref.db_name                    UNP 
_struct_ref.db_code                    SIGL5_HUMAN 
_struct_ref.pdbx_db_accession          O15389 
_struct_ref.entity_id                  1 
_struct_ref.pdbx_seq_one_letter_code   
;VYELQVQKSVTVQEGLCVLVPCSFSYPWRSWYSSPPLYVYWFRDGEIPYYAEVVATNNPDRRVKPETQGRFRLLGDVQKK
NCSLSIGDARMEDTGSYFFRVERGRDVKYSYQQNKLNLEVTALIEKPDIHFLEPLESGRPTRLSCSLPGSCEAGPPLTFS
WTGNALSPLDPETTRSSELTLTPRPEDHGTNLTCQMKRQGAQVTTERTVQLNVS
;
_struct_ref.pdbx_align_begin           20 
_struct_ref.pdbx_db_isoform            ? 
# 
_struct_ref_seq.align_id                      1 
_struct_ref_seq.ref_id                        1 
_struct_ref_seq.pdbx_PDB_id_code              2ZG2 
_struct_ref_seq.pdbx_strand_id                A 
_struct_ref_seq.seq_align_beg                 2 
_struct_ref_seq.pdbx_seq_align_beg_ins_code   ? 
_struct_ref_seq.seq_align_end                 215 
_struct_ref_seq.pdbx_seq_align_end_ins_code   ? 
_struct_ref_seq.pdbx_db_accession             O15389 
_struct_ref_seq.db_align_beg                  20 
_struct_ref_seq.pdbx_db_align_beg_ins_code    ? 
_struct_ref_seq.db_align_end                  233 
_struct_ref_seq.pdbx_db_align_end_ins_code    ? 
_struct_ref_seq.pdbx_auth_seq_align_beg       25 
_struct_ref_seq.pdbx_auth_seq_align_end       238 
# 
loop_
_struct_ref_seq_dif.align_id 
_struct_ref_seq_dif.pdbx_pdb_id_code 
_struct_ref_seq_dif.mon_id 
_struct_ref_seq_dif.pdbx_pdb_strand_id 
_struct_ref_seq_dif.seq_num 
_struct_ref_seq_dif.pdbx_pdb_ins_code 
_struct_ref_seq_dif.pdbx_seq_db_name 
_struct_ref_seq_dif.pdbx_seq_db_accession_code 
_struct_ref_seq_dif.db_mon_id 
_struct_ref_seq_dif.pdbx_seq_db_seq_num 
_struct_ref_seq_dif.details 
_struct_ref_seq_dif.pdbx_auth_seq_num 
_struct_ref_seq_dif.pdbx_ordinal 
1 2ZG2 SER A 1   ? UNP O15389 ? ? 'expression tag' 24  1 
1 2ZG2 LEU A 216 ? UNP O15389 ? ? 'expression tag' 239 2 
# 
_pdbx_struct_assembly.id                   1 
_pdbx_struct_assembly.details              author_and_software_defined_assembly 
_pdbx_struct_assembly.method_details       PISA 
_pdbx_struct_assembly.oligomeric_details   monomeric 
_pdbx_struct_assembly.oligomeric_count     1 
# 
_pdbx_struct_assembly_gen.assembly_id       1 
_pdbx_struct_assembly_gen.oper_expression   1 
_pdbx_struct_assembly_gen.asym_id_list      A,B 
# 
_pdbx_struct_oper_list.id                   1 
_pdbx_struct_oper_list.type                 'identity operation' 
_pdbx_struct_oper_list.name                 1_555 
_pdbx_struct_oper_list.symmetry_operation   x,y,z 
_pdbx_struct_oper_list.matrix[1][1]         1.0000000000 
_pdbx_struct_oper_list.matrix[1][2]         0.0000000000 
_pdbx_struct_oper_list.matrix[1][3]         0.0000000000 
_pdbx_struct_oper_list.vector[1]            0.0000000000 
_pdbx_struct_oper_list.matrix[2][1]         0.0000000000 
_pdbx_struct_oper_list.matrix[2][2]         1.0000000000 
_pdbx_struct_oper_list.matrix[2][3]         0.0000000000 
_pdbx_struct_oper_list.vector[2]            0.0000000000 
_pdbx_struct_oper_list.matrix[3][1]         0.0000000000 
_pdbx_struct_oper_list.matrix[3][2]         0.0000000000 
_pdbx_struct_oper_list.matrix[3][3]         1.0000000000 
_pdbx_struct_oper_list.vector[3]            0.0000000000 
# 
_struct_biol.id        1 
_struct_biol.details   ? 
# 
loop_
_struct_conf.conf_type_id 
_struct_conf.id 
_struct_conf.pdbx_PDB_helix_id 
_struct_conf.beg_label_comp_id 
_struct_conf.beg_label_asym_id 
_struct_conf.beg_label_seq_id 
_struct_conf.pdbx_beg_PDB_ins_code 
_struct_conf.end_label_comp_id 
_struct_conf.end_label_asym_id 
_struct_conf.end_label_seq_id 
_struct_conf.pdbx_end_PDB_ins_code 
_struct_conf.beg_auth_comp_id 
_struct_conf.beg_auth_asym_id 
_struct_conf.beg_auth_seq_id 
_struct_conf.end_auth_comp_id 
_struct_conf.end_auth_asym_id 
_struct_conf.end_auth_seq_id 
_struct_conf.pdbx_PDB_helix_class 
_struct_conf.details 
_struct_conf.pdbx_PDB_helix_length 
HELX_P HELX_P1 1 ILE A 48 ? ALA A 52 ? ILE A 71  ALA A 75  5 ? 5 
HELX_P HELX_P2 2 ARG A 91 ? THR A 95 ? ARG A 114 THR A 118 5 ? 5 
# 
_struct_conf_type.id          HELX_P 
_struct_conf_type.criteria    ? 
_struct_conf_type.reference   ? 
# 
loop_
_struct_conn.id 
_struct_conn.conn_type_id 
_struct_conn.pdbx_leaving_atom_flag 
_struct_conn.pdbx_PDB_id 
_struct_conn.ptnr1_label_asym_id 
_struct_conn.ptnr1_label_comp_id 
_struct_conn.ptnr1_label_seq_id 
_struct_conn.ptnr1_label_atom_id 
_struct_conn.pdbx_ptnr1_label_alt_id 
_struct_conn.pdbx_ptnr1_PDB_ins_code 
_struct_conn.pdbx_ptnr1_standard_comp_id 
_struct_conn.ptnr1_symmetry 
_struct_conn.ptnr2_label_asym_id 
_struct_conn.ptnr2_label_comp_id 
_struct_conn.ptnr2_label_seq_id 
_struct_conn.ptnr2_label_atom_id 
_struct_conn.pdbx_ptnr2_label_alt_id 
_struct_conn.pdbx_ptnr2_PDB_ins_code 
_struct_conn.ptnr1_auth_asym_id 
_struct_conn.ptnr1_auth_comp_id 
_struct_conn.ptnr1_auth_seq_id 
_struct_conn.ptnr2_auth_asym_id 
_struct_conn.ptnr2_auth_comp_id 
_struct_conn.ptnr2_auth_seq_id 
_struct_conn.ptnr2_symmetry 
_struct_conn.pdbx_ptnr3_label_atom_id 
_struct_conn.pdbx_ptnr3_label_seq_id 
_struct_conn.pdbx_ptnr3_label_comp_id 
_struct_conn.pdbx_ptnr3_label_asym_id 
_struct_conn.pdbx_ptnr3_label_alt_id 
_struct_conn.pdbx_ptnr3_PDB_ins_code 
_struct_conn.details 
_struct_conn.pdbx_dist_value 
_struct_conn.pdbx_value_order 
_struct_conn.pdbx_role 
disulf1 disulf ? ? A CYS 18  SG ? ? ? 1_555 A CYS 152 SG ? ? A CYS 41  A CYS 175 1_555 ? ? ? ? ? ? ? 2.041 ? ? 
disulf2 disulf ? ? A CYS 23  SG ? ? ? 1_555 A CYS 83  SG ? ? A CYS 46  A CYS 106 1_555 ? ? ? ? ? ? ? 2.028 ? ? 
disulf3 disulf ? ? A CYS 146 SG ? ? ? 1_555 A CYS 195 SG ? ? A CYS 169 A CYS 218 1_555 ? ? ? ? ? ? ? 2.036 ? ? 
# 
_struct_conn_type.id          disulf 
_struct_conn_type.criteria    ? 
_struct_conn_type.reference   ? 
# 
loop_
_pdbx_modification_feature.ordinal 
_pdbx_modification_feature.label_comp_id 
_pdbx_modification_feature.label_asym_id 
_pdbx_modification_feature.label_seq_id 
_pdbx_modification_feature.label_alt_id 
_pdbx_modification_feature.modified_residue_label_comp_id 
_pdbx_modification_feature.modified_residue_label_asym_id 
_pdbx_modification_feature.modified_residue_label_seq_id 
_pdbx_modification_feature.modified_residue_label_alt_id 
_pdbx_modification_feature.auth_comp_id 
_pdbx_modification_feature.auth_asym_id 
_pdbx_modification_feature.auth_seq_id 
_pdbx_modification_feature.PDB_ins_code 
_pdbx_modification_feature.symmetry 
_pdbx_modification_feature.modified_residue_auth_comp_id 
_pdbx_modification_feature.modified_residue_auth_asym_id 
_pdbx_modification_feature.modified_residue_auth_seq_id 
_pdbx_modification_feature.modified_residue_PDB_ins_code 
_pdbx_modification_feature.modified_residue_symmetry 
_pdbx_modification_feature.comp_id_linking_atom 
_pdbx_modification_feature.modified_residue_id_linking_atom 
_pdbx_modification_feature.modified_residue_id 
_pdbx_modification_feature.ref_pcm_id 
_pdbx_modification_feature.ref_comp_id 
_pdbx_modification_feature.type 
_pdbx_modification_feature.category 
1 CYS A 18  ? CYS A 152 ? CYS A 41  ? 1_555 CYS A 175 ? 1_555 SG SG . . . None 'Disulfide bridge' 
2 CYS A 23  ? CYS A 83  ? CYS A 46  ? 1_555 CYS A 106 ? 1_555 SG SG . . . None 'Disulfide bridge' 
3 CYS A 146 ? CYS A 195 ? CYS A 169 ? 1_555 CYS A 218 ? 1_555 SG SG . . . None 'Disulfide bridge' 
# 
loop_
_struct_sheet.id 
_struct_sheet.type 
_struct_sheet.number_strands 
_struct_sheet.details 
A ? 2 ? 
B ? 5 ? 
C ? 4 ? 
D ? 2 ? 
E ? 3 ? 
F ? 3 ? 
# 
loop_
_struct_sheet_order.sheet_id 
_struct_sheet_order.range_id_1 
_struct_sheet_order.range_id_2 
_struct_sheet_order.offset 
_struct_sheet_order.sense 
A 1 2 ? anti-parallel 
B 1 2 ? parallel      
B 2 3 ? anti-parallel 
B 3 4 ? anti-parallel 
B 4 5 ? anti-parallel 
C 1 2 ? parallel      
C 2 3 ? anti-parallel 
C 3 4 ? anti-parallel 
D 1 2 ? anti-parallel 
E 1 2 ? anti-parallel 
E 2 3 ? anti-parallel 
F 1 2 ? anti-parallel 
F 2 3 ? anti-parallel 
# 
loop_
_struct_sheet_range.sheet_id 
_struct_sheet_range.id 
_struct_sheet_range.beg_label_comp_id 
_struct_sheet_range.beg_label_asym_id 
_struct_sheet_range.beg_label_seq_id 
_struct_sheet_range.pdbx_beg_PDB_ins_code 
_struct_sheet_range.end_label_comp_id 
_struct_sheet_range.end_label_asym_id 
_struct_sheet_range.end_label_seq_id 
_struct_sheet_range.pdbx_end_PDB_ins_code 
_struct_sheet_range.beg_auth_comp_id 
_struct_sheet_range.beg_auth_asym_id 
_struct_sheet_range.beg_auth_seq_id 
_struct_sheet_range.end_auth_comp_id 
_struct_sheet_range.end_auth_asym_id 
_struct_sheet_range.end_auth_seq_id 
A 1 GLU A 4   ? GLN A 6   ? GLU A 27  GLN A 29  
A 2 SER A 24  ? SER A 26  ? SER A 47  SER A 49  
B 1 VAL A 11  ? GLN A 14  ? VAL A 34  GLN A 37  
B 2 LEU A 117 ? THR A 122 ? LEU A 140 THR A 145 
B 3 GLY A 96  ? ARG A 104 ? GLY A 119 ARG A 127 
B 4 LEU A 38  ? ARG A 44  ? LEU A 61  ARG A 67  
B 5 ALA A 56  ? THR A 57  ? ALA A 79  THR A 80  
C 1 VAL A 11  ? GLN A 14  ? VAL A 34  GLN A 37  
C 2 LEU A 117 ? THR A 122 ? LEU A 140 THR A 145 
C 3 GLY A 96  ? ARG A 104 ? GLY A 119 ARG A 127 
C 4 VAL A 108 ? SER A 111 ? VAL A 131 SER A 134 
D 1 PHE A 72  ? LEU A 74  ? PHE A 95  LEU A 97  
D 2 LEU A 85  ? ILE A 87  ? LEU A 108 ILE A 110 
E 1 ASP A 129 ? HIS A 131 ? ASP A 152 HIS A 154 
E 2 THR A 142 ? SER A 147 ? THR A 165 SER A 170 
E 3 GLU A 179 ? LEU A 182 ? GLU A 202 LEU A 205 
F 1 THR A 159 ? THR A 163 ? THR A 182 THR A 186 
F 2 ASN A 192 ? LYS A 198 ? ASN A 215 LYS A 221 
F 3 GLU A 207 ? GLN A 211 ? GLU A 230 GLN A 234 
# 
loop_
_pdbx_struct_sheet_hbond.sheet_id 
_pdbx_struct_sheet_hbond.range_id_1 
_pdbx_struct_sheet_hbond.range_id_2 
_pdbx_struct_sheet_hbond.range_1_label_atom_id 
_pdbx_struct_sheet_hbond.range_1_label_comp_id 
_pdbx_struct_sheet_hbond.range_1_label_asym_id 
_pdbx_struct_sheet_hbond.range_1_label_seq_id 
_pdbx_struct_sheet_hbond.range_1_PDB_ins_code 
_pdbx_struct_sheet_hbond.range_1_auth_atom_id 
_pdbx_struct_sheet_hbond.range_1_auth_comp_id 
_pdbx_struct_sheet_hbond.range_1_auth_asym_id 
_pdbx_struct_sheet_hbond.range_1_auth_seq_id 
_pdbx_struct_sheet_hbond.range_2_label_atom_id 
_pdbx_struct_sheet_hbond.range_2_label_comp_id 
_pdbx_struct_sheet_hbond.range_2_label_asym_id 
_pdbx_struct_sheet_hbond.range_2_label_seq_id 
_pdbx_struct_sheet_hbond.range_2_PDB_ins_code 
_pdbx_struct_sheet_hbond.range_2_auth_atom_id 
_pdbx_struct_sheet_hbond.range_2_auth_comp_id 
_pdbx_struct_sheet_hbond.range_2_auth_asym_id 
_pdbx_struct_sheet_hbond.range_2_auth_seq_id 
A 1 2 N GLN A 6   ? N GLN A 29  O SER A 24  ? O SER A 47  
B 1 2 N VAL A 11  ? N VAL A 34  O ASN A 118 ? O ASN A 141 
B 2 3 O LEU A 119 ? O LEU A 142 N GLY A 96  ? N GLY A 119 
B 3 4 O PHE A 99  ? O PHE A 122 N PHE A 43  ? N PHE A 66  
B 4 5 N TRP A 42  ? N TRP A 65  O ALA A 56  ? O ALA A 79  
C 1 2 N VAL A 11  ? N VAL A 34  O ASN A 118 ? O ASN A 141 
C 2 3 O LEU A 119 ? O LEU A 142 N GLY A 96  ? N GLY A 119 
C 3 4 N ARG A 104 ? N ARG A 127 O VAL A 108 ? O VAL A 131 
D 1 2 N ARG A 73  ? N ARG A 96  O SER A 86  ? O SER A 109 
E 1 2 N HIS A 131 ? N HIS A 154 O SER A 145 ? O SER A 168 
E 2 3 N LEU A 144 ? N LEU A 167 O LEU A 180 ? O LEU A 203 
F 1 2 N THR A 159 ? N THR A 182 O LYS A 198 ? O LYS A 221 
F 2 3 N LEU A 193 ? N LEU A 216 O VAL A 210 ? O VAL A 233 
# 
_pdbx_entry_details.entry_id                   2ZG2 
_pdbx_entry_details.compound_details           ? 
_pdbx_entry_details.source_details             ? 
_pdbx_entry_details.nonpolymer_details         ? 
_pdbx_entry_details.sequence_details           ? 
_pdbx_entry_details.has_ligand_of_interest     ? 
_pdbx_entry_details.has_protein_modification   Y 
# 
loop_
_pdbx_validate_torsion.id 
_pdbx_validate_torsion.PDB_model_num 
_pdbx_validate_torsion.auth_comp_id 
_pdbx_validate_torsion.auth_asym_id 
_pdbx_validate_torsion.auth_seq_id 
_pdbx_validate_torsion.PDB_ins_code 
_pdbx_validate_torsion.label_alt_id 
_pdbx_validate_torsion.phi 
_pdbx_validate_torsion.psi 
1  1 VAL A 30  ? ? 179.05  133.81  
2  1 LEU A 40  ? ? -103.12 -167.22 
3  1 TRP A 52  ? ? -99.66  -110.73 
4  1 ARG A 53  ? ? 141.83  49.79   
5  1 TRP A 55  ? ? 144.14  161.10  
6  1 TYR A 56  ? ? -6.58   -54.30  
7  1 TYR A 73  ? ? -38.04  -37.02  
8  1 LYS A 104 ? ? 49.04   22.46   
9  1 ALA A 113 ? ? -32.32  141.66  
10 1 ASN A 138 ? ? -104.37 48.66   
11 1 PRO A 151 ? ? -53.72  -170.09 
12 1 LEU A 156 ? ? -47.00  -17.81  
13 1 GLU A 157 ? ? 88.02   25.87   
14 1 PRO A 180 ? ? -38.48  145.09  
15 1 SER A 184 ? ? -161.42 113.43  
16 1 SER A 191 ? ? -35.24  -37.59  
17 1 LEU A 193 ? ? -100.20 -168.86 
18 1 PRO A 195 ? ? -55.79  -7.88   
19 1 THR A 197 ? ? -84.12  30.88   
20 1 ARG A 222 ? ? -105.44 51.74   
# 
loop_
_pdbx_struct_special_symmetry.id 
_pdbx_struct_special_symmetry.PDB_model_num 
_pdbx_struct_special_symmetry.auth_asym_id 
_pdbx_struct_special_symmetry.auth_comp_id 
_pdbx_struct_special_symmetry.auth_seq_id 
_pdbx_struct_special_symmetry.PDB_ins_code 
_pdbx_struct_special_symmetry.label_asym_id 
_pdbx_struct_special_symmetry.label_comp_id 
_pdbx_struct_special_symmetry.label_seq_id 
1 1 A HOH 269 ? B HOH . 
2 1 A HOH 270 ? B HOH . 
# 
loop_
_pdbx_unobs_or_zero_occ_residues.id 
_pdbx_unobs_or_zero_occ_residues.PDB_model_num 
_pdbx_unobs_or_zero_occ_residues.polymer_flag 
_pdbx_unobs_or_zero_occ_residues.occupancy_flag 
_pdbx_unobs_or_zero_occ_residues.auth_asym_id 
_pdbx_unobs_or_zero_occ_residues.auth_comp_id 
_pdbx_unobs_or_zero_occ_residues.auth_seq_id 
_pdbx_unobs_or_zero_occ_residues.PDB_ins_code 
_pdbx_unobs_or_zero_occ_residues.label_asym_id 
_pdbx_unobs_or_zero_occ_residues.label_comp_id 
_pdbx_unobs_or_zero_occ_residues.label_seq_id 
1 1 Y 1 A GLY 224 ? A GLY 201 
2 1 Y 1 A ALA 225 ? A ALA 202 
# 
loop_
_chem_comp_atom.comp_id 
_chem_comp_atom.atom_id 
_chem_comp_atom.type_symbol 
_chem_comp_atom.pdbx_aromatic_flag 
_chem_comp_atom.pdbx_stereo_config 
_chem_comp_atom.pdbx_ordinal 
ALA N    N N N 1   
ALA CA   C N S 2   
ALA C    C N N 3   
ALA O    O N N 4   
ALA CB   C N N 5   
ALA OXT  O N N 6   
ALA H    H N N 7   
ALA H2   H N N 8   
ALA HA   H N N 9   
ALA HB1  H N N 10  
ALA HB2  H N N 11  
ALA HB3  H N N 12  
ALA HXT  H N N 13  
ARG N    N N N 14  
ARG CA   C N S 15  
ARG C    C N N 16  
ARG O    O N N 17  
ARG CB   C N N 18  
ARG CG   C N N 19  
ARG CD   C N N 20  
ARG NE   N N N 21  
ARG CZ   C N N 22  
ARG NH1  N N N 23  
ARG NH2  N N N 24  
ARG OXT  O N N 25  
ARG H    H N N 26  
ARG H2   H N N 27  
ARG HA   H N N 28  
ARG HB2  H N N 29  
ARG HB3  H N N 30  
ARG HG2  H N N 31  
ARG HG3  H N N 32  
ARG HD2  H N N 33  
ARG HD3  H N N 34  
ARG HE   H N N 35  
ARG HH11 H N N 36  
ARG HH12 H N N 37  
ARG HH21 H N N 38  
ARG HH22 H N N 39  
ARG HXT  H N N 40  
ASN N    N N N 41  
ASN CA   C N S 42  
ASN C    C N N 43  
ASN O    O N N 44  
ASN CB   C N N 45  
ASN CG   C N N 46  
ASN OD1  O N N 47  
ASN ND2  N N N 48  
ASN OXT  O N N 49  
ASN H    H N N 50  
ASN H2   H N N 51  
ASN HA   H N N 52  
ASN HB2  H N N 53  
ASN HB3  H N N 54  
ASN HD21 H N N 55  
ASN HD22 H N N 56  
ASN HXT  H N N 57  
ASP N    N N N 58  
ASP CA   C N S 59  
ASP C    C N N 60  
ASP O    O N N 61  
ASP CB   C N N 62  
ASP CG   C N N 63  
ASP OD1  O N N 64  
ASP OD2  O N N 65  
ASP OXT  O N N 66  
ASP H    H N N 67  
ASP H2   H N N 68  
ASP HA   H N N 69  
ASP HB2  H N N 70  
ASP HB3  H N N 71  
ASP HD2  H N N 72  
ASP HXT  H N N 73  
CYS N    N N N 74  
CYS CA   C N R 75  
CYS C    C N N 76  
CYS O    O N N 77  
CYS CB   C N N 78  
CYS SG   S N N 79  
CYS OXT  O N N 80  
CYS H    H N N 81  
CYS H2   H N N 82  
CYS HA   H N N 83  
CYS HB2  H N N 84  
CYS HB3  H N N 85  
CYS HG   H N N 86  
CYS HXT  H N N 87  
GLN N    N N N 88  
GLN CA   C N S 89  
GLN C    C N N 90  
GLN O    O N N 91  
GLN CB   C N N 92  
GLN CG   C N N 93  
GLN CD   C N N 94  
GLN OE1  O N N 95  
GLN NE2  N N N 96  
GLN OXT  O N N 97  
GLN H    H N N 98  
GLN H2   H N N 99  
GLN HA   H N N 100 
GLN HB2  H N N 101 
GLN HB3  H N N 102 
GLN HG2  H N N 103 
GLN HG3  H N N 104 
GLN HE21 H N N 105 
GLN HE22 H N N 106 
GLN HXT  H N N 107 
GLU N    N N N 108 
GLU CA   C N S 109 
GLU C    C N N 110 
GLU O    O N N 111 
GLU CB   C N N 112 
GLU CG   C N N 113 
GLU CD   C N N 114 
GLU OE1  O N N 115 
GLU OE2  O N N 116 
GLU OXT  O N N 117 
GLU H    H N N 118 
GLU H2   H N N 119 
GLU HA   H N N 120 
GLU HB2  H N N 121 
GLU HB3  H N N 122 
GLU HG2  H N N 123 
GLU HG3  H N N 124 
GLU HE2  H N N 125 
GLU HXT  H N N 126 
GLY N    N N N 127 
GLY CA   C N N 128 
GLY C    C N N 129 
GLY O    O N N 130 
GLY OXT  O N N 131 
GLY H    H N N 132 
GLY H2   H N N 133 
GLY HA2  H N N 134 
GLY HA3  H N N 135 
GLY HXT  H N N 136 
HIS N    N N N 137 
HIS CA   C N S 138 
HIS C    C N N 139 
HIS O    O N N 140 
HIS CB   C N N 141 
HIS CG   C Y N 142 
HIS ND1  N Y N 143 
HIS CD2  C Y N 144 
HIS CE1  C Y N 145 
HIS NE2  N Y N 146 
HIS OXT  O N N 147 
HIS H    H N N 148 
HIS H2   H N N 149 
HIS HA   H N N 150 
HIS HB2  H N N 151 
HIS HB3  H N N 152 
HIS HD1  H N N 153 
HIS HD2  H N N 154 
HIS HE1  H N N 155 
HIS HE2  H N N 156 
HIS HXT  H N N 157 
HOH O    O N N 158 
HOH H1   H N N 159 
HOH H2   H N N 160 
ILE N    N N N 161 
ILE CA   C N S 162 
ILE C    C N N 163 
ILE O    O N N 164 
ILE CB   C N S 165 
ILE CG1  C N N 166 
ILE CG2  C N N 167 
ILE CD1  C N N 168 
ILE OXT  O N N 169 
ILE H    H N N 170 
ILE H2   H N N 171 
ILE HA   H N N 172 
ILE HB   H N N 173 
ILE HG12 H N N 174 
ILE HG13 H N N 175 
ILE HG21 H N N 176 
ILE HG22 H N N 177 
ILE HG23 H N N 178 
ILE HD11 H N N 179 
ILE HD12 H N N 180 
ILE HD13 H N N 181 
ILE HXT  H N N 182 
LEU N    N N N 183 
LEU CA   C N S 184 
LEU C    C N N 185 
LEU O    O N N 186 
LEU CB   C N N 187 
LEU CG   C N N 188 
LEU CD1  C N N 189 
LEU CD2  C N N 190 
LEU OXT  O N N 191 
LEU H    H N N 192 
LEU H2   H N N 193 
LEU HA   H N N 194 
LEU HB2  H N N 195 
LEU HB3  H N N 196 
LEU HG   H N N 197 
LEU HD11 H N N 198 
LEU HD12 H N N 199 
LEU HD13 H N N 200 
LEU HD21 H N N 201 
LEU HD22 H N N 202 
LEU HD23 H N N 203 
LEU HXT  H N N 204 
LYS N    N N N 205 
LYS CA   C N S 206 
LYS C    C N N 207 
LYS O    O N N 208 
LYS CB   C N N 209 
LYS CG   C N N 210 
LYS CD   C N N 211 
LYS CE   C N N 212 
LYS NZ   N N N 213 
LYS OXT  O N N 214 
LYS H    H N N 215 
LYS H2   H N N 216 
LYS HA   H N N 217 
LYS HB2  H N N 218 
LYS HB3  H N N 219 
LYS HG2  H N N 220 
LYS HG3  H N N 221 
LYS HD2  H N N 222 
LYS HD3  H N N 223 
LYS HE2  H N N 224 
LYS HE3  H N N 225 
LYS HZ1  H N N 226 
LYS HZ2  H N N 227 
LYS HZ3  H N N 228 
LYS HXT  H N N 229 
MET N    N N N 230 
MET CA   C N S 231 
MET C    C N N 232 
MET O    O N N 233 
MET CB   C N N 234 
MET CG   C N N 235 
MET SD   S N N 236 
MET CE   C N N 237 
MET OXT  O N N 238 
MET H    H N N 239 
MET H2   H N N 240 
MET HA   H N N 241 
MET HB2  H N N 242 
MET HB3  H N N 243 
MET HG2  H N N 244 
MET HG3  H N N 245 
MET HE1  H N N 246 
MET HE2  H N N 247 
MET HE3  H N N 248 
MET HXT  H N N 249 
PHE N    N N N 250 
PHE CA   C N S 251 
PHE C    C N N 252 
PHE O    O N N 253 
PHE CB   C N N 254 
PHE CG   C Y N 255 
PHE CD1  C Y N 256 
PHE CD2  C Y N 257 
PHE CE1  C Y N 258 
PHE CE2  C Y N 259 
PHE CZ   C Y N 260 
PHE OXT  O N N 261 
PHE H    H N N 262 
PHE H2   H N N 263 
PHE HA   H N N 264 
PHE HB2  H N N 265 
PHE HB3  H N N 266 
PHE HD1  H N N 267 
PHE HD2  H N N 268 
PHE HE1  H N N 269 
PHE HE2  H N N 270 
PHE HZ   H N N 271 
PHE HXT  H N N 272 
PRO N    N N N 273 
PRO CA   C N S 274 
PRO C    C N N 275 
PRO O    O N N 276 
PRO CB   C N N 277 
PRO CG   C N N 278 
PRO CD   C N N 279 
PRO OXT  O N N 280 
PRO H    H N N 281 
PRO HA   H N N 282 
PRO HB2  H N N 283 
PRO HB3  H N N 284 
PRO HG2  H N N 285 
PRO HG3  H N N 286 
PRO HD2  H N N 287 
PRO HD3  H N N 288 
PRO HXT  H N N 289 
SER N    N N N 290 
SER CA   C N S 291 
SER C    C N N 292 
SER O    O N N 293 
SER CB   C N N 294 
SER OG   O N N 295 
SER OXT  O N N 296 
SER H    H N N 297 
SER H2   H N N 298 
SER HA   H N N 299 
SER HB2  H N N 300 
SER HB3  H N N 301 
SER HG   H N N 302 
SER HXT  H N N 303 
THR N    N N N 304 
THR CA   C N S 305 
THR C    C N N 306 
THR O    O N N 307 
THR CB   C N R 308 
THR OG1  O N N 309 
THR CG2  C N N 310 
THR OXT  O N N 311 
THR H    H N N 312 
THR H2   H N N 313 
THR HA   H N N 314 
THR HB   H N N 315 
THR HG1  H N N 316 
THR HG21 H N N 317 
THR HG22 H N N 318 
THR HG23 H N N 319 
THR HXT  H N N 320 
TRP N    N N N 321 
TRP CA   C N S 322 
TRP C    C N N 323 
TRP O    O N N 324 
TRP CB   C N N 325 
TRP CG   C Y N 326 
TRP CD1  C Y N 327 
TRP CD2  C Y N 328 
TRP NE1  N Y N 329 
TRP CE2  C Y N 330 
TRP CE3  C Y N 331 
TRP CZ2  C Y N 332 
TRP CZ3  C Y N 333 
TRP CH2  C Y N 334 
TRP OXT  O N N 335 
TRP H    H N N 336 
TRP H2   H N N 337 
TRP HA   H N N 338 
TRP HB2  H N N 339 
TRP HB3  H N N 340 
TRP HD1  H N N 341 
TRP HE1  H N N 342 
TRP HE3  H N N 343 
TRP HZ2  H N N 344 
TRP HZ3  H N N 345 
TRP HH2  H N N 346 
TRP HXT  H N N 347 
TYR N    N N N 348 
TYR CA   C N S 349 
TYR C    C N N 350 
TYR O    O N N 351 
TYR CB   C N N 352 
TYR CG   C Y N 353 
TYR CD1  C Y N 354 
TYR CD2  C Y N 355 
TYR CE1  C Y N 356 
TYR CE2  C Y N 357 
TYR CZ   C Y N 358 
TYR OH   O N N 359 
TYR OXT  O N N 360 
TYR H    H N N 361 
TYR H2   H N N 362 
TYR HA   H N N 363 
TYR HB2  H N N 364 
TYR HB3  H N N 365 
TYR HD1  H N N 366 
TYR HD2  H N N 367 
TYR HE1  H N N 368 
TYR HE2  H N N 369 
TYR HH   H N N 370 
TYR HXT  H N N 371 
VAL N    N N N 372 
VAL CA   C N S 373 
VAL C    C N N 374 
VAL O    O N N 375 
VAL CB   C N N 376 
VAL CG1  C N N 377 
VAL CG2  C N N 378 
VAL OXT  O N N 379 
VAL H    H N N 380 
VAL H2   H N N 381 
VAL HA   H N N 382 
VAL HB   H N N 383 
VAL HG11 H N N 384 
VAL HG12 H N N 385 
VAL HG13 H N N 386 
VAL HG21 H N N 387 
VAL HG22 H N N 388 
VAL HG23 H N N 389 
VAL HXT  H N N 390 
# 
loop_
_chem_comp_bond.comp_id 
_chem_comp_bond.atom_id_1 
_chem_comp_bond.atom_id_2 
_chem_comp_bond.value_order 
_chem_comp_bond.pdbx_aromatic_flag 
_chem_comp_bond.pdbx_stereo_config 
_chem_comp_bond.pdbx_ordinal 
ALA N   CA   sing N N 1   
ALA N   H    sing N N 2   
ALA N   H2   sing N N 3   
ALA CA  C    sing N N 4   
ALA CA  CB   sing N N 5   
ALA CA  HA   sing N N 6   
ALA C   O    doub N N 7   
ALA C   OXT  sing N N 8   
ALA CB  HB1  sing N N 9   
ALA CB  HB2  sing N N 10  
ALA CB  HB3  sing N N 11  
ALA OXT HXT  sing N N 12  
ARG N   CA   sing N N 13  
ARG N   H    sing N N 14  
ARG N   H2   sing N N 15  
ARG CA  C    sing N N 16  
ARG CA  CB   sing N N 17  
ARG CA  HA   sing N N 18  
ARG C   O    doub N N 19  
ARG C   OXT  sing N N 20  
ARG CB  CG   sing N N 21  
ARG CB  HB2  sing N N 22  
ARG CB  HB3  sing N N 23  
ARG CG  CD   sing N N 24  
ARG CG  HG2  sing N N 25  
ARG CG  HG3  sing N N 26  
ARG CD  NE   sing N N 27  
ARG CD  HD2  sing N N 28  
ARG CD  HD3  sing N N 29  
ARG NE  CZ   sing N N 30  
ARG NE  HE   sing N N 31  
ARG CZ  NH1  sing N N 32  
ARG CZ  NH2  doub N N 33  
ARG NH1 HH11 sing N N 34  
ARG NH1 HH12 sing N N 35  
ARG NH2 HH21 sing N N 36  
ARG NH2 HH22 sing N N 37  
ARG OXT HXT  sing N N 38  
ASN N   CA   sing N N 39  
ASN N   H    sing N N 40  
ASN N   H2   sing N N 41  
ASN CA  C    sing N N 42  
ASN CA  CB   sing N N 43  
ASN CA  HA   sing N N 44  
ASN C   O    doub N N 45  
ASN C   OXT  sing N N 46  
ASN CB  CG   sing N N 47  
ASN CB  HB2  sing N N 48  
ASN CB  HB3  sing N N 49  
ASN CG  OD1  doub N N 50  
ASN CG  ND2  sing N N 51  
ASN ND2 HD21 sing N N 52  
ASN ND2 HD22 sing N N 53  
ASN OXT HXT  sing N N 54  
ASP N   CA   sing N N 55  
ASP N   H    sing N N 56  
ASP N   H2   sing N N 57  
ASP CA  C    sing N N 58  
ASP CA  CB   sing N N 59  
ASP CA  HA   sing N N 60  
ASP C   O    doub N N 61  
ASP C   OXT  sing N N 62  
ASP CB  CG   sing N N 63  
ASP CB  HB2  sing N N 64  
ASP CB  HB3  sing N N 65  
ASP CG  OD1  doub N N 66  
ASP CG  OD2  sing N N 67  
ASP OD2 HD2  sing N N 68  
ASP OXT HXT  sing N N 69  
CYS N   CA   sing N N 70  
CYS N   H    sing N N 71  
CYS N   H2   sing N N 72  
CYS CA  C    sing N N 73  
CYS CA  CB   sing N N 74  
CYS CA  HA   sing N N 75  
CYS C   O    doub N N 76  
CYS C   OXT  sing N N 77  
CYS CB  SG   sing N N 78  
CYS CB  HB2  sing N N 79  
CYS CB  HB3  sing N N 80  
CYS SG  HG   sing N N 81  
CYS OXT HXT  sing N N 82  
GLN N   CA   sing N N 83  
GLN N   H    sing N N 84  
GLN N   H2   sing N N 85  
GLN CA  C    sing N N 86  
GLN CA  CB   sing N N 87  
GLN CA  HA   sing N N 88  
GLN C   O    doub N N 89  
GLN C   OXT  sing N N 90  
GLN CB  CG   sing N N 91  
GLN CB  HB2  sing N N 92  
GLN CB  HB3  sing N N 93  
GLN CG  CD   sing N N 94  
GLN CG  HG2  sing N N 95  
GLN CG  HG3  sing N N 96  
GLN CD  OE1  doub N N 97  
GLN CD  NE2  sing N N 98  
GLN NE2 HE21 sing N N 99  
GLN NE2 HE22 sing N N 100 
GLN OXT HXT  sing N N 101 
GLU N   CA   sing N N 102 
GLU N   H    sing N N 103 
GLU N   H2   sing N N 104 
GLU CA  C    sing N N 105 
GLU CA  CB   sing N N 106 
GLU CA  HA   sing N N 107 
GLU C   O    doub N N 108 
GLU C   OXT  sing N N 109 
GLU CB  CG   sing N N 110 
GLU CB  HB2  sing N N 111 
GLU CB  HB3  sing N N 112 
GLU CG  CD   sing N N 113 
GLU CG  HG2  sing N N 114 
GLU CG  HG3  sing N N 115 
GLU CD  OE1  doub N N 116 
GLU CD  OE2  sing N N 117 
GLU OE2 HE2  sing N N 118 
GLU OXT HXT  sing N N 119 
GLY N   CA   sing N N 120 
GLY N   H    sing N N 121 
GLY N   H2   sing N N 122 
GLY CA  C    sing N N 123 
GLY CA  HA2  sing N N 124 
GLY CA  HA3  sing N N 125 
GLY C   O    doub N N 126 
GLY C   OXT  sing N N 127 
GLY OXT HXT  sing N N 128 
HIS N   CA   sing N N 129 
HIS N   H    sing N N 130 
HIS N   H2   sing N N 131 
HIS CA  C    sing N N 132 
HIS CA  CB   sing N N 133 
HIS CA  HA   sing N N 134 
HIS C   O    doub N N 135 
HIS C   OXT  sing N N 136 
HIS CB  CG   sing N N 137 
HIS CB  HB2  sing N N 138 
HIS CB  HB3  sing N N 139 
HIS CG  ND1  sing Y N 140 
HIS CG  CD2  doub Y N 141 
HIS ND1 CE1  doub Y N 142 
HIS ND1 HD1  sing N N 143 
HIS CD2 NE2  sing Y N 144 
HIS CD2 HD2  sing N N 145 
HIS CE1 NE2  sing Y N 146 
HIS CE1 HE1  sing N N 147 
HIS NE2 HE2  sing N N 148 
HIS OXT HXT  sing N N 149 
HOH O   H1   sing N N 150 
HOH O   H2   sing N N 151 
ILE N   CA   sing N N 152 
ILE N   H    sing N N 153 
ILE N   H2   sing N N 154 
ILE CA  C    sing N N 155 
ILE CA  CB   sing N N 156 
ILE CA  HA   sing N N 157 
ILE C   O    doub N N 158 
ILE C   OXT  sing N N 159 
ILE CB  CG1  sing N N 160 
ILE CB  CG2  sing N N 161 
ILE CB  HB   sing N N 162 
ILE CG1 CD1  sing N N 163 
ILE CG1 HG12 sing N N 164 
ILE CG1 HG13 sing N N 165 
ILE CG2 HG21 sing N N 166 
ILE CG2 HG22 sing N N 167 
ILE CG2 HG23 sing N N 168 
ILE CD1 HD11 sing N N 169 
ILE CD1 HD12 sing N N 170 
ILE CD1 HD13 sing N N 171 
ILE OXT HXT  sing N N 172 
LEU N   CA   sing N N 173 
LEU N   H    sing N N 174 
LEU N   H2   sing N N 175 
LEU CA  C    sing N N 176 
LEU CA  CB   sing N N 177 
LEU CA  HA   sing N N 178 
LEU C   O    doub N N 179 
LEU C   OXT  sing N N 180 
LEU CB  CG   sing N N 181 
LEU CB  HB2  sing N N 182 
LEU CB  HB3  sing N N 183 
LEU CG  CD1  sing N N 184 
LEU CG  CD2  sing N N 185 
LEU CG  HG   sing N N 186 
LEU CD1 HD11 sing N N 187 
LEU CD1 HD12 sing N N 188 
LEU CD1 HD13 sing N N 189 
LEU CD2 HD21 sing N N 190 
LEU CD2 HD22 sing N N 191 
LEU CD2 HD23 sing N N 192 
LEU OXT HXT  sing N N 193 
LYS N   CA   sing N N 194 
LYS N   H    sing N N 195 
LYS N   H2   sing N N 196 
LYS CA  C    sing N N 197 
LYS CA  CB   sing N N 198 
LYS CA  HA   sing N N 199 
LYS C   O    doub N N 200 
LYS C   OXT  sing N N 201 
LYS CB  CG   sing N N 202 
LYS CB  HB2  sing N N 203 
LYS CB  HB3  sing N N 204 
LYS CG  CD   sing N N 205 
LYS CG  HG2  sing N N 206 
LYS CG  HG3  sing N N 207 
LYS CD  CE   sing N N 208 
LYS CD  HD2  sing N N 209 
LYS CD  HD3  sing N N 210 
LYS CE  NZ   sing N N 211 
LYS CE  HE2  sing N N 212 
LYS CE  HE3  sing N N 213 
LYS NZ  HZ1  sing N N 214 
LYS NZ  HZ2  sing N N 215 
LYS NZ  HZ3  sing N N 216 
LYS OXT HXT  sing N N 217 
MET N   CA   sing N N 218 
MET N   H    sing N N 219 
MET N   H2   sing N N 220 
MET CA  C    sing N N 221 
MET CA  CB   sing N N 222 
MET CA  HA   sing N N 223 
MET C   O    doub N N 224 
MET C   OXT  sing N N 225 
MET CB  CG   sing N N 226 
MET CB  HB2  sing N N 227 
MET CB  HB3  sing N N 228 
MET CG  SD   sing N N 229 
MET CG  HG2  sing N N 230 
MET CG  HG3  sing N N 231 
MET SD  CE   sing N N 232 
MET CE  HE1  sing N N 233 
MET CE  HE2  sing N N 234 
MET CE  HE3  sing N N 235 
MET OXT HXT  sing N N 236 
PHE N   CA   sing N N 237 
PHE N   H    sing N N 238 
PHE N   H2   sing N N 239 
PHE CA  C    sing N N 240 
PHE CA  CB   sing N N 241 
PHE CA  HA   sing N N 242 
PHE C   O    doub N N 243 
PHE C   OXT  sing N N 244 
PHE CB  CG   sing N N 245 
PHE CB  HB2  sing N N 246 
PHE CB  HB3  sing N N 247 
PHE CG  CD1  doub Y N 248 
PHE CG  CD2  sing Y N 249 
PHE CD1 CE1  sing Y N 250 
PHE CD1 HD1  sing N N 251 
PHE CD2 CE2  doub Y N 252 
PHE CD2 HD2  sing N N 253 
PHE CE1 CZ   doub Y N 254 
PHE CE1 HE1  sing N N 255 
PHE CE2 CZ   sing Y N 256 
PHE CE2 HE2  sing N N 257 
PHE CZ  HZ   sing N N 258 
PHE OXT HXT  sing N N 259 
PRO N   CA   sing N N 260 
PRO N   CD   sing N N 261 
PRO N   H    sing N N 262 
PRO CA  C    sing N N 263 
PRO CA  CB   sing N N 264 
PRO CA  HA   sing N N 265 
PRO C   O    doub N N 266 
PRO C   OXT  sing N N 267 
PRO CB  CG   sing N N 268 
PRO CB  HB2  sing N N 269 
PRO CB  HB3  sing N N 270 
PRO CG  CD   sing N N 271 
PRO CG  HG2  sing N N 272 
PRO CG  HG3  sing N N 273 
PRO CD  HD2  sing N N 274 
PRO CD  HD3  sing N N 275 
PRO OXT HXT  sing N N 276 
SER N   CA   sing N N 277 
SER N   H    sing N N 278 
SER N   H2   sing N N 279 
SER CA  C    sing N N 280 
SER CA  CB   sing N N 281 
SER CA  HA   sing N N 282 
SER C   O    doub N N 283 
SER C   OXT  sing N N 284 
SER CB  OG   sing N N 285 
SER CB  HB2  sing N N 286 
SER CB  HB3  sing N N 287 
SER OG  HG   sing N N 288 
SER OXT HXT  sing N N 289 
THR N   CA   sing N N 290 
THR N   H    sing N N 291 
THR N   H2   sing N N 292 
THR CA  C    sing N N 293 
THR CA  CB   sing N N 294 
THR CA  HA   sing N N 295 
THR C   O    doub N N 296 
THR C   OXT  sing N N 297 
THR CB  OG1  sing N N 298 
THR CB  CG2  sing N N 299 
THR CB  HB   sing N N 300 
THR OG1 HG1  sing N N 301 
THR CG2 HG21 sing N N 302 
THR CG2 HG22 sing N N 303 
THR CG2 HG23 sing N N 304 
THR OXT HXT  sing N N 305 
TRP N   CA   sing N N 306 
TRP N   H    sing N N 307 
TRP N   H2   sing N N 308 
TRP CA  C    sing N N 309 
TRP CA  CB   sing N N 310 
TRP CA  HA   sing N N 311 
TRP C   O    doub N N 312 
TRP C   OXT  sing N N 313 
TRP CB  CG   sing N N 314 
TRP CB  HB2  sing N N 315 
TRP CB  HB3  sing N N 316 
TRP CG  CD1  doub Y N 317 
TRP CG  CD2  sing Y N 318 
TRP CD1 NE1  sing Y N 319 
TRP CD1 HD1  sing N N 320 
TRP CD2 CE2  doub Y N 321 
TRP CD2 CE3  sing Y N 322 
TRP NE1 CE2  sing Y N 323 
TRP NE1 HE1  sing N N 324 
TRP CE2 CZ2  sing Y N 325 
TRP CE3 CZ3  doub Y N 326 
TRP CE3 HE3  sing N N 327 
TRP CZ2 CH2  doub Y N 328 
TRP CZ2 HZ2  sing N N 329 
TRP CZ3 CH2  sing Y N 330 
TRP CZ3 HZ3  sing N N 331 
TRP CH2 HH2  sing N N 332 
TRP OXT HXT  sing N N 333 
TYR N   CA   sing N N 334 
TYR N   H    sing N N 335 
TYR N   H2   sing N N 336 
TYR CA  C    sing N N 337 
TYR CA  CB   sing N N 338 
TYR CA  HA   sing N N 339 
TYR C   O    doub N N 340 
TYR C   OXT  sing N N 341 
TYR CB  CG   sing N N 342 
TYR CB  HB2  sing N N 343 
TYR CB  HB3  sing N N 344 
TYR CG  CD1  doub Y N 345 
TYR CG  CD2  sing Y N 346 
TYR CD1 CE1  sing Y N 347 
TYR CD1 HD1  sing N N 348 
TYR CD2 CE2  doub Y N 349 
TYR CD2 HD2  sing N N 350 
TYR CE1 CZ   doub Y N 351 
TYR CE1 HE1  sing N N 352 
TYR CE2 CZ   sing Y N 353 
TYR CE2 HE2  sing N N 354 
TYR CZ  OH   sing N N 355 
TYR OH  HH   sing N N 356 
TYR OXT HXT  sing N N 357 
VAL N   CA   sing N N 358 
VAL N   H    sing N N 359 
VAL N   H2   sing N N 360 
VAL CA  C    sing N N 361 
VAL CA  CB   sing N N 362 
VAL CA  HA   sing N N 363 
VAL C   O    doub N N 364 
VAL C   OXT  sing N N 365 
VAL CB  CG1  sing N N 366 
VAL CB  CG2  sing N N 367 
VAL CB  HB   sing N N 368 
VAL CG1 HG11 sing N N 369 
VAL CG1 HG12 sing N N 370 
VAL CG1 HG13 sing N N 371 
VAL CG2 HG21 sing N N 372 
VAL CG2 HG22 sing N N 373 
VAL CG2 HG23 sing N N 374 
VAL OXT HXT  sing N N 375 
# 
loop_
_pdbx_initial_refinement_model.id 
_pdbx_initial_refinement_model.entity_id_list 
_pdbx_initial_refinement_model.type 
_pdbx_initial_refinement_model.source_name 
_pdbx_initial_refinement_model.accession_code 
_pdbx_initial_refinement_model.details 
1 ? 'experimental model' PDB 1O7S 'PDB ENTRY 1O7S and 1VCA' 
2 ? 'experimental model' PDB 1VCA 'PDB ENTRY 1O7S and 1VCA' 
# 
_atom_sites.entry_id                    2ZG2 
_atom_sites.fract_transf_matrix[1][1]   -0.01069620 
_atom_sites.fract_transf_matrix[1][2]   0.00008402 
_atom_sites.fract_transf_matrix[1][3]   0.00626587 
_atom_sites.fract_transf_matrix[2][1]   -0.01067449 
_atom_sites.fract_transf_matrix[2][2]   0.00197774 
_atom_sites.fract_transf_matrix[2][3]   -0.00598577 
_atom_sites.fract_transf_matrix[3][1]   -0.00047078 
_atom_sites.fract_transf_matrix[3][2]   -0.00477926 
_atom_sites.fract_transf_matrix[3][3]   -0.00073956 
_atom_sites.fract_transf_vector[1]      0.424513 
_atom_sites.fract_transf_vector[2]      0.138713 
_atom_sites.fract_transf_vector[3]      0.099557 
# 
loop_
_atom_type.symbol 
C 
N 
O 
S 
# 
loop_
_atom_site.group_PDB 
_atom_site.id 
_atom_site.type_symbol 
_atom_site.label_atom_id 
_atom_site.label_alt_id 
_atom_site.label_comp_id 
_atom_site.label_asym_id 
_atom_site.label_entity_id 
_atom_site.label_seq_id 
_atom_site.pdbx_PDB_ins_code 
_atom_site.Cartn_x 
_atom_site.Cartn_y 
_atom_site.Cartn_z 
_atom_site.occupancy 
_atom_site.B_iso_or_equiv 
_atom_site.pdbx_formal_charge 
_atom_site.auth_seq_id 
_atom_site.auth_comp_id 
_atom_site.auth_asym_id 
_atom_site.auth_atom_id 
_atom_site.pdbx_PDB_model_num 
ATOM   1    N N   . SER A 1 1   ? 4.347   -33.342 2.896   1.00 105.74 ? 24  SER A N   1 
ATOM   2    C CA  . SER A 1 1   ? 2.896   -33.374 2.533   1.00 105.81 ? 24  SER A CA  1 
ATOM   3    C C   . SER A 1 1   ? 2.682   -32.624 1.219   1.00 105.21 ? 24  SER A C   1 
ATOM   4    O O   . SER A 1 1   ? 3.542   -31.843 0.800   1.00 105.95 ? 24  SER A O   1 
ATOM   5    C CB  . SER A 1 1   ? 2.069   -32.721 3.643   1.00 105.57 ? 24  SER A CB  1 
ATOM   6    O OG  . SER A 1 1   ? 0.681   -32.892 3.408   1.00 106.21 ? 24  SER A OG  1 
ATOM   7    N N   . VAL A 1 2   ? 1.553   -32.865 0.555   1.00 103.40 ? 25  VAL A N   1 
ATOM   8    C CA  . VAL A 1 2   ? 1.281   -32.168 -0.697  1.00 101.80 ? 25  VAL A CA  1 
ATOM   9    C C   . VAL A 1 2   ? 0.816   -30.757 -0.358  1.00 100.65 ? 25  VAL A C   1 
ATOM   10   O O   . VAL A 1 2   ? 0.660   -29.911 -1.236  1.00 100.04 ? 25  VAL A O   1 
ATOM   11   C CB  . VAL A 1 2   ? 0.187   -32.854 -1.528  1.00 102.21 ? 25  VAL A CB  1 
ATOM   12   C CG1 . VAL A 1 2   ? 0.226   -32.321 -2.960  1.00 102.15 ? 25  VAL A CG1 1 
ATOM   13   C CG2 . VAL A 1 2   ? 0.373   -34.363 -1.504  1.00 102.11 ? 25  VAL A CG2 1 
ATOM   14   N N   . TYR A 1 3   ? 0.589   -30.515 0.929   1.00 99.99  ? 26  TYR A N   1 
ATOM   15   C CA  . TYR A 1 3   ? 0.170   -29.202 1.399   1.00 98.93  ? 26  TYR A CA  1 
ATOM   16   C C   . TYR A 1 3   ? 1.404   -28.412 1.788   1.00 97.13  ? 26  TYR A C   1 
ATOM   17   O O   . TYR A 1 3   ? 2.050   -28.710 2.794   1.00 96.00  ? 26  TYR A O   1 
ATOM   18   C CB  . TYR A 1 3   ? -0.746  -29.305 2.629   1.00 100.35 ? 26  TYR A CB  1 
ATOM   19   C CG  . TYR A 1 3   ? -2.180  -29.664 2.330   1.00 102.28 ? 26  TYR A CG  1 
ATOM   20   C CD1 . TYR A 1 3   ? -2.568  -30.991 2.172   1.00 103.24 ? 26  TYR A CD1 1 
ATOM   21   C CD2 . TYR A 1 3   ? -3.146  -28.673 2.172   1.00 102.93 ? 26  TYR A CD2 1 
ATOM   22   C CE1 . TYR A 1 3   ? -3.883  -31.321 1.863   1.00 103.74 ? 26  TYR A CE1 1 
ATOM   23   C CE2 . TYR A 1 3   ? -4.456  -28.994 1.860   1.00 103.23 ? 26  TYR A CE2 1 
ATOM   24   C CZ  . TYR A 1 3   ? -4.817  -30.316 1.707   1.00 103.97 ? 26  TYR A CZ  1 
ATOM   25   O OH  . TYR A 1 3   ? -6.116  -30.629 1.393   1.00 105.98 ? 26  TYR A OH  1 
ATOM   26   N N   . GLU A 1 4   ? 1.732   -27.402 0.997   1.00 95.39  ? 27  GLU A N   1 
ATOM   27   C CA  . GLU A 1 4   ? 2.888   -26.586 1.305   1.00 93.14  ? 27  GLU A CA  1 
ATOM   28   C C   . GLU A 1 4   ? 2.685   -25.165 0.798   1.00 90.63  ? 27  GLU A C   1 
ATOM   29   O O   . GLU A 1 4   ? 2.069   -24.951 -0.245  1.00 90.09  ? 27  GLU A O   1 
ATOM   30   C CB  . GLU A 1 4   ? 4.134   -27.204 0.681   1.00 94.85  ? 27  GLU A CB  1 
ATOM   31   C CG  . GLU A 1 4   ? 5.425   -26.602 1.176   1.00 97.04  ? 27  GLU A CG  1 
ATOM   32   C CD  . GLU A 1 4   ? 6.631   -27.236 0.523   1.00 98.99  ? 27  GLU A CD  1 
ATOM   33   O OE1 . GLU A 1 4   ? 6.615   -27.373 -0.720  1.00 100.07 ? 27  GLU A OE1 1 
ATOM   34   O OE2 . GLU A 1 4   ? 7.592   -27.589 1.245   1.00 98.47  ? 27  GLU A OE2 1 
ATOM   35   N N   . LEU A 1 5   ? 3.219   -24.204 1.547   1.00 88.32  ? 28  LEU A N   1 
ATOM   36   C CA  . LEU A 1 5   ? 3.102   -22.783 1.222   1.00 85.43  ? 28  LEU A CA  1 
ATOM   37   C C   . LEU A 1 5   ? 4.467   -22.069 1.108   1.00 86.01  ? 28  LEU A C   1 
ATOM   38   O O   . LEU A 1 5   ? 5.389   -22.315 1.905   1.00 85.58  ? 28  LEU A O   1 
ATOM   39   C CB  . LEU A 1 5   ? 2.252   -22.113 2.304   1.00 81.92  ? 28  LEU A CB  1 
ATOM   40   C CG  . LEU A 1 5   ? 1.979   -20.618 2.268   1.00 78.20  ? 28  LEU A CG  1 
ATOM   41   C CD1 . LEU A 1 5   ? 1.038   -20.301 1.131   1.00 78.85  ? 28  LEU A CD1 1 
ATOM   42   C CD2 . LEU A 1 5   ? 1.380   -20.203 3.591   1.00 76.52  ? 28  LEU A CD2 1 
ATOM   43   N N   . GLN A 1 6   ? 4.581   -21.184 0.114   1.00 85.82  ? 29  GLN A N   1 
ATOM   44   C CA  . GLN A 1 6   ? 5.803   -20.407 -0.124  1.00 84.18  ? 29  GLN A CA  1 
ATOM   45   C C   . GLN A 1 6   ? 5.583   -18.965 0.301   1.00 84.06  ? 29  GLN A C   1 
ATOM   46   O O   . GLN A 1 6   ? 4.793   -18.254 -0.319  1.00 83.56  ? 29  GLN A O   1 
ATOM   47   C CB  . GLN A 1 6   ? 6.173   -20.410 -1.606  1.00 81.18  ? 29  GLN A CB  1 
ATOM   48   C CG  . GLN A 1 6   ? 6.480   -21.764 -2.180  1.00 82.82  ? 29  GLN A CG  1 
ATOM   49   C CD  . GLN A 1 6   ? 7.556   -22.491 -1.403  1.00 85.93  ? 29  GLN A CD  1 
ATOM   50   O OE1 . GLN A 1 6   ? 8.445   -21.869 -0.810  1.00 86.90  ? 29  GLN A OE1 1 
ATOM   51   N NE2 . GLN A 1 6   ? 7.492   -23.820 -1.411  1.00 86.05  ? 29  GLN A NE2 1 
ATOM   52   N N   . VAL A 1 7   ? 6.280   -18.526 1.345   1.00 84.22  ? 30  VAL A N   1 
ATOM   53   C CA  . VAL A 1 7   ? 6.123   -17.153 1.804   1.00 86.23  ? 30  VAL A CA  1 
ATOM   54   C C   . VAL A 1 7   ? 6.969   -16.801 3.025   1.00 86.52  ? 30  VAL A C   1 
ATOM   55   O O   . VAL A 1 7   ? 7.009   -17.543 4.002   1.00 87.13  ? 30  VAL A O   1 
ATOM   56   C CB  . VAL A 1 7   ? 4.634   -16.853 2.133   1.00 87.85  ? 30  VAL A CB  1 
ATOM   57   C CG1 . VAL A 1 7   ? 4.153   -17.766 3.265   1.00 87.00  ? 30  VAL A CG1 1 
ATOM   58   C CG2 . VAL A 1 7   ? 4.465   -15.384 2.503   1.00 87.60  ? 30  VAL A CG2 1 
ATOM   59   N N   . GLN A 1 8   ? 7.635   -15.654 2.971   1.00 86.58  ? 31  GLN A N   1 
ATOM   60   C CA  . GLN A 1 8   ? 8.459   -15.217 4.086   1.00 88.41  ? 31  GLN A CA  1 
ATOM   61   C C   . GLN A 1 8   ? 7.630   -15.152 5.365   1.00 88.43  ? 31  GLN A C   1 
ATOM   62   O O   . GLN A 1 8   ? 6.539   -14.597 5.371   1.00 88.73  ? 31  GLN A O   1 
ATOM   63   C CB  . GLN A 1 8   ? 9.082   -13.852 3.782   1.00 89.75  ? 31  GLN A CB  1 
ATOM   64   C CG  . GLN A 1 8   ? 8.112   -12.787 3.340   1.00 91.63  ? 31  GLN A CG  1 
ATOM   65   C CD  . GLN A 1 8   ? 8.832   -11.551 2.849   1.00 93.90  ? 31  GLN A CD  1 
ATOM   66   O OE1 . GLN A 1 8   ? 9.475   -10.838 3.625   1.00 93.11  ? 31  GLN A OE1 1 
ATOM   67   N NE2 . GLN A 1 8   ? 8.731   -11.288 1.543   1.00 94.14  ? 31  GLN A NE2 1 
ATOM   68   N N   . LYS A 1 9   ? 8.161   -15.712 6.448   1.00 88.25  ? 32  LYS A N   1 
ATOM   69   C CA  . LYS A 1 9   ? 7.450   -15.747 7.724   1.00 87.65  ? 32  LYS A CA  1 
ATOM   70   C C   . LYS A 1 9   ? 7.211   -14.416 8.422   1.00 86.11  ? 32  LYS A C   1 
ATOM   71   O O   . LYS A 1 9   ? 6.187   -14.247 9.085   1.00 86.02  ? 32  LYS A O   1 
ATOM   72   C CB  . LYS A 1 9   ? 8.150   -16.718 8.682   1.00 87.89  ? 32  LYS A CB  1 
ATOM   73   C CG  . LYS A 1 9   ? 9.664   -16.678 8.629   1.00 87.23  ? 32  LYS A CG  1 
ATOM   74   C CD  . LYS A 1 9   ? 10.236  -18.077 8.815   1.00 86.51  ? 32  LYS A CD  1 
ATOM   75   C CE  . LYS A 1 9   ? 9.691   -19.020 7.749   1.00 86.56  ? 32  LYS A CE  1 
ATOM   76   N NZ  . LYS A 1 9   ? 10.269  -20.393 7.801   1.00 86.80  ? 32  LYS A NZ  1 
ATOM   77   N N   . SER A 1 10  ? 8.142   -13.478 8.283   1.00 84.66  ? 33  SER A N   1 
ATOM   78   C CA  . SER A 1 10  ? 7.988   -12.173 8.917   1.00 82.83  ? 33  SER A CA  1 
ATOM   79   C C   . SER A 1 10  ? 8.099   -11.039 7.905   1.00 82.07  ? 33  SER A C   1 
ATOM   80   O O   . SER A 1 10  ? 8.822   -11.154 6.917   1.00 81.77  ? 33  SER A O   1 
ATOM   81   C CB  . SER A 1 10  ? 9.035   -11.992 10.011  1.00 81.92  ? 33  SER A CB  1 
ATOM   82   O OG  . SER A 1 10  ? 8.893   -10.727 10.630  1.00 83.43  ? 33  SER A OG  1 
ATOM   83   N N   . VAL A 1 11  ? 7.372   -9.951  8.151   1.00 82.15  ? 34  VAL A N   1 
ATOM   84   C CA  . VAL A 1 11  ? 7.384   -8.785  7.264   1.00 82.53  ? 34  VAL A CA  1 
ATOM   85   C C   . VAL A 1 11  ? 7.056   -7.488  8.023   1.00 83.87  ? 34  VAL A C   1 
ATOM   86   O O   . VAL A 1 11  ? 6.520   -7.517  9.140   1.00 83.56  ? 34  VAL A O   1 
ATOM   87   C CB  . VAL A 1 11  ? 6.390   -8.958  6.078   1.00 80.95  ? 34  VAL A CB  1 
ATOM   88   C CG1 . VAL A 1 11  ? 6.388   -7.721  5.215   1.00 79.71  ? 34  VAL A CG1 1 
ATOM   89   C CG2 . VAL A 1 11  ? 6.788   -10.160 5.230   1.00 80.48  ? 34  VAL A CG2 1 
ATOM   90   N N   . THR A 1 12  ? 7.387   -6.357  7.402   1.00 84.65  ? 35  THR A N   1 
ATOM   91   C CA  . THR A 1 12  ? 7.178   -5.041  7.998   1.00 84.83  ? 35  THR A CA  1 
ATOM   92   C C   . THR A 1 12  ? 6.916   -3.967  6.947   1.00 84.54  ? 35  THR A C   1 
ATOM   93   O O   . THR A 1 12  ? 7.454   -4.013  5.837   1.00 84.87  ? 35  THR A O   1 
ATOM   94   C CB  . THR A 1 12  ? 8.419   -4.594  8.781   1.00 85.97  ? 35  THR A CB  1 
ATOM   95   O OG1 . THR A 1 12  ? 9.557   -4.631  7.906   1.00 85.94  ? 35  THR A OG1 1 
ATOM   96   C CG2 . THR A 1 12  ? 8.669   -5.505  9.967   1.00 86.79  ? 35  THR A CG2 1 
ATOM   97   N N   . VAL A 1 13  ? 6.102   -2.988  7.320   1.00 83.70  ? 36  VAL A N   1 
ATOM   98   C CA  . VAL A 1 13  ? 5.761   -1.879  6.446   1.00 84.17  ? 36  VAL A CA  1 
ATOM   99   C C   . VAL A 1 13  ? 5.626   -0.655  7.326   1.00 85.82  ? 36  VAL A C   1 
ATOM   100  O O   . VAL A 1 13  ? 5.305   -0.763  8.517   1.00 85.74  ? 36  VAL A O   1 
ATOM   101  C CB  . VAL A 1 13  ? 4.390   -2.062  5.745   1.00 84.81  ? 36  VAL A CB  1 
ATOM   102  C CG1 . VAL A 1 13  ? 4.548   -1.900  4.247   1.00 84.83  ? 36  VAL A CG1 1 
ATOM   103  C CG2 . VAL A 1 13  ? 3.778   -3.406  6.100   1.00 84.12  ? 36  VAL A CG2 1 
ATOM   104  N N   . GLN A 1 14  ? 5.860   0.512   6.740   1.00 86.48  ? 37  GLN A N   1 
ATOM   105  C CA  . GLN A 1 14  ? 5.727   1.755   7.478   1.00 86.56  ? 37  GLN A CA  1 
ATOM   106  C C   . GLN A 1 14  ? 4.271   2.173   7.414   1.00 86.24  ? 37  GLN A C   1 
ATOM   107  O O   . GLN A 1 14  ? 3.685   2.232   6.335   1.00 86.35  ? 37  GLN A O   1 
ATOM   108  C CB  . GLN A 1 14  ? 6.612   2.831   6.858   1.00 87.74  ? 37  GLN A CB  1 
ATOM   109  C CG  . GLN A 1 14  ? 8.093   2.580   7.059   1.00 88.33  ? 37  GLN A CG  1 
ATOM   110  C CD  . GLN A 1 14  ? 8.945   3.731   6.570   1.00 88.53  ? 37  GLN A CD  1 
ATOM   111  O OE1 . GLN A 1 14  ? 8.722   4.887   6.944   1.00 85.95  ? 37  GLN A OE1 1 
ATOM   112  N NE2 . GLN A 1 14  ? 9.935   3.420   5.736   1.00 88.43  ? 37  GLN A NE2 1 
ATOM   113  N N   . GLU A 1 15  ? 3.677   2.455   8.565   1.00 86.07  ? 38  GLU A N   1 
ATOM   114  C CA  . GLU A 1 15  ? 2.281   2.851   8.587   1.00 85.81  ? 38  GLU A CA  1 
ATOM   115  C C   . GLU A 1 15  ? 1.963   3.804   7.447   1.00 85.17  ? 38  GLU A C   1 
ATOM   116  O O   . GLU A 1 15  ? 2.756   4.680   7.123   1.00 85.22  ? 38  GLU A O   1 
ATOM   117  C CB  . GLU A 1 15  ? 1.927   3.517   9.911   1.00 86.98  ? 38  GLU A CB  1 
ATOM   118  C CG  . GLU A 1 15  ? 0.481   3.965   9.951   1.00 90.18  ? 38  GLU A CG  1 
ATOM   119  C CD  . GLU A 1 15  ? 0.023   4.380   11.328  1.00 92.51  ? 38  GLU A CD  1 
ATOM   120  O OE1 . GLU A 1 15  ? 0.520   5.409   11.842  1.00 93.17  ? 38  GLU A OE1 1 
ATOM   121  O OE2 . GLU A 1 15  ? -0.840  3.671   11.894  1.00 94.46  ? 38  GLU A OE2 1 
ATOM   122  N N   . GLY A 1 16  ? 0.799   3.623   6.835   1.00 85.30  ? 39  GLY A N   1 
ATOM   123  C CA  . GLY A 1 16  ? 0.397   4.488   5.740   1.00 83.43  ? 39  GLY A CA  1 
ATOM   124  C C   . GLY A 1 16  ? 0.966   4.083   4.391   1.00 82.02  ? 39  GLY A C   1 
ATOM   125  O O   . GLY A 1 16  ? 0.526   4.582   3.354   1.00 82.39  ? 39  GLY A O   1 
ATOM   126  N N   . LEU A 1 17  ? 1.947   3.189   4.393   1.00 80.42  ? 40  LEU A N   1 
ATOM   127  C CA  . LEU A 1 17  ? 2.545   2.740   3.142   1.00 79.61  ? 40  LEU A CA  1 
ATOM   128  C C   . LEU A 1 17  ? 2.020   1.361   2.787   1.00 78.72  ? 40  LEU A C   1 
ATOM   129  O O   . LEU A 1 17  ? 1.048   0.901   3.374   1.00 78.16  ? 40  LEU A O   1 
ATOM   130  C CB  . LEU A 1 17  ? 4.068   2.716   3.262   1.00 80.46  ? 40  LEU A CB  1 
ATOM   131  C CG  . LEU A 1 17  ? 4.753   4.070   3.486   1.00 80.89  ? 40  LEU A CG  1 
ATOM   132  C CD1 . LEU A 1 17  ? 6.265   3.878   3.383   1.00 80.09  ? 40  LEU A CD1 1 
ATOM   133  C CD2 . LEU A 1 17  ? 4.270   5.091   2.446   1.00 80.02  ? 40  LEU A CD2 1 
ATOM   134  N N   . CYS A 1 18  ? 2.648   0.696   1.828   1.00 78.97  ? 41  CYS A N   1 
ATOM   135  C CA  . CYS A 1 18  ? 2.178   -0.625  1.450   1.00 81.27  ? 41  CYS A CA  1 
ATOM   136  C C   . CYS A 1 18  ? 3.281   -1.561  0.958   1.00 78.20  ? 41  CYS A C   1 
ATOM   137  O O   . CYS A 1 18  ? 4.126   -1.180  0.158   1.00 76.99  ? 41  CYS A O   1 
ATOM   138  C CB  . CYS A 1 18  ? 1.067   -0.495  0.399   1.00 86.65  ? 41  CYS A CB  1 
ATOM   139  S SG  . CYS A 1 18  ? 1.591   0.310   -1.141  1.00 97.75  ? 41  CYS A SG  1 
ATOM   140  N N   . VAL A 1 19  ? 3.246   -2.789  1.469   1.00 75.20  ? 42  VAL A N   1 
ATOM   141  C CA  . VAL A 1 19  ? 4.199   -3.843  1.148   1.00 71.79  ? 42  VAL A CA  1 
ATOM   142  C C   . VAL A 1 19  ? 3.569   -4.843  0.164   1.00 71.48  ? 42  VAL A C   1 
ATOM   143  O O   . VAL A 1 19  ? 2.407   -4.712  -0.218  1.00 71.85  ? 42  VAL A O   1 
ATOM   144  C CB  . VAL A 1 19  ? 4.604   -4.572  2.447   1.00 70.80  ? 42  VAL A CB  1 
ATOM   145  C CG1 . VAL A 1 19  ? 3.365   -5.030  3.158   1.00 70.81  ? 42  VAL A CG1 1 
ATOM   146  C CG2 . VAL A 1 19  ? 5.522   -5.746  2.162   1.00 69.45  ? 42  VAL A CG2 1 
ATOM   147  N N   . LEU A 1 20  ? 4.335   -5.837  -0.261  1.00 69.32  ? 43  LEU A N   1 
ATOM   148  C CA  . LEU A 1 20  ? 3.809   -6.818  -1.185  1.00 68.71  ? 43  LEU A CA  1 
ATOM   149  C C   . LEU A 1 20  ? 4.396   -8.179  -0.871  1.00 68.41  ? 43  LEU A C   1 
ATOM   150  O O   . LEU A 1 20  ? 5.525   -8.482  -1.241  1.00 65.79  ? 43  LEU A O   1 
ATOM   151  C CB  . LEU A 1 20  ? 4.124   -6.412  -2.627  1.00 70.16  ? 43  LEU A CB  1 
ATOM   152  C CG  . LEU A 1 20  ? 4.288   -7.503  -3.701  1.00 70.64  ? 43  LEU A CG  1 
ATOM   153  C CD1 . LEU A 1 20  ? 3.060   -8.381  -3.800  1.00 70.93  ? 43  LEU A CD1 1 
ATOM   154  C CD2 . LEU A 1 20  ? 4.581   -6.830  -5.029  1.00 71.43  ? 43  LEU A CD2 1 
ATOM   155  N N   . VAL A 1 21  ? 3.603   -9.009  -0.204  1.00 67.67  ? 44  VAL A N   1 
ATOM   156  C CA  . VAL A 1 21  ? 4.053   -10.324 0.185   1.00 66.85  ? 44  VAL A CA  1 
ATOM   157  C C   . VAL A 1 21  ? 3.924   -11.403 -0.880  1.00 68.71  ? 44  VAL A C   1 
ATOM   158  O O   . VAL A 1 21  ? 2.859   -12.004 -1.038  1.00 71.25  ? 44  VAL A O   1 
ATOM   159  C CB  . VAL A 1 21  ? 3.298   -10.800 1.425   1.00 64.28  ? 44  VAL A CB  1 
ATOM   160  C CG1 . VAL A 1 21  ? 3.878   -12.112 1.899   1.00 63.03  ? 44  VAL A CG1 1 
ATOM   161  C CG2 . VAL A 1 21  ? 3.363   -9.747  2.508   1.00 63.64  ? 44  VAL A CG2 1 
ATOM   162  N N   . PRO A 1 22  ? 5.001   -11.672 -1.639  1.00 68.71  ? 45  PRO A N   1 
ATOM   163  C CA  . PRO A 1 22  ? 4.799   -12.735 -2.633  1.00 68.65  ? 45  PRO A CA  1 
ATOM   164  C C   . PRO A 1 22  ? 4.547   -14.057 -1.911  1.00 68.80  ? 45  PRO A C   1 
ATOM   165  O O   . PRO A 1 22  ? 5.203   -14.351 -0.899  1.00 70.15  ? 45  PRO A O   1 
ATOM   166  C CB  . PRO A 1 22  ? 6.101   -12.716 -3.443  1.00 66.48  ? 45  PRO A CB  1 
ATOM   167  C CG  . PRO A 1 22  ? 7.078   -12.071 -2.541  1.00 66.98  ? 45  PRO A CG  1 
ATOM   168  C CD  . PRO A 1 22  ? 6.291   -11.002 -1.841  1.00 66.70  ? 45  PRO A CD  1 
ATOM   169  N N   . CYS A 1 23  ? 3.603   -14.844 -2.424  1.00 67.19  ? 46  CYS A N   1 
ATOM   170  C CA  . CYS A 1 23  ? 3.239   -16.112 -1.794  1.00 68.39  ? 46  CYS A CA  1 
ATOM   171  C C   . CYS A 1 23  ? 2.924   -17.161 -2.850  1.00 68.41  ? 46  CYS A C   1 
ATOM   172  O O   . CYS A 1 23  ? 2.561   -16.820 -3.979  1.00 71.38  ? 46  CYS A O   1 
ATOM   173  C CB  . CYS A 1 23  ? 2.019   -15.861 -0.877  1.00 70.94  ? 46  CYS A CB  1 
ATOM   174  S SG  . CYS A 1 23  ? 1.124   -17.268 -0.129  1.00 69.29  ? 46  CYS A SG  1 
ATOM   175  N N   . SER A 1 24  ? 3.063   -18.434 -2.489  1.00 67.53  ? 47  SER A N   1 
ATOM   176  C CA  . SER A 1 24  ? 2.774   -19.540 -3.408  1.00 67.19  ? 47  SER A CA  1 
ATOM   177  C C   . SER A 1 24  ? 2.298   -20.732 -2.603  1.00 66.87  ? 47  SER A C   1 
ATOM   178  O O   . SER A 1 24  ? 2.750   -20.936 -1.475  1.00 66.20  ? 47  SER A O   1 
ATOM   179  C CB  . SER A 1 24  ? 4.023   -19.936 -4.192  1.00 66.29  ? 47  SER A CB  1 
ATOM   180  O OG  . SER A 1 24  ? 4.510   -18.836 -4.925  1.00 65.50  ? 47  SER A OG  1 
ATOM   181  N N   . PHE A 1 25  ? 1.404   -21.531 -3.175  1.00 65.84  ? 48  PHE A N   1 
ATOM   182  C CA  . PHE A 1 25  ? 0.879   -22.675 -2.437  1.00 66.72  ? 48  PHE A CA  1 
ATOM   183  C C   . PHE A 1 25  ? 0.627   -23.885 -3.334  1.00 67.29  ? 48  PHE A C   1 
ATOM   184  O O   . PHE A 1 25  ? 0.402   -23.758 -4.543  1.00 66.28  ? 48  PHE A O   1 
ATOM   185  C CB  . PHE A 1 25  ? -0.424  -22.268 -1.717  1.00 66.02  ? 48  PHE A CB  1 
ATOM   186  C CG  . PHE A 1 25  ? -1.546  -21.912 -2.660  1.00 66.30  ? 48  PHE A CG  1 
ATOM   187  C CD1 . PHE A 1 25  ? -2.401  -22.895 -3.159  1.00 65.96  ? 48  PHE A CD1 1 
ATOM   188  C CD2 . PHE A 1 25  ? -1.693  -20.611 -3.124  1.00 67.12  ? 48  PHE A CD2 1 
ATOM   189  C CE1 . PHE A 1 25  ? -3.383  -22.592 -4.110  1.00 65.69  ? 48  PHE A CE1 1 
ATOM   190  C CE2 . PHE A 1 25  ? -2.680  -20.294 -4.082  1.00 68.11  ? 48  PHE A CE2 1 
ATOM   191  C CZ  . PHE A 1 25  ? -3.522  -21.291 -4.573  1.00 65.75  ? 48  PHE A CZ  1 
ATOM   192  N N   . SER A 1 26  ? 0.661   -25.063 -2.727  1.00 67.92  ? 49  SER A N   1 
ATOM   193  C CA  . SER A 1 26  ? 0.428   -26.302 -3.451  1.00 70.73  ? 49  SER A CA  1 
ATOM   194  C C   . SER A 1 26  ? -0.574  -27.075 -2.633  1.00 70.50  ? 49  SER A C   1 
ATOM   195  O O   . SER A 1 26  ? -0.661  -26.898 -1.421  1.00 72.61  ? 49  SER A O   1 
ATOM   196  C CB  . SER A 1 26  ? 1.719   -27.116 -3.548  1.00 74.59  ? 49  SER A CB  1 
ATOM   197  O OG  . SER A 1 26  ? 2.153   -27.516 -2.248  1.00 78.94  ? 49  SER A OG  1 
ATOM   198  N N   . TYR A 1 27  ? -1.337  -27.934 -3.281  1.00 70.00  ? 50  TYR A N   1 
ATOM   199  C CA  . TYR A 1 27  ? -2.310  -28.720 -2.551  1.00 71.50  ? 50  TYR A CA  1 
ATOM   200  C C   . TYR A 1 27  ? -2.659  -29.941 -3.381  1.00 74.74  ? 50  TYR A C   1 
ATOM   201  O O   . TYR A 1 27  ? -2.650  -29.893 -4.610  1.00 74.68  ? 50  TYR A O   1 
ATOM   202  C CB  . TYR A 1 27  ? -3.554  -27.876 -2.241  1.00 67.66  ? 50  TYR A CB  1 
ATOM   203  C CG  . TYR A 1 27  ? -4.382  -27.521 -3.445  1.00 61.83  ? 50  TYR A CG  1 
ATOM   204  C CD1 . TYR A 1 27  ? -5.444  -28.320 -3.839  1.00 61.58  ? 50  TYR A CD1 1 
ATOM   205  C CD2 . TYR A 1 27  ? -4.072  -26.412 -4.224  1.00 60.87  ? 50  TYR A CD2 1 
ATOM   206  C CE1 . TYR A 1 27  ? -6.181  -28.026 -4.985  1.00 60.37  ? 50  TYR A CE1 1 
ATOM   207  C CE2 . TYR A 1 27  ? -4.798  -26.110 -5.378  1.00 58.81  ? 50  TYR A CE2 1 
ATOM   208  C CZ  . TYR A 1 27  ? -5.850  -26.922 -5.746  1.00 58.92  ? 50  TYR A CZ  1 
ATOM   209  O OH  . TYR A 1 27  ? -6.589  -26.629 -6.863  1.00 59.02  ? 50  TYR A OH  1 
ATOM   210  N N   . PRO A 1 28  ? -2.942  -31.067 -2.713  1.00 78.53  ? 51  PRO A N   1 
ATOM   211  C CA  . PRO A 1 28  ? -3.288  -32.303 -3.415  1.00 80.81  ? 51  PRO A CA  1 
ATOM   212  C C   . PRO A 1 28  ? -4.617  -32.125 -4.096  1.00 83.30  ? 51  PRO A C   1 
ATOM   213  O O   . PRO A 1 28  ? -5.583  -31.722 -3.467  1.00 85.40  ? 51  PRO A O   1 
ATOM   214  C CB  . PRO A 1 28  ? -3.342  -33.331 -2.287  1.00 80.98  ? 51  PRO A CB  1 
ATOM   215  C CG  . PRO A 1 28  ? -3.821  -32.524 -1.123  1.00 79.81  ? 51  PRO A CG  1 
ATOM   216  C CD  . PRO A 1 28  ? -3.023  -31.245 -1.251  1.00 79.26  ? 51  PRO A CD  1 
ATOM   217  N N   . TRP A 1 29  ? -4.687  -32.403 -5.385  1.00 86.60  ? 52  TRP A N   1 
ATOM   218  C CA  . TRP A 1 29  ? -5.963  -32.234 -6.036  1.00 91.13  ? 52  TRP A CA  1 
ATOM   219  C C   . TRP A 1 29  ? -6.713  -33.562 -6.203  1.00 95.44  ? 52  TRP A C   1 
ATOM   220  O O   . TRP A 1 29  ? -7.168  -34.157 -5.213  1.00 96.70  ? 52  TRP A O   1 
ATOM   221  C CB  . TRP A 1 29  ? -5.791  -31.540 -7.388  1.00 90.39  ? 52  TRP A CB  1 
ATOM   222  C CG  . TRP A 1 29  ? -7.089  -31.026 -7.970  1.00 89.31  ? 52  TRP A CG  1 
ATOM   223  C CD1 . TRP A 1 29  ? -7.297  -30.613 -9.250  1.00 89.43  ? 52  TRP A CD1 1 
ATOM   224  C CD2 . TRP A 1 29  ? -8.361  -30.910 -7.301  1.00 88.18  ? 52  TRP A CD2 1 
ATOM   225  N NE1 . TRP A 1 29  ? -8.614  -30.253 -9.430  1.00 89.32  ? 52  TRP A NE1 1 
ATOM   226  C CE2 . TRP A 1 29  ? -9.289  -30.427 -8.251  1.00 88.11  ? 52  TRP A CE2 1 
ATOM   227  C CE3 . TRP A 1 29  ? -8.806  -31.169 -5.994  1.00 87.45  ? 52  TRP A CE3 1 
ATOM   228  C CZ2 . TRP A 1 29  ? -10.633 -30.202 -7.941  1.00 87.77  ? 52  TRP A CZ2 1 
ATOM   229  C CZ3 . TRP A 1 29  ? -10.143 -30.945 -5.684  1.00 86.72  ? 52  TRP A CZ3 1 
ATOM   230  C CH2 . TRP A 1 29  ? -11.041 -30.466 -6.655  1.00 87.74  ? 52  TRP A CH2 1 
ATOM   231  N N   . ARG A 1 30  ? -6.827  -34.011 -7.454  1.00 98.61  ? 53  ARG A N   1 
ATOM   232  C CA  . ARG A 1 30  ? -7.533  -35.240 -7.850  1.00 100.67 ? 53  ARG A CA  1 
ATOM   233  C C   . ARG A 1 30  ? -8.196  -34.832 -9.155  1.00 102.04 ? 53  ARG A C   1 
ATOM   234  O O   . ARG A 1 30  ? -9.398  -35.017 -9.343  1.00 101.82 ? 53  ARG A O   1 
ATOM   235  C CB  . ARG A 1 30  ? -8.615  -35.632 -6.825  1.00 99.92  ? 53  ARG A CB  1 
ATOM   236  N N   . SER A 1 31  ? -7.393  -34.247 -10.036 1.00 103.06 ? 54  SER A N   1 
ATOM   237  C CA  . SER A 1 31  ? -7.863  -33.759 -11.322 1.00 104.52 ? 54  SER A CA  1 
ATOM   238  C C   . SER A 1 31  ? -8.534  -34.812 -12.189 1.00 104.72 ? 54  SER A C   1 
ATOM   239  O O   . SER A 1 31  ? -8.328  -36.015 -12.022 1.00 104.75 ? 54  SER A O   1 
ATOM   240  C CB  . SER A 1 31  ? -6.703  -33.122 -12.090 1.00 105.94 ? 54  SER A CB  1 
ATOM   241  O OG  . SER A 1 31  ? -5.541  -33.040 -11.274 1.00 107.11 ? 54  SER A OG  1 
ATOM   242  N N   . TRP A 1 32  ? -9.332  -34.310 -13.125 1.00 105.21 ? 55  TRP A N   1 
ATOM   243  C CA  . TRP A 1 32  ? -10.116 -35.081 -14.086 1.00 105.06 ? 55  TRP A CA  1 
ATOM   244  C C   . TRP A 1 32  ? -11.357 -34.198 -14.165 1.00 103.48 ? 55  TRP A C   1 
ATOM   245  O O   . TRP A 1 32  ? -11.569 -33.381 -13.267 1.00 104.10 ? 55  TRP A O   1 
ATOM   246  C CB  . TRP A 1 32  ? -10.474 -36.475 -13.535 1.00 107.84 ? 55  TRP A CB  1 
ATOM   247  C CG  . TRP A 1 32  ? -11.849 -36.570 -12.914 1.00 112.40 ? 55  TRP A CG  1 
ATOM   248  C CD1 . TRP A 1 32  ? -13.048 -36.675 -13.577 1.00 113.20 ? 55  TRP A CD1 1 
ATOM   249  C CD2 . TRP A 1 32  ? -12.173 -36.517 -11.512 1.00 113.99 ? 55  TRP A CD2 1 
ATOM   250  N NE1 . TRP A 1 32  ? -14.089 -36.686 -12.678 1.00 113.92 ? 55  TRP A NE1 1 
ATOM   251  C CE2 . TRP A 1 32  ? -13.584 -36.591 -11.406 1.00 114.86 ? 55  TRP A CE2 1 
ATOM   252  C CE3 . TRP A 1 32  ? -11.412 -36.415 -10.340 1.00 114.07 ? 55  TRP A CE3 1 
ATOM   253  C CZ2 . TRP A 1 32  ? -14.248 -36.562 -10.166 1.00 114.77 ? 55  TRP A CZ2 1 
ATOM   254  C CZ3 . TRP A 1 32  ? -12.074 -36.384 -9.106  1.00 114.38 ? 55  TRP A CZ3 1 
ATOM   255  C CH2 . TRP A 1 32  ? -13.477 -36.458 -9.033  1.00 114.35 ? 55  TRP A CH2 1 
ATOM   256  N N   . TYR A 1 33  ? -12.158 -34.348 -15.220 1.00 100.53 ? 56  TYR A N   1 
ATOM   257  C CA  . TYR A 1 33  ? -13.382 -33.561 -15.415 1.00 97.22  ? 56  TYR A CA  1 
ATOM   258  C C   . TYR A 1 33  ? -13.782 -32.647 -14.241 1.00 94.69  ? 56  TYR A C   1 
ATOM   259  O O   . TYR A 1 33  ? -13.982 -31.437 -14.419 1.00 93.13  ? 56  TYR A O   1 
ATOM   260  C CB  . TYR A 1 33  ? -14.538 -34.500 -15.759 1.00 98.59  ? 56  TYR A CB  1 
ATOM   261  N N   . SER A 1 34  ? -13.902 -33.228 -13.048 1.00 91.79  ? 57  SER A N   1 
ATOM   262  C CA  . SER A 1 34  ? -14.266 -32.468 -11.852 1.00 89.71  ? 57  SER A CA  1 
ATOM   263  C C   . SER A 1 34  ? -13.449 -31.183 -11.733 1.00 86.65  ? 57  SER A C   1 
ATOM   264  O O   . SER A 1 34  ? -12.221 -31.218 -11.623 1.00 84.99  ? 57  SER A O   1 
ATOM   265  C CB  . SER A 1 34  ? -14.066 -33.323 -10.594 1.00 90.27  ? 57  SER A CB  1 
ATOM   266  O OG  . SER A 1 34  ? -14.391 -32.593 -9.421  1.00 90.02  ? 57  SER A OG  1 
ATOM   267  N N   . SER A 1 35  ? -14.144 -30.050 -11.743 1.00 83.70  ? 58  SER A N   1 
ATOM   268  C CA  . SER A 1 35  ? -13.488 -28.758 -11.654 1.00 80.76  ? 58  SER A CA  1 
ATOM   269  C C   . SER A 1 35  ? -14.285 -27.738 -10.832 1.00 77.74  ? 58  SER A C   1 
ATOM   270  O O   . SER A 1 35  ? -14.816 -26.761 -11.371 1.00 78.86  ? 58  SER A O   1 
ATOM   271  C CB  . SER A 1 35  ? -13.244 -28.225 -13.066 1.00 81.48  ? 58  SER A CB  1 
ATOM   272  O OG  . SER A 1 35  ? -12.591 -26.968 -13.031 1.00 84.59  ? 58  SER A OG  1 
ATOM   273  N N   . PRO A 1 36  ? -14.385 -27.960 -9.512  1.00 73.29  ? 59  PRO A N   1 
ATOM   274  C CA  . PRO A 1 36  ? -15.115 -27.058 -8.619  1.00 69.37  ? 59  PRO A CA  1 
ATOM   275  C C   . PRO A 1 36  ? -14.253 -25.851 -8.296  1.00 66.18  ? 59  PRO A C   1 
ATOM   276  O O   . PRO A 1 36  ? -13.028 -25.949 -8.294  1.00 65.70  ? 59  PRO A O   1 
ATOM   277  C CB  . PRO A 1 36  ? -15.382 -27.926 -7.398  1.00 70.53  ? 59  PRO A CB  1 
ATOM   278  C CG  . PRO A 1 36  ? -14.167 -28.751 -7.326  1.00 72.84  ? 59  PRO A CG  1 
ATOM   279  C CD  . PRO A 1 36  ? -13.945 -29.161 -8.782  1.00 74.40  ? 59  PRO A CD  1 
ATOM   280  N N   . PRO A 1 37  ? -14.881 -24.706 -7.977  1.00 63.41  ? 60  PRO A N   1 
ATOM   281  C CA  . PRO A 1 37  ? -14.148 -23.475 -7.660  1.00 59.99  ? 60  PRO A CA  1 
ATOM   282  C C   . PRO A 1 37  ? -13.088 -23.646 -6.573  1.00 57.65  ? 60  PRO A C   1 
ATOM   283  O O   . PRO A 1 37  ? -13.249 -24.455 -5.648  1.00 54.84  ? 60  PRO A O   1 
ATOM   284  C CB  . PRO A 1 37  ? -15.263 -22.514 -7.267  1.00 58.77  ? 60  PRO A CB  1 
ATOM   285  C CG  . PRO A 1 37  ? -16.218 -23.419 -6.576  1.00 61.19  ? 60  PRO A CG  1 
ATOM   286  C CD  . PRO A 1 37  ? -16.279 -24.600 -7.521  1.00 61.79  ? 60  PRO A CD  1 
ATOM   287  N N   . LEU A 1 38  ? -12.000 -22.887 -6.710  1.00 55.42  ? 61  LEU A N   1 
ATOM   288  C CA  . LEU A 1 38  ? -10.889 -22.930 -5.763  1.00 53.05  ? 61  LEU A CA  1 
ATOM   289  C C   . LEU A 1 38  ? -10.876 -21.690 -4.909  1.00 52.52  ? 61  LEU A C   1 
ATOM   290  O O   . LEU A 1 38  ? -10.537 -20.604 -5.382  1.00 54.88  ? 61  LEU A O   1 
ATOM   291  C CB  . LEU A 1 38  ? -9.553  -23.026 -6.492  1.00 51.94  ? 61  LEU A CB  1 
ATOM   292  C CG  . LEU A 1 38  ? -8.298  -22.790 -5.647  1.00 49.68  ? 61  LEU A CG  1 
ATOM   293  C CD1 . LEU A 1 38  ? -8.193  -23.829 -4.546  1.00 50.38  ? 61  LEU A CD1 1 
ATOM   294  C CD2 . LEU A 1 38  ? -7.087  -22.863 -6.541  1.00 48.97  ? 61  LEU A CD2 1 
ATOM   295  N N   . TYR A 1 39  ? -11.217 -21.834 -3.640  1.00 49.13  ? 62  TYR A N   1 
ATOM   296  C CA  . TYR A 1 39  ? -11.218 -20.663 -2.799  1.00 47.57  ? 62  TYR A CA  1 
ATOM   297  C C   . TYR A 1 39  ? -10.094 -20.653 -1.773  1.00 48.31  ? 62  TYR A C   1 
ATOM   298  O O   . TYR A 1 39  ? -9.811  -21.667 -1.126  1.00 48.33  ? 62  TYR A O   1 
ATOM   299  C CB  . TYR A 1 39  ? -12.568 -20.525 -2.108  1.00 45.72  ? 62  TYR A CB  1 
ATOM   300  C CG  . TYR A 1 39  ? -13.718 -20.286 -3.052  1.00 44.89  ? 62  TYR A CG  1 
ATOM   301  C CD1 . TYR A 1 39  ? -14.691 -21.261 -3.254  1.00 46.45  ? 62  TYR A CD1 1 
ATOM   302  C CD2 . TYR A 1 39  ? -13.862 -19.073 -3.700  1.00 44.39  ? 62  TYR A CD2 1 
ATOM   303  C CE1 . TYR A 1 39  ? -15.786 -21.026 -4.067  1.00 45.88  ? 62  TYR A CE1 1 
ATOM   304  C CE2 . TYR A 1 39  ? -14.945 -18.824 -4.516  1.00 46.80  ? 62  TYR A CE2 1 
ATOM   305  C CZ  . TYR A 1 39  ? -15.911 -19.804 -4.691  1.00 47.78  ? 62  TYR A CZ  1 
ATOM   306  O OH  . TYR A 1 39  ? -17.019 -19.548 -5.464  1.00 47.43  ? 62  TYR A OH  1 
ATOM   307  N N   . VAL A 1 40  ? -9.449  -19.498 -1.649  1.00 45.85  ? 63  VAL A N   1 
ATOM   308  C CA  . VAL A 1 40  ? -8.373  -19.325 -0.694  1.00 47.98  ? 63  VAL A CA  1 
ATOM   309  C C   . VAL A 1 40  ? -8.754  -18.151 0.204   1.00 49.81  ? 63  VAL A C   1 
ATOM   310  O O   . VAL A 1 40  ? -9.580  -17.313 -0.196  1.00 48.32  ? 63  VAL A O   1 
ATOM   311  C CB  . VAL A 1 40  ? -7.006  -19.039 -1.408  1.00 46.85  ? 63  VAL A CB  1 
ATOM   312  C CG1 . VAL A 1 40  ? -6.938  -19.835 -2.679  1.00 46.22  ? 63  VAL A CG1 1 
ATOM   313  C CG2 . VAL A 1 40  ? -6.804  -17.555 -1.657  1.00 39.21  ? 63  VAL A CG2 1 
ATOM   314  N N   . TYR A 1 41  ? -8.161  -18.095 1.403   1.00 49.26  ? 64  TYR A N   1 
ATOM   315  C CA  . TYR A 1 41  ? -8.447  -17.026 2.354   1.00 51.13  ? 64  TYR A CA  1 
ATOM   316  C C   . TYR A 1 41  ? -7.270  -16.713 3.256   1.00 53.25  ? 64  TYR A C   1 
ATOM   317  O O   . TYR A 1 41  ? -6.488  -17.598 3.594   1.00 57.24  ? 64  TYR A O   1 
ATOM   318  C CB  . TYR A 1 41  ? -9.578  -17.411 3.327   1.00 51.55  ? 64  TYR A CB  1 
ATOM   319  C CG  . TYR A 1 41  ? -10.772 -18.112 2.756   1.00 51.04  ? 64  TYR A CG  1 
ATOM   320  C CD1 . TYR A 1 41  ? -10.670 -19.402 2.253   1.00 50.85  ? 64  TYR A CD1 1 
ATOM   321  C CD2 . TYR A 1 41  ? -12.021 -17.480 2.716   1.00 50.39  ? 64  TYR A CD2 1 
ATOM   322  C CE1 . TYR A 1 41  ? -11.778 -20.044 1.721   1.00 51.79  ? 64  TYR A CE1 1 
ATOM   323  C CE2 . TYR A 1 41  ? -13.136 -18.117 2.187   1.00 46.06  ? 64  TYR A CE2 1 
ATOM   324  C CZ  . TYR A 1 41  ? -13.009 -19.392 1.694   1.00 48.82  ? 64  TYR A CZ  1 
ATOM   325  O OH  . TYR A 1 41  ? -14.109 -20.042 1.186   1.00 51.55  ? 64  TYR A OH  1 
ATOM   326  N N   . TRP A 1 42  ? -7.167  -15.459 3.675   1.00 53.06  ? 65  TRP A N   1 
ATOM   327  C CA  . TRP A 1 42  ? -6.154  -15.075 4.640   1.00 54.62  ? 65  TRP A CA  1 
ATOM   328  C C   . TRP A 1 42  ? -6.933  -14.724 5.921   1.00 55.44  ? 65  TRP A C   1 
ATOM   329  O O   . TRP A 1 42  ? -7.882  -13.914 5.899   1.00 52.74  ? 65  TRP A O   1 
ATOM   330  C CB  . TRP A 1 42  ? -5.326  -13.876 4.152   1.00 56.91  ? 65  TRP A CB  1 
ATOM   331  C CG  . TRP A 1 42  ? -4.203  -14.272 3.209   1.00 61.16  ? 65  TRP A CG  1 
ATOM   332  C CD1 . TRP A 1 42  ? -4.257  -14.323 1.848   1.00 63.57  ? 65  TRP A CD1 1 
ATOM   333  C CD2 . TRP A 1 42  ? -2.893  -14.745 3.571   1.00 62.85  ? 65  TRP A CD2 1 
ATOM   334  N NE1 . TRP A 1 42  ? -3.072  -14.800 1.334   1.00 64.15  ? 65  TRP A NE1 1 
ATOM   335  C CE2 . TRP A 1 42  ? -2.217  -15.067 2.368   1.00 63.66  ? 65  TRP A CE2 1 
ATOM   336  C CE3 . TRP A 1 42  ? -2.228  -14.930 4.790   1.00 62.33  ? 65  TRP A CE3 1 
ATOM   337  C CZ2 . TRP A 1 42  ? -0.905  -15.565 2.352   1.00 62.42  ? 65  TRP A CZ2 1 
ATOM   338  C CZ3 . TRP A 1 42  ? -0.920  -15.427 4.773   1.00 62.00  ? 65  TRP A CZ3 1 
ATOM   339  C CH2 . TRP A 1 42  ? -0.276  -15.739 3.560   1.00 61.37  ? 65  TRP A CH2 1 
ATOM   340  N N   . PHE A 1 43  ? -6.566  -15.354 7.035   1.00 55.78  ? 66  PHE A N   1 
ATOM   341  C CA  . PHE A 1 43  ? -7.260  -15.076 8.301   1.00 56.85  ? 66  PHE A CA  1 
ATOM   342  C C   . PHE A 1 43  ? -6.321  -14.563 9.383   1.00 58.59  ? 66  PHE A C   1 
ATOM   343  O O   . PHE A 1 43  ? -5.115  -14.761 9.321   1.00 59.80  ? 66  PHE A O   1 
ATOM   344  C CB  . PHE A 1 43  ? -7.970  -16.334 8.853   1.00 54.74  ? 66  PHE A CB  1 
ATOM   345  C CG  . PHE A 1 43  ? -9.200  -16.764 8.076   1.00 52.02  ? 66  PHE A CG  1 
ATOM   346  C CD1 . PHE A 1 43  ? -9.148  -17.856 7.213   1.00 50.20  ? 66  PHE A CD1 1 
ATOM   347  C CD2 . PHE A 1 43  ? -10.406 -16.086 8.222   1.00 51.77  ? 66  PHE A CD2 1 
ATOM   348  C CE1 . PHE A 1 43  ? -10.267 -18.271 6.509   1.00 51.33  ? 66  PHE A CE1 1 
ATOM   349  C CE2 . PHE A 1 43  ? -11.541 -16.491 7.517   1.00 53.66  ? 66  PHE A CE2 1 
ATOM   350  C CZ  . PHE A 1 43  ? -11.470 -17.591 6.657   1.00 52.91  ? 66  PHE A CZ  1 
ATOM   351  N N   . ARG A 1 44  ? -6.867  -13.879 10.376  1.00 61.71  ? 67  ARG A N   1 
ATOM   352  C CA  . ARG A 1 44  ? -6.018  -13.447 11.467  1.00 64.29  ? 67  ARG A CA  1 
ATOM   353  C C   . ARG A 1 44  ? -5.796  -14.709 12.283  1.00 65.77  ? 67  ARG A C   1 
ATOM   354  O O   . ARG A 1 44  ? -6.646  -15.595 12.304  1.00 64.72  ? 67  ARG A O   1 
ATOM   355  C CB  . ARG A 1 44  ? -6.687  -12.377 12.326  1.00 63.42  ? 67  ARG A CB  1 
ATOM   356  C CG  . ARG A 1 44  ? -6.172  -10.974 12.013  1.00 68.21  ? 67  ARG A CG  1 
ATOM   357  C CD  . ARG A 1 44  ? -6.173  -10.109 13.254  1.00 70.86  ? 67  ARG A CD  1 
ATOM   358  N NE  . ARG A 1 44  ? -4.939  -9.338  13.408  1.00 72.63  ? 67  ARG A NE  1 
ATOM   359  C CZ  . ARG A 1 44  ? -4.744  -8.117  12.925  1.00 72.34  ? 67  ARG A CZ  1 
ATOM   360  N NH1 . ARG A 1 44  ? -5.701  -7.510  12.245  1.00 72.82  ? 67  ARG A NH1 1 
ATOM   361  N NH2 . ARG A 1 44  ? -3.592  -7.494  13.145  1.00 73.39  ? 67  ARG A NH2 1 
ATOM   362  N N   . ASP A 1 45  ? -4.638  -14.800 12.925  1.00 69.06  ? 68  ASP A N   1 
ATOM   363  C CA  . ASP A 1 45  ? -4.295  -15.957 13.735  1.00 69.27  ? 68  ASP A CA  1 
ATOM   364  C C   . ASP A 1 45  ? -5.258  -16.063 14.900  1.00 67.24  ? 68  ASP A C   1 
ATOM   365  O O   . ASP A 1 45  ? -5.540  -15.072 15.575  1.00 64.83  ? 68  ASP A O   1 
ATOM   366  C CB  . ASP A 1 45  ? -2.866  -15.821 14.260  1.00 73.53  ? 68  ASP A CB  1 
ATOM   367  C CG  . ASP A 1 45  ? -2.432  -17.023 15.086  1.00 78.45  ? 68  ASP A CG  1 
ATOM   368  O OD1 . ASP A 1 45  ? -2.354  -18.143 14.522  1.00 80.86  ? 68  ASP A OD1 1 
ATOM   369  O OD2 . ASP A 1 45  ? -2.172  -16.844 16.301  1.00 79.05  ? 68  ASP A OD2 1 
ATOM   370  N N   . GLY A 1 46  ? -5.765  -17.268 15.125  1.00 65.78  ? 69  GLY A N   1 
ATOM   371  C CA  . GLY A 1 46  ? -6.701  -17.475 16.213  1.00 67.58  ? 69  GLY A CA  1 
ATOM   372  C C   . GLY A 1 46  ? -8.151  -17.682 15.801  1.00 67.97  ? 69  GLY A C   1 
ATOM   373  O O   . GLY A 1 46  ? -8.910  -18.346 16.516  1.00 68.81  ? 69  GLY A O   1 
ATOM   374  N N   . GLU A 1 47  ? -8.542  -17.129 14.655  1.00 66.51  ? 70  GLU A N   1 
ATOM   375  C CA  . GLU A 1 47  ? -9.911  -17.249 14.180  1.00 65.38  ? 70  GLU A CA  1 
ATOM   376  C C   . GLU A 1 47  ? -10.205 -18.602 13.578  1.00 65.13  ? 70  GLU A C   1 
ATOM   377  O O   . GLU A 1 47  ? -9.299  -19.303 13.140  1.00 66.03  ? 70  GLU A O   1 
ATOM   378  C CB  . GLU A 1 47  ? -10.204 -16.147 13.171  1.00 66.19  ? 70  GLU A CB  1 
ATOM   379  C CG  . GLU A 1 47  ? -9.871  -14.800 13.743  1.00 71.19  ? 70  GLU A CG  1 
ATOM   380  C CD  . GLU A 1 47  ? -10.357 -13.652 12.909  1.00 73.23  ? 70  GLU A CD  1 
ATOM   381  O OE1 . GLU A 1 47  ? -10.033 -13.606 11.702  1.00 74.70  ? 70  GLU A OE1 1 
ATOM   382  O OE2 . GLU A 1 47  ? -11.054 -12.783 13.474  1.00 75.47  ? 70  GLU A OE2 1 
ATOM   383  N N   . ILE A 1 48  ? -11.483 -18.968 13.583  1.00 64.32  ? 71  ILE A N   1 
ATOM   384  C CA  . ILE A 1 48  ? -11.924 -20.242 13.036  1.00 64.65  ? 71  ILE A CA  1 
ATOM   385  C C   . ILE A 1 48  ? -12.539 -19.977 11.674  1.00 64.08  ? 71  ILE A C   1 
ATOM   386  O O   . ILE A 1 48  ? -13.499 -19.221 11.562  1.00 64.27  ? 71  ILE A O   1 
ATOM   387  C CB  . ILE A 1 48  ? -13.037 -20.913 13.906  1.00 67.27  ? 71  ILE A CB  1 
ATOM   388  C CG1 . ILE A 1 48  ? -12.649 -20.934 15.388  1.00 64.40  ? 71  ILE A CG1 1 
ATOM   389  C CG2 . ILE A 1 48  ? -13.296 -22.333 13.402  1.00 67.42  ? 71  ILE A CG2 1 
ATOM   390  C CD1 . ILE A 1 48  ? -12.679 -19.567 16.041  1.00 64.02  ? 71  ILE A CD1 1 
ATOM   391  N N   . PRO A 1 49  ? -11.984 -20.582 10.618  1.00 63.40  ? 72  PRO A N   1 
ATOM   392  C CA  . PRO A 1 49  ? -12.491 -20.410 9.258   1.00 62.57  ? 72  PRO A CA  1 
ATOM   393  C C   . PRO A 1 49  ? -14.002 -20.287 9.215   1.00 61.93  ? 72  PRO A C   1 
ATOM   394  O O   . PRO A 1 49  ? -14.543 -19.234 8.891   1.00 63.61  ? 72  PRO A O   1 
ATOM   395  C CB  . PRO A 1 49  ? -11.995 -21.663 8.573   1.00 61.47  ? 72  PRO A CB  1 
ATOM   396  C CG  . PRO A 1 49  ? -10.621 -21.761 9.131   1.00 61.12  ? 72  PRO A CG  1 
ATOM   397  C CD  . PRO A 1 49  ? -10.787 -21.439 10.611  1.00 62.76  ? 72  PRO A CD  1 
ATOM   398  N N   . TYR A 1 50  ? -14.667 -21.376 9.574   1.00 61.86  ? 73  TYR A N   1 
ATOM   399  C CA  . TYR A 1 50  ? -16.122 -21.464 9.599   1.00 60.38  ? 73  TYR A CA  1 
ATOM   400  C C   . TYR A 1 50  ? -16.868 -20.235 10.066  1.00 56.70  ? 73  TYR A C   1 
ATOM   401  O O   . TYR A 1 50  ? -17.928 -19.932 9.534   1.00 58.00  ? 73  TYR A O   1 
ATOM   402  C CB  . TYR A 1 50  ? -16.559 -22.641 10.475  1.00 62.85  ? 73  TYR A CB  1 
ATOM   403  C CG  . TYR A 1 50  ? -16.217 -23.980 9.894   1.00 66.11  ? 73  TYR A CG  1 
ATOM   404  C CD1 . TYR A 1 50  ? -16.196 -25.113 10.689  1.00 68.33  ? 73  TYR A CD1 1 
ATOM   405  C CD2 . TYR A 1 50  ? -15.929 -24.115 8.536   1.00 69.38  ? 73  TYR A CD2 1 
ATOM   406  C CE1 . TYR A 1 50  ? -15.894 -26.362 10.152  1.00 73.28  ? 73  TYR A CE1 1 
ATOM   407  C CE2 . TYR A 1 50  ? -15.626 -25.352 7.982   1.00 73.07  ? 73  TYR A CE2 1 
ATOM   408  C CZ  . TYR A 1 50  ? -15.609 -26.478 8.797   1.00 74.46  ? 73  TYR A CZ  1 
ATOM   409  O OH  . TYR A 1 50  ? -15.301 -27.716 8.261   1.00 77.15  ? 73  TYR A OH  1 
ATOM   410  N N   . TYR A 1 51  ? -16.336 -19.524 11.048  1.00 51.49  ? 74  TYR A N   1 
ATOM   411  C CA  . TYR A 1 51  ? -17.047 -18.369 11.559  1.00 50.30  ? 74  TYR A CA  1 
ATOM   412  C C   . TYR A 1 51  ? -16.313 -17.065 11.476  1.00 52.29  ? 74  TYR A C   1 
ATOM   413  O O   . TYR A 1 51  ? -16.743 -16.080 12.074  1.00 52.73  ? 74  TYR A O   1 
ATOM   414  C CB  . TYR A 1 51  ? -17.423 -18.587 13.019  1.00 46.67  ? 74  TYR A CB  1 
ATOM   415  C CG  . TYR A 1 51  ? -17.968 -19.964 13.330  1.00 47.77  ? 74  TYR A CG  1 
ATOM   416  C CD1 . TYR A 1 51  ? -17.124 -20.982 13.784  1.00 46.58  ? 74  TYR A CD1 1 
ATOM   417  C CD2 . TYR A 1 51  ? -19.331 -20.250 13.189  1.00 46.38  ? 74  TYR A CD2 1 
ATOM   418  C CE1 . TYR A 1 51  ? -17.614 -22.248 14.097  1.00 45.67  ? 74  TYR A CE1 1 
ATOM   419  C CE2 . TYR A 1 51  ? -19.831 -21.511 13.502  1.00 48.67  ? 74  TYR A CE2 1 
ATOM   420  C CZ  . TYR A 1 51  ? -18.965 -22.506 13.956  1.00 49.78  ? 74  TYR A CZ  1 
ATOM   421  O OH  . TYR A 1 51  ? -19.456 -23.756 14.278  1.00 54.14  ? 74  TYR A OH  1 
ATOM   422  N N   . ALA A 1 52  ? -15.213 -17.031 10.738  1.00 54.73  ? 75  ALA A N   1 
ATOM   423  C CA  . ALA A 1 52  ? -14.433 -15.801 10.681  1.00 54.08  ? 75  ALA A CA  1 
ATOM   424  C C   . ALA A 1 52  ? -14.545 -15.045 9.383   1.00 53.89  ? 75  ALA A C   1 
ATOM   425  O O   . ALA A 1 52  ? -14.802 -15.620 8.323   1.00 55.51  ? 75  ALA A O   1 
ATOM   426  C CB  . ALA A 1 52  ? -12.972 -16.113 10.974  1.00 52.91  ? 75  ALA A CB  1 
ATOM   427  N N   . GLU A 1 53  ? -14.363 -13.737 9.479   1.00 53.43  ? 76  GLU A N   1 
ATOM   428  C CA  . GLU A 1 53  ? -14.391 -12.882 8.307   1.00 52.67  ? 76  GLU A CA  1 
ATOM   429  C C   . GLU A 1 53  ? -12.961 -12.898 7.802   1.00 53.87  ? 76  GLU A C   1 
ATOM   430  O O   . GLU A 1 53  ? -12.011 -12.826 8.588   1.00 55.29  ? 76  GLU A O   1 
ATOM   431  C CB  . GLU A 1 53  ? -14.792 -11.457 8.682   1.00 48.55  ? 76  GLU A CB  1 
ATOM   432  C CG  . GLU A 1 53  ? -16.246 -11.337 8.994   1.00 48.40  ? 76  GLU A CG  1 
ATOM   433  C CD  . GLU A 1 53  ? -16.634 -9.979  9.542   1.00 53.02  ? 76  GLU A CD  1 
ATOM   434  O OE1 . GLU A 1 53  ? -17.864 -9.748  9.686   1.00 58.51  ? 76  GLU A OE1 1 
ATOM   435  O OE2 . GLU A 1 53  ? -15.737 -9.145  9.831   1.00 48.19  ? 76  GLU A OE2 1 
ATOM   436  N N   . VAL A 1 54  ? -12.813 -13.002 6.493   1.00 52.19  ? 77  VAL A N   1 
ATOM   437  C CA  . VAL A 1 54  ? -11.518 -13.033 5.882   1.00 50.86  ? 77  VAL A CA  1 
ATOM   438  C C   . VAL A 1 54  ? -10.814 -11.724 5.973   1.00 50.66  ? 77  VAL A C   1 
ATOM   439  O O   . VAL A 1 54  ? -11.447 -10.666 5.990   1.00 49.66  ? 77  VAL A O   1 
ATOM   440  C CB  . VAL A 1 54  ? -11.600 -13.322 4.408   1.00 54.81  ? 77  VAL A CB  1 
ATOM   441  C CG1 . VAL A 1 54  ? -10.703 -14.487 4.066   1.00 60.39  ? 77  VAL A CG1 1 
ATOM   442  C CG2 . VAL A 1 54  ? -13.027 -13.599 4.017   1.00 58.38  ? 77  VAL A CG2 1 
ATOM   443  N N   . VAL A 1 55  ? -9.485  -11.810 6.040   1.00 50.51  ? 78  VAL A N   1 
ATOM   444  C CA  . VAL A 1 55  ? -8.629  -10.635 6.041   1.00 47.67  ? 78  VAL A CA  1 
ATOM   445  C C   . VAL A 1 55  ? -8.636  -10.280 4.549   1.00 44.84  ? 78  VAL A C   1 
ATOM   446  O O   . VAL A 1 55  ? -8.742  -9.116  4.192   1.00 42.94  ? 78  VAL A O   1 
ATOM   447  C CB  . VAL A 1 55  ? -7.210  -10.988 6.524   1.00 49.37  ? 78  VAL A CB  1 
ATOM   448  C CG1 . VAL A 1 55  ? -6.196  -10.015 5.961   1.00 52.57  ? 78  VAL A CG1 1 
ATOM   449  C CG2 . VAL A 1 55  ? -7.162  -10.929 8.028   1.00 49.47  ? 78  VAL A CG2 1 
ATOM   450  N N   . ALA A 1 56  ? -8.559  -11.320 3.706   1.00 43.19  ? 79  ALA A N   1 
ATOM   451  C CA  . ALA A 1 56  ? -8.600  -11.228 2.239   1.00 43.58  ? 79  ALA A CA  1 
ATOM   452  C C   . ALA A 1 56  ? -9.056  -12.582 1.697   1.00 44.85  ? 79  ALA A C   1 
ATOM   453  O O   . ALA A 1 56  ? -8.807  -13.597 2.336   1.00 45.66  ? 79  ALA A O   1 
ATOM   454  C CB  . ALA A 1 56  ? -7.237  -10.897 1.685   1.00 41.00  ? 79  ALA A CB  1 
ATOM   455  N N   . THR A 1 57  ? -9.721  -12.599 0.536   1.00 45.84  ? 80  THR A N   1 
ATOM   456  C CA  . THR A 1 57  ? -10.199 -13.845 -0.083  1.00 43.83  ? 80  THR A CA  1 
ATOM   457  C C   . THR A 1 57  ? -10.776 -13.688 -1.499  1.00 46.02  ? 80  THR A C   1 
ATOM   458  O O   . THR A 1 57  ? -11.129 -12.600 -1.908  1.00 46.41  ? 80  THR A O   1 
ATOM   459  C CB  . THR A 1 57  ? -11.284 -14.483 0.761   1.00 43.29  ? 80  THR A CB  1 
ATOM   460  O OG1 . THR A 1 57  ? -11.773 -15.646 0.092   1.00 42.41  ? 80  THR A OG1 1 
ATOM   461  C CG2 . THR A 1 57  ? -12.443 -13.505 0.965   1.00 39.36  ? 80  THR A CG2 1 
ATOM   462  N N   . ASN A 1 58  ? -10.889 -14.793 -2.234  1.00 49.14  ? 81  ASN A N   1 
ATOM   463  C CA  . ASN A 1 58  ? -11.448 -14.767 -3.587  1.00 48.23  ? 81  ASN A CA  1 
ATOM   464  C C   . ASN A 1 58  ? -12.854 -15.365 -3.624  1.00 49.95  ? 81  ASN A C   1 
ATOM   465  O O   . ASN A 1 58  ? -13.465 -15.508 -4.689  1.00 51.43  ? 81  ASN A O   1 
ATOM   466  C CB  . ASN A 1 58  ? -10.548 -15.509 -4.574  1.00 43.13  ? 81  ASN A CB  1 
ATOM   467  C CG  . ASN A 1 58  ? -10.471 -16.972 -4.296  1.00 46.49  ? 81  ASN A CG  1 
ATOM   468  O OD1 . ASN A 1 58  ? -10.322 -17.384 -3.152  1.00 53.00  ? 81  ASN A OD1 1 
ATOM   469  N ND2 . ASN A 1 58  ? -10.548 -17.784 -5.342  1.00 46.01  ? 81  ASN A ND2 1 
ATOM   470  N N   . ASN A 1 59  ? -13.369 -15.716 -2.453  1.00 49.88  ? 82  ASN A N   1 
ATOM   471  C CA  . ASN A 1 59  ? -14.726 -16.258 -2.331  1.00 49.63  ? 82  ASN A CA  1 
ATOM   472  C C   . ASN A 1 59  ? -15.662 -15.048 -2.325  1.00 47.89  ? 82  ASN A C   1 
ATOM   473  O O   . ASN A 1 59  ? -15.632 -14.245 -1.394  1.00 49.46  ? 82  ASN A O   1 
ATOM   474  C CB  . ASN A 1 59  ? -14.853 -17.008 -1.009  1.00 53.27  ? 82  ASN A CB  1 
ATOM   475  C CG  . ASN A 1 59  ? -16.100 -17.805 -0.920  1.00 53.93  ? 82  ASN A CG  1 
ATOM   476  O OD1 . ASN A 1 59  ? -16.306 -18.531 0.032   1.00 55.24  ? 82  ASN A OD1 1 
ATOM   477  N ND2 . ASN A 1 59  ? -16.943 -17.691 -1.928  1.00 60.02  ? 82  ASN A ND2 1 
ATOM   478  N N   . PRO A 1 60  ? -16.491 -14.885 -3.369  1.00 46.36  ? 83  PRO A N   1 
ATOM   479  C CA  . PRO A 1 60  ? -17.400 -13.730 -3.411  1.00 45.32  ? 83  PRO A CA  1 
ATOM   480  C C   . PRO A 1 60  ? -18.545 -13.779 -2.397  1.00 46.59  ? 83  PRO A C   1 
ATOM   481  O O   . PRO A 1 60  ? -19.395 -12.894 -2.348  1.00 46.30  ? 83  PRO A O   1 
ATOM   482  C CB  . PRO A 1 60  ? -17.876 -13.735 -4.845  1.00 42.42  ? 83  PRO A CB  1 
ATOM   483  C CG  . PRO A 1 60  ? -17.925 -15.202 -5.147  1.00 43.83  ? 83  PRO A CG  1 
ATOM   484  C CD  . PRO A 1 60  ? -16.649 -15.716 -4.572  1.00 43.99  ? 83  PRO A CD  1 
ATOM   485  N N   . ASP A 1 61  ? -18.558 -14.808 -1.565  1.00 47.09  ? 84  ASP A N   1 
ATOM   486  C CA  . ASP A 1 61  ? -19.596 -14.900 -0.563  1.00 47.53  ? 84  ASP A CA  1 
ATOM   487  C C   . ASP A 1 61  ? -19.124 -14.543 0.819   1.00 48.61  ? 84  ASP A C   1 
ATOM   488  O O   . ASP A 1 61  ? -19.863 -13.933 1.599   1.00 49.83  ? 84  ASP A O   1 
ATOM   489  C CB  . ASP A 1 61  ? -20.162 -16.287 -0.532  1.00 47.72  ? 84  ASP A CB  1 
ATOM   490  C CG  . ASP A 1 61  ? -21.045 -16.539 -1.681  1.00 47.15  ? 84  ASP A CG  1 
ATOM   491  O OD1 . ASP A 1 61  ? -21.428 -15.539 -2.319  1.00 49.12  ? 84  ASP A OD1 1 
ATOM   492  O OD2 . ASP A 1 61  ? -21.358 -17.718 -1.946  1.00 48.74  ? 84  ASP A OD2 1 
ATOM   493  N N   . ARG A 1 62  ? -17.889 -14.910 1.123   1.00 47.54  ? 85  ARG A N   1 
ATOM   494  C CA  . ARG A 1 62  ? -17.351 -14.639 2.432   1.00 46.08  ? 85  ARG A CA  1 
ATOM   495  C C   . ARG A 1 62  ? -17.173 -13.164 2.713   1.00 44.73  ? 85  ARG A C   1 
ATOM   496  O O   . ARG A 1 62  ? -16.625 -12.435 1.915   1.00 44.22  ? 85  ARG A O   1 
ATOM   497  C CB  . ARG A 1 62  ? -16.047 -15.404 2.609   1.00 46.69  ? 85  ARG A CB  1 
ATOM   498  C CG  . ARG A 1 62  ? -15.385 -15.203 3.938   1.00 47.01  ? 85  ARG A CG  1 
ATOM   499  C CD  . ARG A 1 62  ? -16.289 -15.528 5.104   1.00 49.80  ? 85  ARG A CD  1 
ATOM   500  N NE  . ARG A 1 62  ? -15.807 -16.667 5.888   1.00 48.03  ? 85  ARG A NE  1 
ATOM   501  C CZ  . ARG A 1 62  ? -16.005 -17.924 5.541   1.00 48.46  ? 85  ARG A CZ  1 
ATOM   502  N NH1 . ARG A 1 62  ? -16.673 -18.199 4.427   1.00 51.05  ? 85  ARG A NH1 1 
ATOM   503  N NH2 . ARG A 1 62  ? -15.550 -18.897 6.305   1.00 50.20  ? 85  ARG A NH2 1 
ATOM   504  N N   . ARG A 1 63  ? -17.680 -12.735 3.862   1.00 47.00  ? 86  ARG A N   1 
ATOM   505  C CA  . ARG A 1 63  ? -17.584 -11.351 4.310   1.00 47.99  ? 86  ARG A CA  1 
ATOM   506  C C   . ARG A 1 63  ? -16.111 -11.040 4.628   1.00 49.10  ? 86  ARG A C   1 
ATOM   507  O O   . ARG A 1 63  ? -15.343 -11.906 5.048   1.00 49.61  ? 86  ARG A O   1 
ATOM   508  C CB  . ARG A 1 63  ? -18.457 -11.159 5.566   1.00 48.38  ? 86  ARG A CB  1 
ATOM   509  C CG  . ARG A 1 63  ? -18.539 -9.710  6.105   1.00 54.53  ? 86  ARG A CG  1 
ATOM   510  C CD  . ARG A 1 63  ? -19.349 -9.646  7.417   1.00 55.10  ? 86  ARG A CD  1 
ATOM   511  N NE  . ARG A 1 63  ? -20.521 -10.530 7.381   1.00 55.18  ? 86  ARG A NE  1 
ATOM   512  C CZ  . ARG A 1 63  ? -20.804 -11.425 8.328   1.00 56.63  ? 86  ARG A CZ  1 
ATOM   513  N NH1 . ARG A 1 63  ? -19.998 -11.547 9.382   1.00 54.99  ? 86  ARG A NH1 1 
ATOM   514  N NH2 . ARG A 1 63  ? -21.875 -12.212 8.224   1.00 52.64  ? 86  ARG A NH2 1 
ATOM   515  N N   . VAL A 1 64  ? -15.731 -9.792  4.436   1.00 49.03  ? 87  VAL A N   1 
ATOM   516  C CA  . VAL A 1 64  ? -14.380 -9.350  4.686   1.00 49.17  ? 87  VAL A CA  1 
ATOM   517  C C   . VAL A 1 64  ? -14.353 -8.351  5.835   1.00 49.81  ? 87  VAL A C   1 
ATOM   518  O O   . VAL A 1 64  ? -15.179 -7.444  5.892   1.00 51.63  ? 87  VAL A O   1 
ATOM   519  C CB  . VAL A 1 64  ? -13.792 -8.691  3.413   1.00 47.55  ? 87  VAL A CB  1 
ATOM   520  C CG1 . VAL A 1 64  ? -12.536 -7.934  3.746   1.00 47.59  ? 87  VAL A CG1 1 
ATOM   521  C CG2 . VAL A 1 64  ? -13.497 -9.759  2.388   1.00 44.11  ? 87  VAL A CG2 1 
ATOM   522  N N   . LYS A 1 65  ? -13.394 -8.512  6.741   1.00 49.80  ? 88  LYS A N   1 
ATOM   523  C CA  . LYS A 1 65  ? -13.293 -7.615  7.868   1.00 51.00  ? 88  LYS A CA  1 
ATOM   524  C C   . LYS A 1 65  ? -13.291 -6.185  7.369   1.00 53.05  ? 88  LYS A C   1 
ATOM   525  O O   . LYS A 1 65  ? -12.436 -5.789  6.569   1.00 54.48  ? 88  LYS A O   1 
ATOM   526  C CB  . LYS A 1 65  ? -12.008 -7.872  8.654   1.00 53.78  ? 88  LYS A CB  1 
ATOM   527  C CG  . LYS A 1 65  ? -11.995 -9.127  9.489   1.00 57.03  ? 88  LYS A CG  1 
ATOM   528  C CD  . LYS A 1 65  ? -10.625 -9.321  10.113  1.00 61.22  ? 88  LYS A CD  1 
ATOM   529  C CE  . LYS A 1 65  ? -10.622 -10.482 11.098  1.00 62.92  ? 88  LYS A CE  1 
ATOM   530  N NZ  . LYS A 1 65  ? -11.358 -10.134 12.348  1.00 64.42  ? 88  LYS A NZ  1 
ATOM   531  N N   . PRO A 1 66  ? -14.270 -5.392  7.811   1.00 53.45  ? 89  PRO A N   1 
ATOM   532  C CA  . PRO A 1 66  ? -14.391 -3.988  7.426   1.00 54.51  ? 89  PRO A CA  1 
ATOM   533  C C   . PRO A 1 66  ? -13.029 -3.314  7.529   1.00 55.82  ? 89  PRO A C   1 
ATOM   534  O O   . PRO A 1 66  ? -12.652 -2.486  6.690   1.00 58.86  ? 89  PRO A O   1 
ATOM   535  C CB  . PRO A 1 66  ? -15.372 -3.455  8.447   1.00 51.26  ? 89  PRO A CB  1 
ATOM   536  C CG  . PRO A 1 66  ? -16.290 -4.604  8.592   1.00 52.23  ? 89  PRO A CG  1 
ATOM   537  C CD  . PRO A 1 66  ? -15.385 -5.790  8.684   1.00 52.93  ? 89  PRO A CD  1 
ATOM   538  N N   . GLU A 1 67  ? -12.308 -3.699  8.576   1.00 57.16  ? 90  GLU A N   1 
ATOM   539  C CA  . GLU A 1 67  ? -10.981 -3.197  8.896   1.00 57.11  ? 90  GLU A CA  1 
ATOM   540  C C   . GLU A 1 67  ? -10.042 -3.270  7.689   1.00 57.60  ? 90  GLU A C   1 
ATOM   541  O O   . GLU A 1 67  ? -9.333  -2.304  7.385   1.00 53.68  ? 90  GLU A O   1 
ATOM   542  C CB  . GLU A 1 67  ? -10.386 -4.028  10.040  1.00 59.06  ? 90  GLU A CB  1 
ATOM   543  C CG  . GLU A 1 67  ? -11.222 -4.103  11.331  1.00 64.56  ? 90  GLU A CG  1 
ATOM   544  C CD  . GLU A 1 67  ? -12.617 -4.733  11.157  1.00 68.29  ? 90  GLU A CD  1 
ATOM   545  O OE1 . GLU A 1 67  ? -12.716 -5.896  10.701  1.00 68.79  ? 90  GLU A OE1 1 
ATOM   546  O OE2 . GLU A 1 67  ? -13.618 -4.058  11.491  1.00 68.61  ? 90  GLU A OE2 1 
ATOM   547  N N   . THR A 1 68  ? -10.052 -4.410  7.000   1.00 58.68  ? 91  THR A N   1 
ATOM   548  C CA  . THR A 1 68  ? -9.171  -4.601  5.860   1.00 62.29  ? 91  THR A CA  1 
ATOM   549  C C   . THR A 1 68  ? -9.744  -4.428  4.455   1.00 64.16  ? 91  THR A C   1 
ATOM   550  O O   . THR A 1 68  ? -8.973  -4.369  3.494   1.00 64.75  ? 91  THR A O   1 
ATOM   551  C CB  . THR A 1 68  ? -8.508  -5.967  5.920   1.00 62.49  ? 91  THR A CB  1 
ATOM   552  O OG1 . THR A 1 68  ? -9.497  -6.976  5.730   1.00 64.81  ? 91  THR A OG1 1 
ATOM   553  C CG2 . THR A 1 68  ? -7.859  -6.173  7.263   1.00 65.59  ? 91  THR A CG2 1 
ATOM   554  N N   . GLN A 1 69  ? -11.068 -4.349  4.315   1.00 65.26  ? 92  GLN A N   1 
ATOM   555  C CA  . GLN A 1 69  ? -11.653 -4.179  2.979   1.00 65.71  ? 92  GLN A CA  1 
ATOM   556  C C   . GLN A 1 69  ? -10.896 -3.094  2.219   1.00 63.87  ? 92  GLN A C   1 
ATOM   557  O O   . GLN A 1 69  ? -10.760 -1.969  2.692   1.00 62.96  ? 92  GLN A O   1 
ATOM   558  C CB  . GLN A 1 69  ? -13.154 -3.824  3.061   1.00 67.82  ? 92  GLN A CB  1 
ATOM   559  C CG  . GLN A 1 69  ? -14.038 -4.984  3.567   1.00 73.07  ? 92  GLN A CG  1 
ATOM   560  C CD  . GLN A 1 69  ? -15.486 -4.587  3.885   1.00 76.35  ? 92  GLN A CD  1 
ATOM   561  O OE1 . GLN A 1 69  ? -15.740 -3.552  4.515   1.00 76.54  ? 92  GLN A OE1 1 
ATOM   562  N NE2 . GLN A 1 69  ? -16.438 -5.429  3.475   1.00 76.27  ? 92  GLN A NE2 1 
ATOM   563  N N   . GLY A 1 70  ? -10.366 -3.466  1.058   1.00 63.66  ? 93  GLY A N   1 
ATOM   564  C CA  . GLY A 1 70  ? -9.637  -2.532  0.224   1.00 62.73  ? 93  GLY A CA  1 
ATOM   565  C C   . GLY A 1 70  ? -8.137  -2.463  0.420   1.00 63.53  ? 93  GLY A C   1 
ATOM   566  O O   . GLY A 1 70  ? -7.420  -2.135  -0.518  1.00 66.59  ? 93  GLY A O   1 
ATOM   567  N N   . ARG A 1 71  ? -7.650  -2.782  1.613   1.00 63.27  ? 94  ARG A N   1 
ATOM   568  C CA  . ARG A 1 71  ? -6.217  -2.701  1.901   1.00 62.34  ? 94  ARG A CA  1 
ATOM   569  C C   . ARG A 1 71  ? -5.448  -4.008  1.714   1.00 61.46  ? 94  ARG A C   1 
ATOM   570  O O   . ARG A 1 71  ? -4.348  -4.009  1.173   1.00 61.70  ? 94  ARG A O   1 
ATOM   571  C CB  . ARG A 1 71  ? -6.042  -2.141  3.307   1.00 61.50  ? 94  ARG A CB  1 
ATOM   572  C CG  . ARG A 1 71  ? -6.706  -0.777  3.432   1.00 62.25  ? 94  ARG A CG  1 
ATOM   573  C CD  . ARG A 1 71  ? -7.093  -0.435  4.851   1.00 61.35  ? 94  ARG A CD  1 
ATOM   574  N NE  . ARG A 1 71  ? -5.972  -0.651  5.750   1.00 64.05  ? 94  ARG A NE  1 
ATOM   575  C CZ  . ARG A 1 71  ? -5.807  -1.738  6.489   1.00 63.27  ? 94  ARG A CZ  1 
ATOM   576  N NH1 . ARG A 1 71  ? -6.697  -2.713  6.455   1.00 64.75  ? 94  ARG A NH1 1 
ATOM   577  N NH2 . ARG A 1 71  ? -4.734  -1.864  7.241   1.00 64.66  ? 94  ARG A NH2 1 
ATOM   578  N N   . PHE A 1 72  ? -6.011  -5.119  2.163   1.00 60.11  ? 95  PHE A N   1 
ATOM   579  C CA  . PHE A 1 72  ? -5.364  -6.406  1.967   1.00 59.89  ? 95  PHE A CA  1 
ATOM   580  C C   . PHE A 1 72  ? -5.978  -6.961  0.692   1.00 61.69  ? 95  PHE A C   1 
ATOM   581  O O   . PHE A 1 72  ? -7.167  -7.225  0.658   1.00 62.34  ? 95  PHE A O   1 
ATOM   582  C CB  . PHE A 1 72  ? -5.663  -7.347  3.136   1.00 57.73  ? 95  PHE A CB  1 
ATOM   583  C CG  . PHE A 1 72  ? -4.954  -6.977  4.398   1.00 56.80  ? 95  PHE A CG  1 
ATOM   584  C CD1 . PHE A 1 72  ? -5.180  -5.752  5.002   1.00 55.06  ? 95  PHE A CD1 1 
ATOM   585  C CD2 . PHE A 1 72  ? -3.999  -7.825  4.949   1.00 57.67  ? 95  PHE A CD2 1 
ATOM   586  C CE1 . PHE A 1 72  ? -4.462  -5.365  6.135   1.00 54.13  ? 95  PHE A CE1 1 
ATOM   587  C CE2 . PHE A 1 72  ? -3.277  -7.448  6.083   1.00 56.40  ? 95  PHE A CE2 1 
ATOM   588  C CZ  . PHE A 1 72  ? -3.511  -6.209  6.675   1.00 54.53  ? 95  PHE A CZ  1 
ATOM   589  N N   . ARG A 1 73  ? -5.187  -7.140  -0.355  1.00 63.48  ? 96  ARG A N   1 
ATOM   590  C CA  . ARG A 1 73  ? -5.742  -7.645  -1.601  1.00 66.92  ? 96  ARG A CA  1 
ATOM   591  C C   . ARG A 1 73  ? -4.917  -8.757  -2.228  1.00 68.61  ? 96  ARG A C   1 
ATOM   592  O O   . ARG A 1 73  ? -3.728  -8.584  -2.474  1.00 71.23  ? 96  ARG A O   1 
ATOM   593  C CB  . ARG A 1 73  ? -5.890  -6.491  -2.598  1.00 69.15  ? 96  ARG A CB  1 
ATOM   594  C CG  . ARG A 1 73  ? -6.326  -5.201  -1.928  1.00 74.59  ? 96  ARG A CG  1 
ATOM   595  C CD  . ARG A 1 73  ? -7.081  -4.257  -2.849  1.00 79.97  ? 96  ARG A CD  1 
ATOM   596  N NE  . ARG A 1 73  ? -6.306  -3.867  -4.023  1.00 86.46  ? 96  ARG A NE  1 
ATOM   597  C CZ  . ARG A 1 73  ? -6.365  -2.667  -4.599  1.00 88.34  ? 96  ARG A CZ  1 
ATOM   598  N NH1 . ARG A 1 73  ? -7.166  -1.718  -4.111  1.00 87.66  ? 96  ARG A NH1 1 
ATOM   599  N NH2 . ARG A 1 73  ? -5.611  -2.414  -5.662  1.00 88.42  ? 96  ARG A NH2 1 
ATOM   600  N N   . LEU A 1 74  ? -5.550  -9.900  -2.485  1.00 69.38  ? 97  LEU A N   1 
ATOM   601  C CA  . LEU A 1 74  ? -4.863  -11.027 -3.108  1.00 69.26  ? 97  LEU A CA  1 
ATOM   602  C C   . LEU A 1 74  ? -4.547  -10.691 -4.562  1.00 71.52  ? 97  LEU A C   1 
ATOM   603  O O   . LEU A 1 74  ? -5.399  -10.165 -5.279  1.00 70.64  ? 97  LEU A O   1 
ATOM   604  C CB  . LEU A 1 74  ? -5.725  -12.284 -3.040  1.00 66.67  ? 97  LEU A CB  1 
ATOM   605  C CG  . LEU A 1 74  ? -5.787  -12.954 -1.671  1.00 66.53  ? 97  LEU A CG  1 
ATOM   606  C CD1 . LEU A 1 74  ? -6.760  -14.096 -1.694  1.00 66.38  ? 97  LEU A CD1 1 
ATOM   607  C CD2 . LEU A 1 74  ? -4.410  -13.453 -1.303  1.00 68.11  ? 97  LEU A CD2 1 
ATOM   608  N N   . LEU A 1 75  ? -3.325  -11.000 -4.995  1.00 74.04  ? 98  LEU A N   1 
ATOM   609  C CA  . LEU A 1 75  ? -2.895  -10.708 -6.361  1.00 75.46  ? 98  LEU A CA  1 
ATOM   610  C C   . LEU A 1 75  ? -2.836  -11.898 -7.297  1.00 76.69  ? 98  LEU A C   1 
ATOM   611  O O   . LEU A 1 75  ? -2.994  -13.052 -6.895  1.00 77.36  ? 98  LEU A O   1 
ATOM   612  C CB  . LEU A 1 75  ? -1.502  -10.086 -6.370  1.00 74.09  ? 98  LEU A CB  1 
ATOM   613  C CG  . LEU A 1 75  ? -1.199  -8.892  -5.476  1.00 76.28  ? 98  LEU A CG  1 
ATOM   614  C CD1 . LEU A 1 75  ? 0.253   -8.492  -5.734  1.00 75.22  ? 98  LEU A CD1 1 
ATOM   615  C CD2 . LEU A 1 75  ? -2.149  -7.724  -5.754  1.00 74.29  ? 98  LEU A CD2 1 
ATOM   616  N N   . GLY A 1 76  ? -2.578  -11.575 -8.557  1.00 77.92  ? 99  GLY A N   1 
ATOM   617  C CA  . GLY A 1 76  ? -2.425  -12.564 -9.598  1.00 79.27  ? 99  GLY A CA  1 
ATOM   618  C C   . GLY A 1 76  ? -3.463  -13.645 -9.711  1.00 80.81  ? 99  GLY A C   1 
ATOM   619  O O   . GLY A 1 76  ? -4.601  -13.504 -9.269  1.00 82.62  ? 99  GLY A O   1 
ATOM   620  N N   . ASP A 1 77  ? -3.037  -14.746 -10.311 1.00 82.68  ? 100 ASP A N   1 
ATOM   621  C CA  . ASP A 1 77  ? -3.894  -15.884 -10.559 1.00 85.15  ? 100 ASP A CA  1 
ATOM   622  C C   . ASP A 1 77  ? -3.732  -16.961 -9.505  1.00 84.69  ? 100 ASP A C   1 
ATOM   623  O O   . ASP A 1 77  ? -2.622  -17.332 -9.142  1.00 84.27  ? 100 ASP A O   1 
ATOM   624  C CB  . ASP A 1 77  ? -3.576  -16.449 -11.944 1.00 88.66  ? 100 ASP A CB  1 
ATOM   625  C CG  . ASP A 1 77  ? -4.769  -17.109 -12.594 1.00 91.40  ? 100 ASP A CG  1 
ATOM   626  O OD1 . ASP A 1 77  ? -5.875  -17.060 -12.003 1.00 92.94  ? 100 ASP A OD1 1 
ATOM   627  O OD2 . ASP A 1 77  ? -4.598  -17.670 -13.701 1.00 92.81  ? 100 ASP A OD2 1 
ATOM   628  N N   . VAL A 1 78  ? -4.862  -17.456 -9.016  1.00 84.73  ? 101 VAL A N   1 
ATOM   629  C CA  . VAL A 1 78  ? -4.876  -18.498 -8.003  1.00 83.93  ? 101 VAL A CA  1 
ATOM   630  C C   . VAL A 1 78  ? -4.747  -19.848 -8.704  1.00 83.04  ? 101 VAL A C   1 
ATOM   631  O O   . VAL A 1 78  ? -4.198  -20.806 -8.154  1.00 80.77  ? 101 VAL A O   1 
ATOM   632  C CB  . VAL A 1 78  ? -6.188  -18.422 -7.180  1.00 84.46  ? 101 VAL A CB  1 
ATOM   633  C CG1 . VAL A 1 78  ? -6.311  -19.617 -6.259  1.00 85.92  ? 101 VAL A CG1 1 
ATOM   634  C CG2 . VAL A 1 78  ? -6.204  -17.138 -6.364  1.00 83.66  ? 101 VAL A CG2 1 
ATOM   635  N N   . GLN A 1 79  ? -5.249  -19.909 -9.932  1.00 83.43  ? 102 GLN A N   1 
ATOM   636  C CA  . GLN A 1 79  ? -5.167  -21.128 -10.725 1.00 83.97  ? 102 GLN A CA  1 
ATOM   637  C C   . GLN A 1 79  ? -3.685  -21.365 -10.997 1.00 84.72  ? 102 GLN A C   1 
ATOM   638  O O   . GLN A 1 79  ? -3.300  -22.392 -11.556 1.00 86.48  ? 102 GLN A O   1 
ATOM   639  C CB  . GLN A 1 79  ? -5.863  -20.950 -12.072 1.00 84.32  ? 102 GLN A CB  1 
ATOM   640  C CG  . GLN A 1 79  ? -7.247  -20.329 -12.028 1.00 85.80  ? 102 GLN A CG  1 
ATOM   641  C CD  . GLN A 1 79  ? -8.287  -21.259 -11.445 1.00 87.07  ? 102 GLN A CD  1 
ATOM   642  O OE1 . GLN A 1 79  ? -8.259  -22.473 -11.685 1.00 87.00  ? 102 GLN A OE1 1 
ATOM   643  N NE2 . GLN A 1 79  ? -9.225  -20.695 -10.683 1.00 87.02  ? 102 GLN A NE2 1 
ATOM   644  N N   . LYS A 1 80  ? -2.860  -20.394 -10.609 1.00 83.07  ? 103 LYS A N   1 
ATOM   645  C CA  . LYS A 1 80  ? -1.431  -20.470 -10.834 1.00 79.65  ? 103 LYS A CA  1 
ATOM   646  C C   . LYS A 1 80  ? -0.624  -20.314 -9.559  1.00 77.86  ? 103 LYS A C   1 
ATOM   647  O O   . LYS A 1 80  ? 0.329   -19.546 -9.498  1.00 78.16  ? 103 LYS A O   1 
ATOM   648  C CB  . LYS A 1 80  ? -1.055  -19.428 -11.886 1.00 82.03  ? 103 LYS A CB  1 
ATOM   649  C CG  . LYS A 1 80  ? -1.610  -19.805 -13.268 1.00 85.38  ? 103 LYS A CG  1 
ATOM   650  C CD  . LYS A 1 80  ? -1.618  -18.668 -14.294 1.00 86.27  ? 103 LYS A CD  1 
ATOM   651  C CE  . LYS A 1 80  ? -2.218  -19.157 -15.622 1.00 86.61  ? 103 LYS A CE  1 
ATOM   652  N NZ  . LYS A 1 80  ? -2.467  -18.076 -16.631 1.00 86.31  ? 103 LYS A NZ  1 
ATOM   653  N N   . LYS A 1 81  ? -1.036  -21.054 -8.536  1.00 76.91  ? 104 LYS A N   1 
ATOM   654  C CA  . LYS A 1 81  ? -0.384  -21.068 -7.224  1.00 75.63  ? 104 LYS A CA  1 
ATOM   655  C C   . LYS A 1 81  ? -0.088  -19.703 -6.592  1.00 74.53  ? 104 LYS A C   1 
ATOM   656  O O   . LYS A 1 81  ? 0.761   -19.610 -5.696  1.00 75.91  ? 104 LYS A O   1 
ATOM   657  C CB  . LYS A 1 81  ? 0.912   -21.881 -7.327  1.00 76.70  ? 104 LYS A CB  1 
ATOM   658  C CG  . LYS A 1 81  ? 0.710   -23.212 -8.071  1.00 79.85  ? 104 LYS A CG  1 
ATOM   659  C CD  . LYS A 1 81  ? 1.699   -24.305 -7.664  1.00 80.95  ? 104 LYS A CD  1 
ATOM   660  C CE  . LYS A 1 81  ? 1.236   -25.674 -8.196  1.00 83.82  ? 104 LYS A CE  1 
ATOM   661  N NZ  . LYS A 1 81  ? 1.911   -26.849 -7.551  1.00 82.13  ? 104 LYS A NZ  1 
ATOM   662  N N   . ASN A 1 82  ? -0.807  -18.660 -7.001  1.00 70.99  ? 105 ASN A N   1 
ATOM   663  C CA  . ASN A 1 82  ? -0.531  -17.327 -6.474  1.00 70.48  ? 105 ASN A CA  1 
ATOM   664  C C   . ASN A 1 82  ? -1.385  -16.841 -5.310  1.00 69.96  ? 105 ASN A C   1 
ATOM   665  O O   . ASN A 1 82  ? -2.576  -16.571 -5.474  1.00 72.24  ? 105 ASN A O   1 
ATOM   666  C CB  . ASN A 1 82  ? -0.579  -16.310 -7.613  1.00 69.79  ? 105 ASN A CB  1 
ATOM   667  C CG  . ASN A 1 82  ? 0.064   -14.994 -7.236  1.00 70.54  ? 105 ASN A CG  1 
ATOM   668  O OD1 . ASN A 1 82  ? 0.792   -14.912 -6.243  1.00 71.26  ? 105 ASN A OD1 1 
ATOM   669  N ND2 . ASN A 1 82  ? -0.179  -13.960 -8.035  1.00 68.86  ? 105 ASN A ND2 1 
ATOM   670  N N   . CYS A 1 83  ? -0.768  -16.718 -4.135  1.00 68.36  ? 106 CYS A N   1 
ATOM   671  C CA  . CYS A 1 83  ? -1.472  -16.273 -2.932  1.00 68.18  ? 106 CYS A CA  1 
ATOM   672  C C   . CYS A 1 83  ? -0.849  -15.021 -2.373  1.00 68.48  ? 106 CYS A C   1 
ATOM   673  O O   . CYS A 1 83  ? -0.869  -14.793 -1.169  1.00 68.46  ? 106 CYS A O   1 
ATOM   674  C CB  . CYS A 1 83  ? -1.419  -17.350 -1.868  1.00 68.60  ? 106 CYS A CB  1 
ATOM   675  S SG  . CYS A 1 83  ? 0.203   -18.152 -1.705  1.00 71.42  ? 106 CYS A SG  1 
ATOM   676  N N   . SER A 1 84  ? -0.329  -14.191 -3.264  1.00 69.06  ? 107 SER A N   1 
ATOM   677  C CA  . SER A 1 84  ? 0.355   -12.972 -2.874  1.00 67.51  ? 107 SER A CA  1 
ATOM   678  C C   . SER A 1 84  ? -0.520  -11.905 -2.257  1.00 66.97  ? 107 SER A C   1 
ATOM   679  O O   . SER A 1 84  ? -1.264  -11.208 -2.949  1.00 65.72  ? 107 SER A O   1 
ATOM   680  C CB  . SER A 1 84  ? 1.096   -12.425 -4.082  1.00 67.19  ? 107 SER A CB  1 
ATOM   681  O OG  . SER A 1 84  ? 1.741   -13.504 -4.735  1.00 66.55  ? 107 SER A OG  1 
ATOM   682  N N   . LEU A 1 85  ? -0.393  -11.768 -0.941  1.00 67.09  ? 108 LEU A N   1 
ATOM   683  C CA  . LEU A 1 85  ? -1.166  -10.792 -0.197  1.00 68.44  ? 108 LEU A CA  1 
ATOM   684  C C   . LEU A 1 85  ? -0.603  -9.388  -0.300  1.00 70.94  ? 108 LEU A C   1 
ATOM   685  O O   . LEU A 1 85  ? 0.355   -9.053  0.396   1.00 73.48  ? 108 LEU A O   1 
ATOM   686  C CB  . LEU A 1 85  ? -1.249  -11.168 1.287   1.00 65.68  ? 108 LEU A CB  1 
ATOM   687  C CG  . LEU A 1 85  ? -2.306  -10.314 2.016   1.00 67.01  ? 108 LEU A CG  1 
ATOM   688  C CD1 . LEU A 1 85  ? -3.687  -10.742 1.527   1.00 64.35  ? 108 LEU A CD1 1 
ATOM   689  C CD2 . LEU A 1 85  ? -2.207  -10.453 3.523   1.00 61.25  ? 108 LEU A CD2 1 
ATOM   690  N N   . SER A 1 86  ? -1.189  -8.561  -1.162  1.00 71.80  ? 109 SER A N   1 
ATOM   691  C CA  . SER A 1 86  ? -0.733  -7.182  -1.279  1.00 71.63  ? 109 SER A CA  1 
ATOM   692  C C   . SER A 1 86  ? -1.331  -6.352  -0.144  1.00 71.45  ? 109 SER A C   1 
ATOM   693  O O   . SER A 1 86  ? -2.513  -6.001  -0.183  1.00 72.23  ? 109 SER A O   1 
ATOM   694  C CB  . SER A 1 86  ? -1.164  -6.573  -2.602  1.00 70.86  ? 109 SER A CB  1 
ATOM   695  O OG  . SER A 1 86  ? -1.048  -5.160  -2.527  1.00 73.78  ? 109 SER A OG  1 
ATOM   696  N N   . ILE A 1 87  ? -0.523  -6.039  0.864   1.00 69.62  ? 110 ILE A N   1 
ATOM   697  C CA  . ILE A 1 87  ? -1.006  -5.248  1.987   1.00 69.68  ? 110 ILE A CA  1 
ATOM   698  C C   . ILE A 1 87  ? -0.863  -3.781  1.655   1.00 69.33  ? 110 ILE A C   1 
ATOM   699  O O   . ILE A 1 87  ? 0.216   -3.339  1.281   1.00 70.46  ? 110 ILE A O   1 
ATOM   700  C CB  . ILE A 1 87  ? -0.199  -5.539  3.256   1.00 70.81  ? 110 ILE A CB  1 
ATOM   701  C CG1 . ILE A 1 87  ? -0.137  -7.045  3.478   1.00 70.65  ? 110 ILE A CG1 1 
ATOM   702  C CG2 . ILE A 1 87  ? -0.850  -4.863  4.459   1.00 67.66  ? 110 ILE A CG2 1 
ATOM   703  C CD1 . ILE A 1 87  ? 0.939   -7.461  4.425   1.00 69.43  ? 110 ILE A CD1 1 
ATOM   704  N N   . GLY A 1 88  ? -1.944  -3.024  1.801   1.00 69.51  ? 111 GLY A N   1 
ATOM   705  C CA  . GLY A 1 88  ? -1.894  -1.611  1.474   1.00 70.01  ? 111 GLY A CA  1 
ATOM   706  C C   . GLY A 1 88  ? -2.335  -0.680  2.581   1.00 71.12  ? 111 GLY A C   1 
ATOM   707  O O   . GLY A 1 88  ? -3.217  -1.009  3.380   1.00 73.85  ? 111 GLY A O   1 
ATOM   708  N N   . ASP A 1 89  ? -1.724  0.499   2.615   1.00 70.65  ? 112 ASP A N   1 
ATOM   709  C CA  . ASP A 1 89  ? -2.027  1.506   3.618   1.00 70.39  ? 112 ASP A CA  1 
ATOM   710  C C   . ASP A 1 89  ? -1.871  0.948   5.015   1.00 71.10  ? 112 ASP A C   1 
ATOM   711  O O   . ASP A 1 89  ? -2.737  1.137   5.869   1.00 70.61  ? 112 ASP A O   1 
ATOM   712  C CB  . ASP A 1 89  ? -3.446  2.028   3.463   1.00 71.28  ? 112 ASP A CB  1 
ATOM   713  C CG  . ASP A 1 89  ? -3.744  3.154   4.424   1.00 73.19  ? 112 ASP A CG  1 
ATOM   714  O OD1 . ASP A 1 89  ? -3.053  4.190   4.333   1.00 73.63  ? 112 ASP A OD1 1 
ATOM   715  O OD2 . ASP A 1 89  ? -4.655  3.007   5.276   1.00 75.27  ? 112 ASP A OD2 1 
ATOM   716  N N   . ALA A 1 90  ? -0.760  0.250   5.236   1.00 71.72  ? 113 ALA A N   1 
ATOM   717  C CA  . ALA A 1 90  ? -0.470  -0.338  6.528   1.00 70.84  ? 113 ALA A CA  1 
ATOM   718  C C   . ALA A 1 90  ? -1.047  0.540   7.627   1.00 72.21  ? 113 ALA A C   1 
ATOM   719  O O   . ALA A 1 90  ? -1.054  1.768   7.530   1.00 70.83  ? 113 ALA A O   1 
ATOM   720  C CB  . ALA A 1 90  ? 1.031   -0.487  6.702   1.00 70.56  ? 113 ALA A CB  1 
ATOM   721  N N   . ARG A 1 91  ? -1.573  -0.111  8.654   1.00 74.57  ? 114 ARG A N   1 
ATOM   722  C CA  . ARG A 1 91  ? -2.151  0.568   9.800   1.00 76.32  ? 114 ARG A CA  1 
ATOM   723  C C   . ARG A 1 91  ? -1.537  -0.150  10.983  1.00 77.32  ? 114 ARG A C   1 
ATOM   724  O O   . ARG A 1 91  ? -1.399  -1.372  10.969  1.00 77.30  ? 114 ARG A O   1 
ATOM   725  C CB  . ARG A 1 91  ? -3.675  0.408   9.822   1.00 76.34  ? 114 ARG A CB  1 
ATOM   726  C CG  . ARG A 1 91  ? -4.383  0.912   8.579   1.00 78.46  ? 114 ARG A CG  1 
ATOM   727  C CD  . ARG A 1 91  ? -5.333  2.054   8.903   1.00 83.96  ? 114 ARG A CD  1 
ATOM   728  N NE  . ARG A 1 91  ? -6.638  1.898   8.255   1.00 88.00  ? 114 ARG A NE  1 
ATOM   729  C CZ  . ARG A 1 91  ? -7.558  0.998   8.614   1.00 90.63  ? 114 ARG A CZ  1 
ATOM   730  N NH1 . ARG A 1 91  ? -7.323  0.163   9.626   1.00 90.93  ? 114 ARG A NH1 1 
ATOM   731  N NH2 . ARG A 1 91  ? -8.719  0.929   7.965   1.00 89.67  ? 114 ARG A NH2 1 
ATOM   732  N N   . MET A 1 92  ? -1.154  0.604   12.001  1.00 79.79  ? 115 MET A N   1 
ATOM   733  C CA  . MET A 1 92  ? -0.537  0.013   13.180  1.00 81.36  ? 115 MET A CA  1 
ATOM   734  C C   . MET A 1 92  ? -1.279  -1.255  13.607  1.00 81.20  ? 115 MET A C   1 
ATOM   735  O O   . MET A 1 92  ? -0.655  -2.278  13.894  1.00 82.06  ? 115 MET A O   1 
ATOM   736  C CB  . MET A 1 92  ? -0.521  1.037   14.322  1.00 83.35  ? 115 MET A CB  1 
ATOM   737  C CG  . MET A 1 92  ? 0.805   1.125   15.079  1.00 86.88  ? 115 MET A CG  1 
ATOM   738  S SD  . MET A 1 92  ? 2.264   1.498   14.044  1.00 90.93  ? 115 MET A SD  1 
ATOM   739  C CE  . MET A 1 92  ? 1.976   3.226   13.658  1.00 88.47  ? 115 MET A CE  1 
ATOM   740  N N   . GLU A 1 93  ? -2.609  -1.187  13.615  1.00 79.49  ? 116 GLU A N   1 
ATOM   741  C CA  . GLU A 1 93  ? -3.464  -2.309  14.011  1.00 78.44  ? 116 GLU A CA  1 
ATOM   742  C C   . GLU A 1 93  ? -3.210  -3.612  13.259  1.00 77.00  ? 116 GLU A C   1 
ATOM   743  O O   . GLU A 1 93  ? -3.418  -4.692  13.801  1.00 76.03  ? 116 GLU A O   1 
ATOM   744  C CB  . GLU A 1 93  ? -4.942  -1.945  13.837  1.00 79.70  ? 116 GLU A CB  1 
ATOM   745  C CG  . GLU A 1 93  ? -5.429  -0.736  14.621  1.00 83.76  ? 116 GLU A CG  1 
ATOM   746  C CD  . GLU A 1 93  ? -4.685  0.549   14.276  1.00 87.65  ? 116 GLU A CD  1 
ATOM   747  O OE1 . GLU A 1 93  ? -4.145  0.651   13.146  1.00 90.18  ? 116 GLU A OE1 1 
ATOM   748  O OE2 . GLU A 1 93  ? -4.650  1.467   15.131  1.00 87.71  ? 116 GLU A OE2 1 
ATOM   749  N N   . ASP A 1 94  ? -2.769  -3.520  12.010  1.00 76.21  ? 117 ASP A N   1 
ATOM   750  C CA  . ASP A 1 94  ? -2.539  -4.725  11.218  1.00 75.96  ? 117 ASP A CA  1 
ATOM   751  C C   . ASP A 1 94  ? -1.424  -5.592  11.748  1.00 74.62  ? 117 ASP A C   1 
ATOM   752  O O   . ASP A 1 94  ? -1.233  -6.713  11.274  1.00 74.43  ? 117 ASP A O   1 
ATOM   753  C CB  . ASP A 1 94  ? -2.214  -4.383  9.767   1.00 76.95  ? 117 ASP A CB  1 
ATOM   754  C CG  . ASP A 1 94  ? -3.207  -3.440  9.162   1.00 77.05  ? 117 ASP A CG  1 
ATOM   755  O OD1 . ASP A 1 94  ? -4.418  -3.600  9.422   1.00 76.26  ? 117 ASP A OD1 1 
ATOM   756  O OD2 . ASP A 1 94  ? -2.764  -2.542  8.419   1.00 77.90  ? 117 ASP A OD2 1 
ATOM   757  N N   . THR A 1 95  ? -0.681  -5.081  12.720  1.00 73.53  ? 118 THR A N   1 
ATOM   758  C CA  . THR A 1 95  ? 0.426   -5.855  13.260  1.00 72.17  ? 118 THR A CA  1 
ATOM   759  C C   . THR A 1 95  ? -0.122  -7.178  13.785  1.00 70.15  ? 118 THR A C   1 
ATOM   760  O O   . THR A 1 95  ? -1.101  -7.191  14.532  1.00 69.83  ? 118 THR A O   1 
ATOM   761  C CB  . THR A 1 95  ? 1.147   -5.101  14.409  1.00 74.20  ? 118 THR A CB  1 
ATOM   762  O OG1 . THR A 1 95  ? 1.316   -3.716  14.059  1.00 73.78  ? 118 THR A OG1 1 
ATOM   763  C CG2 . THR A 1 95  ? 2.525   -5.721  14.660  1.00 72.63  ? 118 THR A CG2 1 
ATOM   764  N N   . GLY A 1 96  ? 0.487   -8.290  13.378  1.00 67.05  ? 119 GLY A N   1 
ATOM   765  C CA  . GLY A 1 96  ? 0.009   -9.569  13.865  1.00 63.94  ? 119 GLY A CA  1 
ATOM   766  C C   . GLY A 1 96  ? 0.379   -10.791 13.054  1.00 63.01  ? 119 GLY A C   1 
ATOM   767  O O   . GLY A 1 96  ? 1.166   -10.721 12.113  1.00 62.22  ? 119 GLY A O   1 
ATOM   768  N N   . SER A 1 97  ? -0.188  -11.928 13.445  1.00 61.93  ? 120 SER A N   1 
ATOM   769  C CA  . SER A 1 97  ? 0.051   -13.183 12.756  1.00 60.55  ? 120 SER A CA  1 
ATOM   770  C C   . SER A 1 97  ? -1.144  -13.448 11.814  1.00 59.03  ? 120 SER A C   1 
ATOM   771  O O   . SER A 1 97  ? -2.258  -12.971 12.075  1.00 56.93  ? 120 SER A O   1 
ATOM   772  C CB  . SER A 1 97  ? 0.202   -14.301 13.782  1.00 60.15  ? 120 SER A CB  1 
ATOM   773  O OG  . SER A 1 97  ? 0.559   -15.518 13.148  1.00 64.36  ? 120 SER A OG  1 
ATOM   774  N N   . TYR A 1 98  ? -0.909  -14.200 10.736  1.00 56.04  ? 121 TYR A N   1 
ATOM   775  C CA  . TYR A 1 98  ? -1.946  -14.485 9.744   1.00 57.03  ? 121 TYR A CA  1 
ATOM   776  C C   . TYR A 1 98  ? -1.746  -15.824 9.062   1.00 56.89  ? 121 TYR A C   1 
ATOM   777  O O   . TYR A 1 98  ? -0.636  -16.099 8.619   1.00 61.76  ? 121 TYR A O   1 
ATOM   778  C CB  . TYR A 1 98  ? -1.938  -13.432 8.605   1.00 56.45  ? 121 TYR A CB  1 
ATOM   779  C CG  . TYR A 1 98  ? -2.269  -12.001 8.979   1.00 56.08  ? 121 TYR A CG  1 
ATOM   780  C CD1 . TYR A 1 98  ? -1.285  -11.133 9.453   1.00 54.64  ? 121 TYR A CD1 1 
ATOM   781  C CD2 . TYR A 1 98  ? -3.582  -11.525 8.899   1.00 56.85  ? 121 TYR A CD2 1 
ATOM   782  C CE1 . TYR A 1 98  ? -1.604  -9.821  9.846   1.00 56.13  ? 121 TYR A CE1 1 
ATOM   783  C CE2 . TYR A 1 98  ? -3.911  -10.221 9.291   1.00 56.00  ? 121 TYR A CE2 1 
ATOM   784  C CZ  . TYR A 1 98  ? -2.920  -9.377  9.764   1.00 55.91  ? 121 TYR A CZ  1 
ATOM   785  O OH  . TYR A 1 98  ? -3.242  -8.100  10.168  1.00 55.48  ? 121 TYR A OH  1 
ATOM   786  N N   . PHE A 1 99  ? -2.794  -16.642 8.936   1.00 53.77  ? 122 PHE A N   1 
ATOM   787  C CA  . PHE A 1 99  ? -2.648  -17.900 8.209   1.00 52.62  ? 122 PHE A CA  1 
ATOM   788  C C   . PHE A 1 99  ? -3.483  -17.927 6.927   1.00 53.34  ? 122 PHE A C   1 
ATOM   789  O O   . PHE A 1 99  ? -4.456  -17.181 6.786   1.00 55.22  ? 122 PHE A O   1 
ATOM   790  C CB  . PHE A 1 99  ? -2.986  -19.108 9.076   1.00 51.16  ? 122 PHE A CB  1 
ATOM   791  C CG  . PHE A 1 99  ? -4.411  -19.165 9.533   1.00 50.76  ? 122 PHE A CG  1 
ATOM   792  C CD1 . PHE A 1 99  ? -4.890  -18.274 10.490  1.00 50.24  ? 122 PHE A CD1 1 
ATOM   793  C CD2 . PHE A 1 99  ? -5.265  -20.136 9.034   1.00 48.21  ? 122 PHE A CD2 1 
ATOM   794  C CE1 . PHE A 1 99  ? -6.191  -18.358 10.937  1.00 48.50  ? 122 PHE A CE1 1 
ATOM   795  C CE2 . PHE A 1 99  ? -6.561  -20.229 9.474   1.00 44.91  ? 122 PHE A CE2 1 
ATOM   796  C CZ  . PHE A 1 99  ? -7.031  -19.337 10.428  1.00 46.04  ? 122 PHE A CZ  1 
ATOM   797  N N   . PHE A 1 100 ? -3.080  -18.791 6.000   1.00 51.90  ? 123 PHE A N   1 
ATOM   798  C CA  . PHE A 1 100 ? -3.702  -18.952 4.688   1.00 50.73  ? 123 PHE A CA  1 
ATOM   799  C C   . PHE A 1 100 ? -4.538  -20.218 4.689   1.00 52.65  ? 123 PHE A C   1 
ATOM   800  O O   . PHE A 1 100 ? -4.363  -21.069 5.562   1.00 54.26  ? 123 PHE A O   1 
ATOM   801  C CB  . PHE A 1 100 ? -2.599  -19.084 3.636   1.00 49.56  ? 123 PHE A CB  1 
ATOM   802  C CG  . PHE A 1 100 ? -3.094  -19.175 2.221   1.00 47.13  ? 123 PHE A CG  1 
ATOM   803  C CD1 . PHE A 1 100 ? -3.630  -18.064 1.577   1.00 44.38  ? 123 PHE A CD1 1 
ATOM   804  C CD2 . PHE A 1 100 ? -2.970  -20.353 1.512   1.00 43.94  ? 123 PHE A CD2 1 
ATOM   805  C CE1 . PHE A 1 100 ? -4.019  -18.137 0.261   1.00 41.07  ? 123 PHE A CE1 1 
ATOM   806  C CE2 . PHE A 1 100 ? -3.364  -20.427 0.181   1.00 41.51  ? 123 PHE A CE2 1 
ATOM   807  C CZ  . PHE A 1 100 ? -3.887  -19.309 -0.438  1.00 40.03  ? 123 PHE A CZ  1 
ATOM   808  N N   . ARG A 1 101 ? -5.418  -20.361 3.700   1.00 53.06  ? 124 ARG A N   1 
ATOM   809  C CA  . ARG A 1 101 ? -6.280  -21.540 3.623   1.00 53.42  ? 124 ARG A CA  1 
ATOM   810  C C   . ARG A 1 101 ? -6.781  -21.768 2.210   1.00 53.71  ? 124 ARG A C   1 
ATOM   811  O O   . ARG A 1 101 ? -6.929  -20.823 1.435   1.00 54.13  ? 124 ARG A O   1 
ATOM   812  C CB  . ARG A 1 101 ? -7.485  -21.355 4.548   1.00 52.49  ? 124 ARG A CB  1 
ATOM   813  C CG  . ARG A 1 101 ? -8.328  -22.600 4.791   1.00 56.11  ? 124 ARG A CG  1 
ATOM   814  C CD  . ARG A 1 101 ? -9.315  -22.340 5.942   1.00 59.88  ? 124 ARG A CD  1 
ATOM   815  N NE  . ARG A 1 101 ? -9.781  -23.550 6.620   1.00 61.70  ? 124 ARG A NE  1 
ATOM   816  C CZ  . ARG A 1 101 ? -10.603 -24.439 6.080   1.00 65.58  ? 124 ARG A CZ  1 
ATOM   817  N NH1 . ARG A 1 101 ? -11.047 -24.251 4.852   1.00 69.15  ? 124 ARG A NH1 1 
ATOM   818  N NH2 . ARG A 1 101 ? -10.988 -25.512 6.761   1.00 66.88  ? 124 ARG A NH2 1 
ATOM   819  N N   . VAL A 1 102 ? -7.017  -23.026 1.867   1.00 53.05  ? 125 VAL A N   1 
ATOM   820  C CA  . VAL A 1 102 ? -7.557  -23.346 0.562   1.00 53.88  ? 125 VAL A CA  1 
ATOM   821  C C   . VAL A 1 102 ? -8.803  -24.147 0.832   1.00 55.06  ? 125 VAL A C   1 
ATOM   822  O O   . VAL A 1 102 ? -8.983  -24.700 1.921   1.00 55.44  ? 125 VAL A O   1 
ATOM   823  C CB  . VAL A 1 102 ? -6.616  -24.203 -0.308  1.00 52.67  ? 125 VAL A CB  1 
ATOM   824  C CG1 . VAL A 1 102 ? -5.328  -23.484 -0.527  1.00 56.04  ? 125 VAL A CG1 1 
ATOM   825  C CG2 . VAL A 1 102 ? -6.378  -25.527 0.327   1.00 54.86  ? 125 VAL A CG2 1 
ATOM   826  N N   . GLU A 1 103 ? -9.670  -24.195 -0.162  1.00 54.93  ? 126 GLU A N   1 
ATOM   827  C CA  . GLU A 1 103 ? -10.904 -24.945 -0.053  1.00 55.89  ? 126 GLU A CA  1 
ATOM   828  C C   . GLU A 1 103 ? -11.304 -25.235 -1.462  1.00 56.50  ? 126 GLU A C   1 
ATOM   829  O O   . GLU A 1 103 ? -11.487 -24.318 -2.250  1.00 58.94  ? 126 GLU A O   1 
ATOM   830  C CB  . GLU A 1 103 ? -11.981 -24.105 0.614   1.00 57.31  ? 126 GLU A CB  1 
ATOM   831  C CG  . GLU A 1 103 ? -12.159 -24.348 2.095   1.00 57.39  ? 126 GLU A CG  1 
ATOM   832  C CD  . GLU A 1 103 ? -13.065 -23.323 2.722   1.00 58.50  ? 126 GLU A CD  1 
ATOM   833  O OE1 . GLU A 1 103 ? -14.070 -22.953 2.072   1.00 61.06  ? 126 GLU A OE1 1 
ATOM   834  O OE2 . GLU A 1 103 ? -12.780 -22.884 3.860   1.00 61.00  ? 126 GLU A OE2 1 
ATOM   835  N N   . ARG A 1 104 ? -11.388 -26.506 -1.812  1.00 57.46  ? 127 ARG A N   1 
ATOM   836  C CA  . ARG A 1 104 ? -11.803 -26.854 -3.154  1.00 59.91  ? 127 ARG A CA  1 
ATOM   837  C C   . ARG A 1 104 ? -12.570 -28.152 -3.035  1.00 63.12  ? 127 ARG A C   1 
ATOM   838  O O   . ARG A 1 104 ? -12.033 -29.150 -2.551  1.00 63.70  ? 127 ARG A O   1 
ATOM   839  C CB  . ARG A 1 104 ? -10.604 -27.009 -4.085  1.00 59.54  ? 127 ARG A CB  1 
ATOM   840  C CG  . ARG A 1 104 ? -11.040 -27.218 -5.496  1.00 62.26  ? 127 ARG A CG  1 
ATOM   841  C CD  . ARG A 1 104 ? -10.004 -26.896 -6.541  1.00 65.83  ? 127 ARG A CD  1 
ATOM   842  N NE  . ARG A 1 104 ? -10.682 -26.776 -7.831  1.00 71.04  ? 127 ARG A NE  1 
ATOM   843  C CZ  . ARG A 1 104 ? -10.090 -26.837 -9.022  1.00 73.00  ? 127 ARG A CZ  1 
ATOM   844  N NH1 . ARG A 1 104 ? -8.780  -27.020 -9.109  1.00 73.90  ? 127 ARG A NH1 1 
ATOM   845  N NH2 . ARG A 1 104 ? -10.820 -26.720 -10.127 1.00 72.12  ? 127 ARG A NH2 1 
ATOM   846  N N   . GLY A 1 105 ? -13.838 -28.136 -3.442  1.00 64.86  ? 128 GLY A N   1 
ATOM   847  C CA  . GLY A 1 105 ? -14.641 -29.340 -3.328  1.00 68.72  ? 128 GLY A CA  1 
ATOM   848  C C   . GLY A 1 105 ? -14.959 -29.636 -1.868  1.00 71.00  ? 128 GLY A C   1 
ATOM   849  O O   . GLY A 1 105 ? -14.909 -28.741 -1.014  1.00 69.70  ? 128 GLY A O   1 
ATOM   850  N N   . ARG A 1 106 ? -15.264 -30.894 -1.563  1.00 72.58  ? 129 ARG A N   1 
ATOM   851  C CA  . ARG A 1 106 ? -15.616 -31.254 -0.199  1.00 75.96  ? 129 ARG A CA  1 
ATOM   852  C C   . ARG A 1 106 ? -14.444 -31.714 0.656   1.00 78.36  ? 129 ARG A C   1 
ATOM   853  O O   . ARG A 1 106 ? -14.443 -31.503 1.871   1.00 77.18  ? 129 ARG A O   1 
ATOM   854  C CB  . ARG A 1 106 ? -16.705 -32.336 -0.215  1.00 76.02  ? 129 ARG A CB  1 
ATOM   855  N N   . ASP A 1 107 ? -13.445 -32.328 0.020   1.00 81.49  ? 130 ASP A N   1 
ATOM   856  C CA  . ASP A 1 107 ? -12.283 -32.862 0.737   1.00 83.74  ? 130 ASP A CA  1 
ATOM   857  C C   . ASP A 1 107 ? -11.012 -32.019 0.855   1.00 83.67  ? 130 ASP A C   1 
ATOM   858  O O   . ASP A 1 107 ? -10.159 -32.318 1.696   1.00 84.78  ? 130 ASP A O   1 
ATOM   859  C CB  . ASP A 1 107 ? -11.911 -34.238 0.172   1.00 86.57  ? 130 ASP A CB  1 
ATOM   860  C CG  . ASP A 1 107 ? -12.932 -35.304 0.523   1.00 88.96  ? 130 ASP A CG  1 
ATOM   861  O OD1 . ASP A 1 107 ? -13.390 -35.317 1.686   1.00 89.86  ? 130 ASP A OD1 1 
ATOM   862  O OD2 . ASP A 1 107 ? -13.269 -36.133 -0.353  1.00 91.24  ? 130 ASP A OD2 1 
ATOM   863  N N   . VAL A 1 108 ? -10.852 -30.995 0.025   1.00 81.77  ? 131 VAL A N   1 
ATOM   864  C CA  . VAL A 1 108 ? -9.666  -30.160 0.144   1.00 79.24  ? 131 VAL A CA  1 
ATOM   865  C C   . VAL A 1 108 ? -10.013 -28.977 1.039   1.00 78.65  ? 131 VAL A C   1 
ATOM   866  O O   . VAL A 1 108 ? -10.742 -28.070 0.645   1.00 78.40  ? 131 VAL A O   1 
ATOM   867  C CB  . VAL A 1 108 ? -9.166  -29.659 -1.233  1.00 78.58  ? 131 VAL A CB  1 
ATOM   868  C CG1 . VAL A 1 108 ? -8.012  -28.689 -1.046  1.00 77.08  ? 131 VAL A CG1 1 
ATOM   869  C CG2 . VAL A 1 108 ? -8.710  -30.842 -2.080  1.00 76.89  ? 131 VAL A CG2 1 
ATOM   870  N N   . LYS A 1 109 ? -9.503  -29.021 2.262   1.00 77.85  ? 132 LYS A N   1 
ATOM   871  C CA  . LYS A 1 109 ? -9.737  -27.977 3.249   1.00 78.14  ? 132 LYS A CA  1 
ATOM   872  C C   . LYS A 1 109 ? -8.565  -27.966 4.213   1.00 78.19  ? 132 LYS A C   1 
ATOM   873  O O   . LYS A 1 109 ? -8.370  -28.920 4.964   1.00 77.30  ? 132 LYS A O   1 
ATOM   874  C CB  . LYS A 1 109 ? -11.014 -28.253 4.038   1.00 77.37  ? 132 LYS A CB  1 
ATOM   875  C CG  . LYS A 1 109 ? -12.268 -28.174 3.222   1.00 78.96  ? 132 LYS A CG  1 
ATOM   876  C CD  . LYS A 1 109 ? -13.483 -28.441 4.070   1.00 81.04  ? 132 LYS A CD  1 
ATOM   877  C CE  . LYS A 1 109 ? -14.736 -28.110 3.297   1.00 84.50  ? 132 LYS A CE  1 
ATOM   878  N NZ  . LYS A 1 109 ? -14.743 -28.813 1.980   1.00 86.90  ? 132 LYS A NZ  1 
ATOM   879  N N   . TYR A 1 110 ? -7.783  -26.893 4.200   1.00 77.54  ? 133 TYR A N   1 
ATOM   880  C CA  . TYR A 1 110 ? -6.655  -26.848 5.096   1.00 76.57  ? 133 TYR A CA  1 
ATOM   881  C C   . TYR A 1 110 ? -6.079  -25.475 5.324   1.00 74.98  ? 133 TYR A C   1 
ATOM   882  O O   . TYR A 1 110 ? -5.931  -24.696 4.386   1.00 75.47  ? 133 TYR A O   1 
ATOM   883  C CB  . TYR A 1 110 ? -5.553  -27.777 4.589   1.00 79.80  ? 133 TYR A CB  1 
ATOM   884  C CG  . TYR A 1 110 ? -4.526  -28.096 5.650   1.00 83.31  ? 133 TYR A CG  1 
ATOM   885  C CD1 . TYR A 1 110 ? -4.914  -28.671 6.866   1.00 82.73  ? 133 TYR A CD1 1 
ATOM   886  C CD2 . TYR A 1 110 ? -3.176  -27.790 5.463   1.00 84.67  ? 133 TYR A CD2 1 
ATOM   887  C CE1 . TYR A 1 110 ? -3.996  -28.925 7.860   1.00 84.28  ? 133 TYR A CE1 1 
ATOM   888  C CE2 . TYR A 1 110 ? -2.244  -28.040 6.458   1.00 84.90  ? 133 TYR A CE2 1 
ATOM   889  C CZ  . TYR A 1 110 ? -2.662  -28.606 7.654   1.00 85.40  ? 133 TYR A CZ  1 
ATOM   890  O OH  . TYR A 1 110 ? -1.747  -28.841 8.655   1.00 88.37  ? 133 TYR A OH  1 
ATOM   891  N N   . SER A 1 111 ? -5.755  -25.202 6.588   1.00 73.34  ? 134 SER A N   1 
ATOM   892  C CA  . SER A 1 111 ? -5.145  -23.947 7.018   1.00 73.00  ? 134 SER A CA  1 
ATOM   893  C C   . SER A 1 111 ? -3.658  -24.240 7.288   1.00 73.58  ? 134 SER A C   1 
ATOM   894  O O   . SER A 1 111 ? -3.325  -25.001 8.191   1.00 74.67  ? 134 SER A O   1 
ATOM   895  C CB  . SER A 1 111 ? -5.782  -23.451 8.314   1.00 72.39  ? 134 SER A CB  1 
ATOM   896  O OG  . SER A 1 111 ? -7.186  -23.521 8.268   1.00 71.57  ? 134 SER A OG  1 
ATOM   897  N N   . TYR A 1 112 ? -2.769  -23.645 6.505   1.00 72.52  ? 135 TYR A N   1 
ATOM   898  C CA  . TYR A 1 112 ? -1.351  -23.872 6.677   1.00 71.38  ? 135 TYR A CA  1 
ATOM   899  C C   . TYR A 1 112 ? -0.827  -23.216 7.954   1.00 72.62  ? 135 TYR A C   1 
ATOM   900  O O   . TYR A 1 112 ? -0.294  -22.109 7.916   1.00 73.72  ? 135 TYR A O   1 
ATOM   901  C CB  . TYR A 1 112 ? -0.613  -23.316 5.473   1.00 70.12  ? 135 TYR A CB  1 
ATOM   902  C CG  . TYR A 1 112 ? -1.072  -23.875 4.149   1.00 68.34  ? 135 TYR A CG  1 
ATOM   903  C CD1 . TYR A 1 112 ? -1.931  -23.162 3.330   1.00 68.80  ? 135 TYR A CD1 1 
ATOM   904  C CD2 . TYR A 1 112 ? -0.576  -25.080 3.676   1.00 68.20  ? 135 TYR A CD2 1 
ATOM   905  C CE1 . TYR A 1 112 ? -2.270  -23.628 2.065   1.00 66.51  ? 135 TYR A CE1 1 
ATOM   906  C CE2 . TYR A 1 112 ? -0.913  -25.550 2.418   1.00 66.96  ? 135 TYR A CE2 1 
ATOM   907  C CZ  . TYR A 1 112 ? -1.755  -24.819 1.620   1.00 65.11  ? 135 TYR A CZ  1 
ATOM   908  O OH  . TYR A 1 112 ? -2.080  -25.280 0.371   1.00 65.53  ? 135 TYR A OH  1 
ATOM   909  N N   . GLN A 1 113 ? -0.962  -23.902 9.084   1.00 74.56  ? 136 GLN A N   1 
ATOM   910  C CA  . GLN A 1 113 ? -0.518  -23.350 10.364  1.00 75.38  ? 136 GLN A CA  1 
ATOM   911  C C   . GLN A 1 113 ? 0.991   -23.484 10.568  1.00 76.81  ? 136 GLN A C   1 
ATOM   912  O O   . GLN A 1 113 ? 1.545   -23.045 11.580  1.00 76.44  ? 136 GLN A O   1 
ATOM   913  C CB  . GLN A 1 113 ? -1.275  -24.033 11.499  1.00 75.22  ? 136 GLN A CB  1 
ATOM   914  C CG  . GLN A 1 113 ? -2.784  -23.879 11.388  1.00 76.42  ? 136 GLN A CG  1 
ATOM   915  C CD  . GLN A 1 113 ? -3.258  -22.480 11.735  1.00 79.09  ? 136 GLN A CD  1 
ATOM   916  O OE1 . GLN A 1 113 ? -2.502  -21.510 11.627  1.00 80.65  ? 136 GLN A OE1 1 
ATOM   917  N NE2 . GLN A 1 113 ? -4.517  -22.366 12.144  1.00 77.95  ? 136 GLN A NE2 1 
ATOM   918  N N   . GLN A 1 114 ? 1.653   -24.082 9.585   1.00 77.43  ? 137 GLN A N   1 
ATOM   919  C CA  . GLN A 1 114 ? 3.095   -24.263 9.629   1.00 76.56  ? 137 GLN A CA  1 
ATOM   920  C C   . GLN A 1 114 ? 3.790   -23.013 9.104   1.00 75.58  ? 137 GLN A C   1 
ATOM   921  O O   . GLN A 1 114 ? 4.790   -22.564 9.661   1.00 76.18  ? 137 GLN A O   1 
ATOM   922  C CB  . GLN A 1 114 ? 3.490   -25.457 8.760   1.00 78.38  ? 137 GLN A CB  1 
ATOM   923  C CG  . GLN A 1 114 ? 2.636   -26.689 8.996   1.00 80.37  ? 137 GLN A CG  1 
ATOM   924  C CD  . GLN A 1 114 ? 2.690   -27.164 10.441  1.00 81.57  ? 137 GLN A CD  1 
ATOM   925  O OE1 . GLN A 1 114 ? 2.641   -26.356 11.384  1.00 80.64  ? 137 GLN A OE1 1 
ATOM   926  N NE2 . GLN A 1 114 ? 2.778   -28.482 10.627  1.00 80.91  ? 137 GLN A NE2 1 
ATOM   927  N N   . ASN A 1 115 ? 3.222   -22.444 8.043   1.00 74.17  ? 138 ASN A N   1 
ATOM   928  C CA  . ASN A 1 115 ? 3.782   -21.276 7.378   1.00 71.77  ? 138 ASN A CA  1 
ATOM   929  C C   . ASN A 1 115 ? 3.099   -19.933 7.633   1.00 70.96  ? 138 ASN A C   1 
ATOM   930  O O   . ASN A 1 115 ? 2.834   -19.203 6.688   1.00 70.64  ? 138 ASN A O   1 
ATOM   931  C CB  . ASN A 1 115 ? 3.803   -21.540 5.870   1.00 71.37  ? 138 ASN A CB  1 
ATOM   932  C CG  . ASN A 1 115 ? 4.332   -22.928 5.526   1.00 71.19  ? 138 ASN A CG  1 
ATOM   933  O OD1 . ASN A 1 115 ? 4.173   -23.408 4.401   1.00 66.85  ? 138 ASN A OD1 1 
ATOM   934  N ND2 . ASN A 1 115 ? 4.971   -23.577 6.501   1.00 71.68  ? 138 ASN A ND2 1 
ATOM   935  N N   . LYS A 1 116 ? 2.835   -19.590 8.890   1.00 71.62  ? 139 LYS A N   1 
ATOM   936  C CA  . LYS A 1 116 ? 2.198   -18.307 9.219   1.00 72.60  ? 139 LYS A CA  1 
ATOM   937  C C   . LYS A 1 116 ? 2.997   -17.069 8.813   1.00 74.25  ? 139 LYS A C   1 
ATOM   938  O O   . LYS A 1 116 ? 4.197   -17.149 8.529   1.00 74.32  ? 139 LYS A O   1 
ATOM   939  C CB  . LYS A 1 116 ? 1.912   -18.207 10.714  1.00 72.28  ? 139 LYS A CB  1 
ATOM   940  C CG  . LYS A 1 116 ? 0.482   -18.464 11.075  1.00 75.09  ? 139 LYS A CG  1 
ATOM   941  C CD  . LYS A 1 116 ? 0.180   -19.938 11.183  1.00 76.42  ? 139 LYS A CD  1 
ATOM   942  C CE  . LYS A 1 116 ? 0.389   -20.359 12.613  1.00 77.48  ? 139 LYS A CE  1 
ATOM   943  N NZ  . LYS A 1 116 ? -0.259  -19.361 13.519  1.00 77.87  ? 139 LYS A NZ  1 
ATOM   944  N N   . LEU A 1 117 ? 2.316   -15.920 8.817   1.00 75.53  ? 140 LEU A N   1 
ATOM   945  C CA  . LEU A 1 117 ? 2.911   -14.634 8.454   1.00 75.93  ? 140 LEU A CA  1 
ATOM   946  C C   . LEU A 1 117 ? 2.946   -13.698 9.658   1.00 76.61  ? 140 LEU A C   1 
ATOM   947  O O   . LEU A 1 117 ? 2.181   -13.859 10.606  1.00 77.43  ? 140 LEU A O   1 
ATOM   948  C CB  . LEU A 1 117 ? 2.104   -13.980 7.334   1.00 76.80  ? 140 LEU A CB  1 
ATOM   949  C CG  . LEU A 1 117 ? 2.669   -12.706 6.685   1.00 79.32  ? 140 LEU A CG  1 
ATOM   950  C CD1 . LEU A 1 117 ? 3.815   -13.071 5.760   1.00 78.73  ? 140 LEU A CD1 1 
ATOM   951  C CD2 . LEU A 1 117 ? 1.582   -11.997 5.886   1.00 78.21  ? 140 LEU A CD2 1 
ATOM   952  N N   . ASN A 1 118 ? 3.826   -12.706 9.612   1.00 76.39  ? 141 ASN A N   1 
ATOM   953  C CA  . ASN A 1 118 ? 3.948   -11.776 10.717  1.00 75.39  ? 141 ASN A CA  1 
ATOM   954  C C   . ASN A 1 118 ? 4.136   -10.351 10.264  1.00 76.73  ? 141 ASN A C   1 
ATOM   955  O O   . ASN A 1 118 ? 5.228   -9.930  9.900   1.00 77.84  ? 141 ASN A O   1 
ATOM   956  C CB  . ASN A 1 118 ? 5.098   -12.206 11.607  1.00 73.32  ? 141 ASN A CB  1 
ATOM   957  C CG  . ASN A 1 118 ? 4.771   -13.451 12.382  1.00 73.16  ? 141 ASN A CG  1 
ATOM   958  O OD1 . ASN A 1 118 ? 3.986   -13.409 13.332  1.00 73.04  ? 141 ASN A OD1 1 
ATOM   959  N ND2 . ASN A 1 118 ? 5.346   -14.579 11.970  1.00 72.13  ? 141 ASN A ND2 1 
ATOM   960  N N   . LEU A 1 119 ? 3.046   -9.605  10.302  1.00 77.53  ? 142 LEU A N   1 
ATOM   961  C CA  . LEU A 1 119 ? 3.066   -8.226  9.884   1.00 79.46  ? 142 LEU A CA  1 
ATOM   962  C C   . LEU A 1 119 ? 3.420   -7.305  11.035  1.00 82.29  ? 142 LEU A C   1 
ATOM   963  O O   . LEU A 1 119 ? 2.744   -7.298  12.075  1.00 82.08  ? 142 LEU A O   1 
ATOM   964  C CB  . LEU A 1 119 ? 1.707   -7.834  9.326   1.00 78.89  ? 142 LEU A CB  1 
ATOM   965  C CG  . LEU A 1 119 ? 1.744   -6.505  8.583   1.00 77.87  ? 142 LEU A CG  1 
ATOM   966  C CD1 . LEU A 1 119 ? 2.584   -6.669  7.322   1.00 74.97  ? 142 LEU A CD1 1 
ATOM   967  C CD2 . LEU A 1 119 ? 0.329   -6.059  8.256   1.00 78.28  ? 142 LEU A CD2 1 
ATOM   968  N N   . GLU A 1 120 ? 4.487   -6.528  10.833  1.00 84.29  ? 143 GLU A N   1 
ATOM   969  C CA  . GLU A 1 120 ? 4.964   -5.569  11.822  1.00 85.36  ? 143 GLU A CA  1 
ATOM   970  C C   . GLU A 1 120 ? 4.790   -4.183  11.229  1.00 85.53  ? 143 GLU A C   1 
ATOM   971  O O   . GLU A 1 120 ? 5.489   -3.811  10.286  1.00 86.24  ? 143 GLU A O   1 
ATOM   972  C CB  . GLU A 1 120 ? 6.443   -5.806  12.132  1.00 86.54  ? 143 GLU A CB  1 
ATOM   973  C CG  . GLU A 1 120 ? 6.966   -5.011  13.330  1.00 88.37  ? 143 GLU A CG  1 
ATOM   974  C CD  . GLU A 1 120 ? 8.484   -5.088  13.483  1.00 89.14  ? 143 GLU A CD  1 
ATOM   975  O OE1 . GLU A 1 120 ? 9.028   -6.211  13.607  1.00 88.79  ? 143 GLU A OE1 1 
ATOM   976  O OE2 . GLU A 1 120 ? 9.131   -4.017  13.480  1.00 88.97  ? 143 GLU A OE2 1 
ATOM   977  N N   . VAL A 1 121 ? 3.848   -3.426  11.772  1.00 85.10  ? 144 VAL A N   1 
ATOM   978  C CA  . VAL A 1 121 ? 3.594   -2.089  11.273  1.00 85.77  ? 144 VAL A CA  1 
ATOM   979  C C   . VAL A 1 121 ? 4.304   -1.048  12.126  1.00 86.94  ? 144 VAL A C   1 
ATOM   980  O O   . VAL A 1 121 ? 3.853   -0.703  13.222  1.00 86.12  ? 144 VAL A O   1 
ATOM   981  C CB  . VAL A 1 121 ? 2.087   -1.784  11.251  1.00 85.16  ? 144 VAL A CB  1 
ATOM   982  C CG1 . VAL A 1 121 ? 1.846   -0.392  10.705  1.00 84.57  ? 144 VAL A CG1 1 
ATOM   983  C CG2 . VAL A 1 121 ? 1.374   -2.803  10.396  1.00 85.42  ? 144 VAL A CG2 1 
ATOM   984  N N   . THR A 1 122 ? 5.421   -0.550  11.604  1.00 88.27  ? 145 THR A N   1 
ATOM   985  C CA  . THR A 1 122 ? 6.220   0.462   12.284  1.00 88.44  ? 145 THR A CA  1 
ATOM   986  C C   . THR A 1 122 ? 5.842   1.878   11.848  1.00 88.52  ? 145 THR A C   1 
ATOM   987  O O   . THR A 1 122 ? 5.231   2.070   10.799  1.00 89.14  ? 145 THR A O   1 
ATOM   988  C CB  . THR A 1 122 ? 7.700   0.222   12.013  1.00 88.26  ? 145 THR A CB  1 
ATOM   989  O OG1 . THR A 1 122 ? 7.885   -0.058  10.622  1.00 87.08  ? 145 THR A OG1 1 
ATOM   990  C CG2 . THR A 1 122 ? 8.202   -0.959  12.844  1.00 88.81  ? 145 THR A CG2 1 
ATOM   991  N N   . ALA A 1 123 ? 6.205   2.865   12.662  1.00 89.24  ? 146 ALA A N   1 
ATOM   992  C CA  . ALA A 1 123 ? 5.896   4.268   12.375  1.00 89.30  ? 146 ALA A CA  1 
ATOM   993  C C   . ALA A 1 123 ? 6.436   4.740   11.018  1.00 89.08  ? 146 ALA A C   1 
ATOM   994  O O   . ALA A 1 123 ? 7.393   4.167   10.485  1.00 88.75  ? 146 ALA A O   1 
ATOM   995  C CB  . ALA A 1 123 ? 6.434   5.156   13.493  1.00 88.44  ? 146 ALA A CB  1 
ATOM   996  N N   . LEU A 1 124 ? 5.814   5.786   10.472  1.00 88.66  ? 147 LEU A N   1 
ATOM   997  C CA  . LEU A 1 124 ? 6.200   6.338   9.171   1.00 87.61  ? 147 LEU A CA  1 
ATOM   998  C C   . LEU A 1 124 ? 7.346   7.340   9.241   1.00 88.27  ? 147 LEU A C   1 
ATOM   999  O O   . LEU A 1 124 ? 7.226   8.404   9.855   1.00 87.96  ? 147 LEU A O   1 
ATOM   1000 C CB  . LEU A 1 124 ? 4.996   7.005   8.497   1.00 85.52  ? 147 LEU A CB  1 
ATOM   1001 C CG  . LEU A 1 124 ? 5.238   7.598   7.104   1.00 83.55  ? 147 LEU A CG  1 
ATOM   1002 C CD1 . LEU A 1 124 ? 5.793   6.538   6.168   1.00 83.75  ? 147 LEU A CD1 1 
ATOM   1003 C CD2 . LEU A 1 124 ? 3.937   8.135   6.559   1.00 82.58  ? 147 LEU A CD2 1 
ATOM   1004 N N   . ILE A 1 125 ? 8.457   6.997   8.597   1.00 88.63  ? 148 ILE A N   1 
ATOM   1005 C CA  . ILE A 1 125 ? 9.622   7.867   8.585   1.00 88.79  ? 148 ILE A CA  1 
ATOM   1006 C C   . ILE A 1 125 ? 9.811   8.436   7.188   1.00 90.78  ? 148 ILE A C   1 
ATOM   1007 O O   . ILE A 1 125 ? 10.319  9.549   7.021   1.00 92.60  ? 148 ILE A O   1 
ATOM   1008 C CB  . ILE A 1 125 ? 10.905  7.108   8.988   1.00 87.00  ? 148 ILE A CB  1 
ATOM   1009 C CG1 . ILE A 1 125 ? 11.260  6.075   7.919   1.00 85.89  ? 148 ILE A CG1 1 
ATOM   1010 C CG2 . ILE A 1 125 ? 10.707  6.445   10.333  1.00 83.33  ? 148 ILE A CG2 1 
ATOM   1011 C CD1 . ILE A 1 125 ? 12.600  5.418   8.132   1.00 85.80  ? 148 ILE A CD1 1 
ATOM   1012 N N   . GLU A 1 126 ? 9.402   7.660   6.187   1.00 91.36  ? 149 GLU A N   1 
ATOM   1013 C CA  . GLU A 1 126 ? 9.507   8.079   4.799   1.00 90.24  ? 149 GLU A CA  1 
ATOM   1014 C C   . GLU A 1 126 ? 8.978   9.488   4.634   1.00 90.34  ? 149 GLU A C   1 
ATOM   1015 O O   . GLU A 1 126 ? 8.018   9.905   5.291   1.00 90.11  ? 149 GLU A O   1 
ATOM   1016 C CB  . GLU A 1 126 ? 8.707   7.145   3.895   1.00 90.59  ? 149 GLU A CB  1 
ATOM   1017 C CG  . GLU A 1 126 ? 9.508   6.034   3.250   1.00 93.43  ? 149 GLU A CG  1 
ATOM   1018 C CD  . GLU A 1 126 ? 9.708   6.255   1.754   1.00 95.53  ? 149 GLU A CD  1 
ATOM   1019 O OE1 . GLU A 1 126 ? 8.700   6.504   1.048   1.00 95.53  ? 149 GLU A OE1 1 
ATOM   1020 O OE2 . GLU A 1 126 ? 10.871  6.174   1.286   1.00 95.15  ? 149 GLU A OE2 1 
ATOM   1021 N N   . LYS A 1 127 ? 9.629   10.231  3.758   1.00 90.66  ? 150 LYS A N   1 
ATOM   1022 C CA  . LYS A 1 127 ? 9.205   11.582  3.482   1.00 90.67  ? 150 LYS A CA  1 
ATOM   1023 C C   . LYS A 1 127 ? 8.937   11.605  1.998   1.00 89.54  ? 150 LYS A C   1 
ATOM   1024 O O   . LYS A 1 127 ? 9.513   10.825  1.245   1.00 89.33  ? 150 LYS A O   1 
ATOM   1025 C CB  . LYS A 1 127 ? 10.298  12.583  3.874   1.00 93.28  ? 150 LYS A CB  1 
ATOM   1026 C CG  . LYS A 1 127 ? 10.571  12.615  5.384   1.00 96.18  ? 150 LYS A CG  1 
ATOM   1027 C CD  . LYS A 1 127 ? 9.252   12.647  6.168   1.00 97.90  ? 150 LYS A CD  1 
ATOM   1028 C CE  . LYS A 1 127 ? 9.471   12.419  7.652   1.00 99.00  ? 150 LYS A CE  1 
ATOM   1029 N NZ  . LYS A 1 127 ? 8.179   12.148  8.335   1.00 99.70  ? 150 LYS A NZ  1 
ATOM   1030 N N   . PRO A 1 128 ? 8.028   12.478  1.558   1.00 89.13  ? 151 PRO A N   1 
ATOM   1031 C CA  . PRO A 1 128 ? 7.696   12.579  0.142   1.00 89.02  ? 151 PRO A CA  1 
ATOM   1032 C C   . PRO A 1 128 ? 8.895   12.796  -0.767  1.00 89.67  ? 151 PRO A C   1 
ATOM   1033 O O   . PRO A 1 128 ? 10.046  12.695  -0.347  1.00 89.49  ? 151 PRO A O   1 
ATOM   1034 C CB  . PRO A 1 128 ? 6.705   13.739  0.104   1.00 89.03  ? 151 PRO A CB  1 
ATOM   1035 C CG  . PRO A 1 128 ? 7.065   14.542  1.307   1.00 89.00  ? 151 PRO A CG  1 
ATOM   1036 C CD  . PRO A 1 128 ? 7.289   13.483  2.336   1.00 88.74  ? 151 PRO A CD  1 
ATOM   1037 N N   . ASP A 1 129 ? 8.610   13.095  -2.026  1.00 90.61  ? 152 ASP A N   1 
ATOM   1038 C CA  . ASP A 1 129 ? 9.656   13.302  -3.005  1.00 90.89  ? 152 ASP A CA  1 
ATOM   1039 C C   . ASP A 1 129 ? 9.277   14.446  -3.932  1.00 92.11  ? 152 ASP A C   1 
ATOM   1040 O O   . ASP A 1 129 ? 8.360   14.315  -4.741  1.00 91.58  ? 152 ASP A O   1 
ATOM   1041 C CB  . ASP A 1 129 ? 9.845   12.027  -3.821  1.00 89.96  ? 152 ASP A CB  1 
ATOM   1042 C CG  . ASP A 1 129 ? 11.295  11.711  -4.076  1.00 89.49  ? 152 ASP A CG  1 
ATOM   1043 O OD1 . ASP A 1 129 ? 12.062  12.656  -4.346  1.00 91.15  ? 152 ASP A OD1 1 
ATOM   1044 O OD2 . ASP A 1 129 ? 11.665  10.518  -4.018  1.00 88.23  ? 152 ASP A OD2 1 
ATOM   1045 N N   . ILE A 1 130 ? 9.971   15.573  -3.796  1.00 93.64  ? 153 ILE A N   1 
ATOM   1046 C CA  . ILE A 1 130 ? 9.723   16.729  -4.646  1.00 93.70  ? 153 ILE A CA  1 
ATOM   1047 C C   . ILE A 1 130 ? 10.588  16.452  -5.860  1.00 95.56  ? 153 ILE A C   1 
ATOM   1048 O O   . ILE A 1 130 ? 11.742  16.048  -5.718  1.00 95.03  ? 153 ILE A O   1 
ATOM   1049 C CB  . ILE A 1 130 ? 10.207  18.049  -4.005  1.00 92.74  ? 153 ILE A CB  1 
ATOM   1050 C CG1 . ILE A 1 130 ? 9.907   18.065  -2.502  1.00 92.65  ? 153 ILE A CG1 1 
ATOM   1051 C CG2 . ILE A 1 130 ? 9.534   19.224  -4.688  1.00 91.28  ? 153 ILE A CG2 1 
ATOM   1052 C CD1 . ILE A 1 130 ? 8.450   18.064  -2.152  1.00 92.84  ? 153 ILE A CD1 1 
ATOM   1053 N N   . HIS A 1 131 ? 10.033  16.657  -7.049  1.00 98.18  ? 154 HIS A N   1 
ATOM   1054 C CA  . HIS A 1 131 ? 10.778  16.410  -8.269  1.00 101.02 ? 154 HIS A CA  1 
ATOM   1055 C C   . HIS A 1 131 ? 10.477  17.426  -9.355  1.00 103.48 ? 154 HIS A C   1 
ATOM   1056 O O   . HIS A 1 131 ? 9.319   17.667  -9.700  1.00 104.05 ? 154 HIS A O   1 
ATOM   1057 C CB  . HIS A 1 131 ? 10.479  15.005  -8.798  1.00 100.94 ? 154 HIS A CB  1 
ATOM   1058 C CG  . HIS A 1 131 ? 11.192  14.679  -10.075 1.00 102.61 ? 154 HIS A CG  1 
ATOM   1059 N ND1 . HIS A 1 131 ? 12.565  14.576  -10.156 1.00 102.95 ? 154 HIS A ND1 1 
ATOM   1060 C CD2 . HIS A 1 131 ? 10.724  14.453  -11.327 1.00 102.56 ? 154 HIS A CD2 1 
ATOM   1061 C CE1 . HIS A 1 131 ? 12.911  14.301  -11.402 1.00 102.66 ? 154 HIS A CE1 1 
ATOM   1062 N NE2 . HIS A 1 131 ? 11.813  14.222  -12.133 1.00 102.22 ? 154 HIS A NE2 1 
ATOM   1063 N N   . PHE A 1 132 ? 11.540  18.028  -9.877  1.00 106.57 ? 155 PHE A N   1 
ATOM   1064 C CA  . PHE A 1 132 ? 11.450  18.993  -10.963 1.00 109.85 ? 155 PHE A CA  1 
ATOM   1065 C C   . PHE A 1 132 ? 12.656  18.782  -11.874 1.00 112.27 ? 155 PHE A C   1 
ATOM   1066 O O   . PHE A 1 132 ? 13.721  18.353  -11.416 1.00 111.85 ? 155 PHE A O   1 
ATOM   1067 C CB  . PHE A 1 132 ? 11.398  20.436  -10.433 1.00 110.11 ? 155 PHE A CB  1 
ATOM   1068 C CG  . PHE A 1 132 ? 12.290  20.698  -9.254  1.00 110.24 ? 155 PHE A CG  1 
ATOM   1069 C CD1 . PHE A 1 132 ? 13.667  20.645  -9.375  1.00 111.46 ? 155 PHE A CD1 1 
ATOM   1070 C CD2 . PHE A 1 132 ? 11.741  21.012  -8.017  1.00 111.17 ? 155 PHE A CD2 1 
ATOM   1071 C CE1 . PHE A 1 132 ? 14.484  20.903  -8.280  1.00 112.77 ? 155 PHE A CE1 1 
ATOM   1072 C CE2 . PHE A 1 132 ? 12.546  21.272  -6.917  1.00 111.12 ? 155 PHE A CE2 1 
ATOM   1073 C CZ  . PHE A 1 132 ? 13.920  21.217  -7.047  1.00 112.28 ? 155 PHE A CZ  1 
ATOM   1074 N N   . LEU A 1 133 ? 12.476  19.065  -13.162 1.00 115.05 ? 156 LEU A N   1 
ATOM   1075 C CA  . LEU A 1 133 ? 13.530  18.884  -14.161 1.00 118.30 ? 156 LEU A CA  1 
ATOM   1076 C C   . LEU A 1 133 ? 14.899  19.442  -13.761 1.00 120.91 ? 156 LEU A C   1 
ATOM   1077 O O   . LEU A 1 133 ? 15.926  19.071  -14.343 1.00 122.09 ? 156 LEU A O   1 
ATOM   1078 C CB  . LEU A 1 133 ? 13.087  19.502  -15.490 1.00 117.47 ? 156 LEU A CB  1 
ATOM   1079 C CG  . LEU A 1 133 ? 11.789  18.921  -16.054 1.00 117.63 ? 156 LEU A CG  1 
ATOM   1080 C CD1 . LEU A 1 133 ? 11.478  19.581  -17.379 1.00 118.46 ? 156 LEU A CD1 1 
ATOM   1081 C CD2 . LEU A 1 133 ? 11.923  17.419  -16.234 1.00 117.52 ? 156 LEU A CD2 1 
ATOM   1082 N N   . GLU A 1 134 ? 14.900  20.325  -12.764 1.00 122.54 ? 157 GLU A N   1 
ATOM   1083 C CA  . GLU A 1 134 ? 16.104  20.978  -12.251 1.00 123.55 ? 157 GLU A CA  1 
ATOM   1084 C C   . GLU A 1 134 ? 16.439  22.270  -13.012 1.00 123.85 ? 157 GLU A C   1 
ATOM   1085 O O   . GLU A 1 134 ? 17.601  22.680  -13.073 1.00 123.48 ? 157 GLU A O   1 
ATOM   1086 C CB  . GLU A 1 134 ? 17.307  20.025  -12.290 1.00 124.24 ? 157 GLU A CB  1 
ATOM   1087 C CG  . GLU A 1 134 ? 18.367  20.324  -11.239 1.00 125.94 ? 157 GLU A CG  1 
ATOM   1088 C CD  . GLU A 1 134 ? 17.988  19.808  -9.859  1.00 126.94 ? 157 GLU A CD  1 
ATOM   1089 O OE1 . GLU A 1 134 ? 16.851  20.064  -9.413  1.00 126.86 ? 157 GLU A OE1 1 
ATOM   1090 O OE2 . GLU A 1 134 ? 18.834  19.148  -9.220  1.00 127.71 ? 157 GLU A OE2 1 
ATOM   1091 N N   . PRO A 1 135 ? 15.425  22.924  -13.615 1.00 124.09 ? 158 PRO A N   1 
ATOM   1092 C CA  . PRO A 1 135 ? 15.716  24.166  -14.341 1.00 123.87 ? 158 PRO A CA  1 
ATOM   1093 C C   . PRO A 1 135 ? 16.000  25.311  -13.361 1.00 123.16 ? 158 PRO A C   1 
ATOM   1094 O O   . PRO A 1 135 ? 17.040  25.966  -13.442 1.00 123.40 ? 158 PRO A O   1 
ATOM   1095 C CB  . PRO A 1 135 ? 14.434  24.402  -15.147 1.00 124.57 ? 158 PRO A CB  1 
ATOM   1096 C CG  . PRO A 1 135 ? 13.869  23.004  -15.320 1.00 124.53 ? 158 PRO A CG  1 
ATOM   1097 C CD  . PRO A 1 135 ? 14.064  22.454  -13.936 1.00 124.17 ? 158 PRO A CD  1 
ATOM   1098 N N   . LEU A 1 136 ? 15.060  25.536  -12.443 1.00 122.10 ? 159 LEU A N   1 
ATOM   1099 C CA  . LEU A 1 136 ? 15.167  26.577  -11.419 1.00 120.73 ? 159 LEU A CA  1 
ATOM   1100 C C   . LEU A 1 136 ? 15.533  27.944  -11.999 1.00 120.04 ? 159 LEU A C   1 
ATOM   1101 O O   . LEU A 1 136 ? 16.438  28.612  -11.500 1.00 119.86 ? 159 LEU A O   1 
ATOM   1102 C CB  . LEU A 1 136 ? 16.215  26.182  -10.371 1.00 121.43 ? 159 LEU A CB  1 
ATOM   1103 C CG  . LEU A 1 136 ? 16.204  24.752  -9.821  1.00 121.68 ? 159 LEU A CG  1 
ATOM   1104 C CD1 . LEU A 1 136 ? 17.298  24.603  -8.777  1.00 121.15 ? 159 LEU A CD1 1 
ATOM   1105 C CD2 . LEU A 1 136 ? 14.846  24.435  -9.222  1.00 122.21 ? 159 LEU A CD2 1 
ATOM   1106 N N   . GLU A 1 137 ? 14.829  28.363  -13.047 1.00 119.34 ? 160 GLU A N   1 
ATOM   1107 C CA  . GLU A 1 137 ? 15.101  29.652  -13.678 1.00 118.51 ? 160 GLU A CA  1 
ATOM   1108 C C   . GLU A 1 137 ? 13.994  30.670  -13.456 1.00 118.08 ? 160 GLU A C   1 
ATOM   1109 O O   . GLU A 1 137 ? 12.822  30.391  -13.699 1.00 117.99 ? 160 GLU A O   1 
ATOM   1110 C CB  . GLU A 1 137 ? 15.327  29.465  -15.173 1.00 118.46 ? 160 GLU A CB  1 
ATOM   1111 C CG  . GLU A 1 137 ? 16.615  28.747  -15.508 1.00 119.49 ? 160 GLU A CG  1 
ATOM   1112 C CD  . GLU A 1 137 ? 16.782  28.535  -16.997 1.00 120.16 ? 160 GLU A CD  1 
ATOM   1113 O OE1 . GLU A 1 137 ? 17.874  28.100  -17.423 1.00 119.67 ? 160 GLU A OE1 1 
ATOM   1114 O OE2 . GLU A 1 137 ? 15.816  28.799  -17.742 1.00 121.05 ? 160 GLU A OE2 1 
ATOM   1115 N N   . SER A 1 138 ? 14.379  31.859  -13.004 1.00 117.73 ? 161 SER A N   1 
ATOM   1116 C CA  . SER A 1 138 ? 13.426  32.931  -12.736 1.00 117.70 ? 161 SER A CA  1 
ATOM   1117 C C   . SER A 1 138 ? 12.647  33.352  -13.983 1.00 117.64 ? 161 SER A C   1 
ATOM   1118 O O   . SER A 1 138 ? 13.153  33.267  -15.101 1.00 116.79 ? 161 SER A O   1 
ATOM   1119 C CB  . SER A 1 138 ? 14.163  34.143  -12.151 1.00 117.45 ? 161 SER A CB  1 
ATOM   1120 O OG  . SER A 1 138 ? 13.265  35.185  -11.806 1.00 117.56 ? 161 SER A OG  1 
ATOM   1121 N N   . GLY A 1 139 ? 11.409  33.799  -13.779 1.00 118.36 ? 162 GLY A N   1 
ATOM   1122 C CA  . GLY A 1 139 ? 10.573  34.237  -14.887 1.00 119.06 ? 162 GLY A CA  1 
ATOM   1123 C C   . GLY A 1 139 ? 10.179  33.129  -15.850 1.00 119.53 ? 162 GLY A C   1 
ATOM   1124 O O   . GLY A 1 139 ? 9.761   33.395  -16.980 1.00 119.42 ? 162 GLY A O   1 
ATOM   1125 N N   . ARG A 1 140 ? 10.304  31.886  -15.394 1.00 119.59 ? 163 ARG A N   1 
ATOM   1126 C CA  . ARG A 1 140 ? 9.972   30.726  -16.212 1.00 119.47 ? 163 ARG A CA  1 
ATOM   1127 C C   . ARG A 1 140 ? 9.149   29.709  -15.416 1.00 119.71 ? 163 ARG A C   1 
ATOM   1128 O O   . ARG A 1 140 ? 9.499   29.348  -14.290 1.00 119.90 ? 163 ARG A O   1 
ATOM   1129 C CB  . ARG A 1 140 ? 11.266  30.091  -16.736 1.00 118.91 ? 163 ARG A CB  1 
ATOM   1130 C CG  . ARG A 1 140 ? 11.088  28.851  -17.589 1.00 118.58 ? 163 ARG A CG  1 
ATOM   1131 C CD  . ARG A 1 140 ? 12.342  28.588  -18.416 1.00 118.89 ? 163 ARG A CD  1 
ATOM   1132 N NE  . ARG A 1 140 ? 12.272  27.329  -19.152 1.00 119.58 ? 163 ARG A NE  1 
ATOM   1133 C CZ  . ARG A 1 140 ? 12.464  26.132  -18.606 1.00 120.38 ? 163 ARG A CZ  1 
ATOM   1134 N NH1 . ARG A 1 140 ? 12.743  26.026  -17.312 1.00 120.67 ? 163 ARG A NH1 1 
ATOM   1135 N NH2 . ARG A 1 140 ? 12.367  25.039  -19.350 1.00 120.70 ? 163 ARG A NH2 1 
ATOM   1136 N N   . PRO A 1 141 ? 8.029   29.245  -15.992 1.00 119.62 ? 164 PRO A N   1 
ATOM   1137 C CA  . PRO A 1 141 ? 7.139   28.271  -15.356 1.00 119.21 ? 164 PRO A CA  1 
ATOM   1138 C C   . PRO A 1 141 ? 7.669   26.838  -15.403 1.00 118.53 ? 164 PRO A C   1 
ATOM   1139 O O   . PRO A 1 141 ? 7.955   26.308  -16.476 1.00 118.54 ? 164 PRO A O   1 
ATOM   1140 C CB  . PRO A 1 141 ? 5.847   28.431  -16.148 1.00 120.07 ? 164 PRO A CB  1 
ATOM   1141 C CG  . PRO A 1 141 ? 6.367   28.696  -17.532 1.00 119.96 ? 164 PRO A CG  1 
ATOM   1142 C CD  . PRO A 1 141 ? 7.466   29.705  -17.276 1.00 119.60 ? 164 PRO A CD  1 
ATOM   1143 N N   . THR A 1 142 ? 7.794   26.219  -14.234 1.00 117.65 ? 165 THR A N   1 
ATOM   1144 C CA  . THR A 1 142 ? 8.280   24.847  -14.133 1.00 116.52 ? 165 THR A CA  1 
ATOM   1145 C C   . THR A 1 142 ? 7.228   24.013  -13.411 1.00 115.16 ? 165 THR A C   1 
ATOM   1146 O O   . THR A 1 142 ? 6.337   24.560  -12.765 1.00 114.31 ? 165 THR A O   1 
ATOM   1147 C CB  . THR A 1 142 ? 9.611   24.779  -13.342 1.00 117.34 ? 165 THR A CB  1 
ATOM   1148 O OG1 . THR A 1 142 ? 10.574  25.656  -13.942 1.00 118.66 ? 165 THR A OG1 1 
ATOM   1149 C CG2 . THR A 1 142 ? 10.169  23.364  -13.353 1.00 117.88 ? 165 THR A CG2 1 
ATOM   1150 N N   . ARG A 1 143 ? 7.327   22.692  -13.530 1.00 114.25 ? 166 ARG A N   1 
ATOM   1151 C CA  . ARG A 1 143 ? 6.379   21.791  -12.879 1.00 112.87 ? 166 ARG A CA  1 
ATOM   1152 C C   . ARG A 1 143 ? 7.028   20.863  -11.858 1.00 110.52 ? 166 ARG A C   1 
ATOM   1153 O O   . ARG A 1 143 ? 7.929   20.087  -12.187 1.00 110.42 ? 166 ARG A O   1 
ATOM   1154 C CB  . ARG A 1 143 ? 5.624   20.950  -13.919 1.00 113.98 ? 166 ARG A CB  1 
ATOM   1155 C CG  . ARG A 1 143 ? 4.533   21.716  -14.652 1.00 116.30 ? 166 ARG A CG  1 
ATOM   1156 C CD  . ARG A 1 143 ? 3.414   20.795  -15.123 1.00 118.55 ? 166 ARG A CD  1 
ATOM   1157 N NE  . ARG A 1 143 ? 2.268   21.544  -15.640 1.00 121.06 ? 166 ARG A NE  1 
ATOM   1158 C CZ  . ARG A 1 143 ? 1.099   21.000  -15.980 1.00 121.86 ? 166 ARG A CZ  1 
ATOM   1159 N NH1 . ARG A 1 143 ? 0.912   19.690  -15.862 1.00 121.94 ? 166 ARG A NH1 1 
ATOM   1160 N NH2 . ARG A 1 143 ? 0.113   21.764  -16.438 1.00 121.37 ? 166 ARG A NH2 1 
ATOM   1161 N N   . LEU A 1 144 ? 6.558   20.950  -10.616 1.00 107.65 ? 167 LEU A N   1 
ATOM   1162 C CA  . LEU A 1 144 ? 7.073   20.116  -9.537  1.00 104.52 ? 167 LEU A CA  1 
ATOM   1163 C C   . LEU A 1 144 ? 6.016   19.075  -9.217  1.00 103.35 ? 167 LEU A C   1 
ATOM   1164 O O   . LEU A 1 144 ? 4.825   19.383  -9.194  1.00 103.81 ? 167 LEU A O   1 
ATOM   1165 C CB  . LEU A 1 144 ? 7.314   20.942  -8.277  1.00 102.67 ? 167 LEU A CB  1 
ATOM   1166 C CG  . LEU A 1 144 ? 7.719   22.401  -8.437  1.00 100.30 ? 167 LEU A CG  1 
ATOM   1167 C CD1 . LEU A 1 144 ? 7.582   23.085  -7.100  1.00 100.19 ? 167 LEU A CD1 1 
ATOM   1168 C CD2 . LEU A 1 144 ? 9.125   22.504  -8.968  1.00 98.03  ? 167 LEU A CD2 1 
ATOM   1169 N N   . SER A 1 145 ? 6.449   17.849  -8.969  1.00 101.11 ? 168 SER A N   1 
ATOM   1170 C CA  . SER A 1 145 ? 5.530   16.777  -8.631  1.00 98.64  ? 168 SER A CA  1 
ATOM   1171 C C   . SER A 1 145 ? 6.004   16.249  -7.296  1.00 97.42  ? 168 SER A C   1 
ATOM   1172 O O   . SER A 1 145 ? 7.201   16.094  -7.087  1.00 98.15  ? 168 SER A O   1 
ATOM   1173 C CB  . SER A 1 145 ? 5.610   15.662  -9.661  1.00 98.03  ? 168 SER A CB  1 
ATOM   1174 O OG  . SER A 1 145 ? 6.887   15.055  -9.607  1.00 97.96  ? 168 SER A OG  1 
ATOM   1175 N N   . CYS A 1 146 ? 5.072   15.977  -6.395  1.00 95.73  ? 169 CYS A N   1 
ATOM   1176 C CA  . CYS A 1 146 ? 5.409   15.458  -5.073  1.00 93.64  ? 169 CYS A CA  1 
ATOM   1177 C C   . CYS A 1 146 ? 4.803   14.060  -4.913  1.00 91.89  ? 169 CYS A C   1 
ATOM   1178 O O   . CYS A 1 146 ? 3.626   13.851  -5.198  1.00 90.74  ? 169 CYS A O   1 
ATOM   1179 C CB  . CYS A 1 146 ? 4.870   16.419  -3.999  1.00 94.07  ? 169 CYS A CB  1 
ATOM   1180 S SG  . CYS A 1 146 ? 4.981   15.876  -2.262  1.00 92.69  ? 169 CYS A SG  1 
ATOM   1181 N N   . SER A 1 147 ? 5.607   13.098  -4.479  1.00 89.98  ? 170 SER A N   1 
ATOM   1182 C CA  . SER A 1 147 ? 5.096   11.746  -4.299  1.00 88.64  ? 170 SER A CA  1 
ATOM   1183 C C   . SER A 1 147 ? 5.744   11.009  -3.130  1.00 88.76  ? 170 SER A C   1 
ATOM   1184 O O   . SER A 1 147 ? 6.870   11.306  -2.733  1.00 88.05  ? 170 SER A O   1 
ATOM   1185 C CB  . SER A 1 147 ? 5.276   10.934  -5.588  1.00 87.55  ? 170 SER A CB  1 
ATOM   1186 O OG  . SER A 1 147 ? 6.642   10.682  -5.868  1.00 85.24  ? 170 SER A OG  1 
ATOM   1187 N N   . LEU A 1 148 ? 5.015   10.049  -2.573  1.00 88.48  ? 171 LEU A N   1 
ATOM   1188 C CA  . LEU A 1 148 ? 5.517   9.262   -1.460  1.00 88.11  ? 171 LEU A CA  1 
ATOM   1189 C C   . LEU A 1 148 ? 5.915   7.888   -1.969  1.00 87.88  ? 171 LEU A C   1 
ATOM   1190 O O   . LEU A 1 148 ? 5.074   7.120   -2.415  1.00 88.89  ? 171 LEU A O   1 
ATOM   1191 C CB  . LEU A 1 148 ? 4.440   9.126   -0.383  1.00 88.58  ? 171 LEU A CB  1 
ATOM   1192 C CG  . LEU A 1 148 ? 4.799   8.287   0.843   1.00 89.43  ? 171 LEU A CG  1 
ATOM   1193 C CD1 . LEU A 1 148 ? 6.158   8.709   1.396   1.00 89.19  ? 171 LEU A CD1 1 
ATOM   1194 C CD2 . LEU A 1 148 ? 3.715   8.452   1.887   1.00 89.02  ? 171 LEU A CD2 1 
ATOM   1195 N N   . PRO A 1 149 ? 7.211   7.560   -1.915  1.00 87.83  ? 172 PRO A N   1 
ATOM   1196 C CA  . PRO A 1 149 ? 7.658   6.252   -2.392  1.00 88.16  ? 172 PRO A CA  1 
ATOM   1197 C C   . PRO A 1 149 ? 6.904   5.109   -1.713  1.00 89.16  ? 172 PRO A C   1 
ATOM   1198 O O   . PRO A 1 149 ? 6.386   5.271   -0.607  1.00 89.22  ? 172 PRO A O   1 
ATOM   1199 C CB  . PRO A 1 149 ? 9.144   6.253   -2.045  1.00 87.07  ? 172 PRO A CB  1 
ATOM   1200 C CG  . PRO A 1 149 ? 9.504   7.689   -2.132  1.00 86.41  ? 172 PRO A CG  1 
ATOM   1201 C CD  . PRO A 1 149 ? 8.351   8.349   -1.425  1.00 86.76  ? 172 PRO A CD  1 
ATOM   1202 N N   . GLY A 1 150 ? 6.844   3.962   -2.387  1.00 89.83  ? 173 GLY A N   1 
ATOM   1203 C CA  . GLY A 1 150 ? 6.163   2.803   -1.839  1.00 91.99  ? 173 GLY A CA  1 
ATOM   1204 C C   . GLY A 1 150 ? 4.775   3.068   -1.275  1.00 93.84  ? 173 GLY A C   1 
ATOM   1205 O O   . GLY A 1 150 ? 4.482   2.724   -0.128  1.00 93.56  ? 173 GLY A O   1 
ATOM   1206 N N   . SER A 1 151 ? 3.917   3.680   -2.084  1.00 95.30  ? 174 SER A N   1 
ATOM   1207 C CA  . SER A 1 151 ? 2.557   3.982   -1.671  1.00 96.36  ? 174 SER A CA  1 
ATOM   1208 C C   . SER A 1 151 ? 1.593   3.472   -2.733  1.00 98.73  ? 174 SER A C   1 
ATOM   1209 O O   . SER A 1 151 ? 1.854   3.574   -3.932  1.00 99.52  ? 174 SER A O   1 
ATOM   1210 C CB  . SER A 1 151 ? 2.382   5.487   -1.488  1.00 95.90  ? 174 SER A CB  1 
ATOM   1211 O OG  . SER A 1 151 ? 1.081   5.799   -1.028  1.00 95.61  ? 174 SER A OG  1 
ATOM   1212 N N   . CYS A 1 152 ? 0.479   2.914   -2.276  1.00 100.76 ? 175 CYS A N   1 
ATOM   1213 C CA  . CYS A 1 152 ? -0.545  2.363   -3.153  1.00 102.09 ? 175 CYS A CA  1 
ATOM   1214 C C   . CYS A 1 152 ? -1.716  3.323   -3.194  1.00 103.94 ? 175 CYS A C   1 
ATOM   1215 O O   . CYS A 1 152 ? -1.766  4.284   -2.428  1.00 103.63 ? 175 CYS A O   1 
ATOM   1216 C CB  . CYS A 1 152 ? -1.027  1.017   -2.599  1.00 100.96 ? 175 CYS A CB  1 
ATOM   1217 S SG  . CYS A 1 152 ? 0.243   -0.290  -2.552  1.00 101.61 ? 175 CYS A SG  1 
ATOM   1218 N N   . GLU A 1 153 ? -2.655  3.072   -4.094  1.00 106.70 ? 176 GLU A N   1 
ATOM   1219 C CA  . GLU A 1 153 ? -3.843  3.905   -4.167  1.00 110.35 ? 176 GLU A CA  1 
ATOM   1220 C C   . GLU A 1 153 ? -4.950  3.044   -3.585  1.00 111.64 ? 176 GLU A C   1 
ATOM   1221 O O   . GLU A 1 153 ? -6.124  3.214   -3.911  1.00 112.35 ? 176 GLU A O   1 
ATOM   1222 C CB  . GLU A 1 153 ? -4.163  4.282   -5.615  1.00 111.76 ? 176 GLU A CB  1 
ATOM   1223 C CG  . GLU A 1 153 ? -4.262  3.110   -6.570  1.00 114.07 ? 176 GLU A CG  1 
ATOM   1224 C CD  . GLU A 1 153 ? -4.528  3.565   -7.991  1.00 116.16 ? 176 GLU A CD  1 
ATOM   1225 O OE1 . GLU A 1 153 ? -3.738  4.387   -8.509  1.00 117.47 ? 176 GLU A OE1 1 
ATOM   1226 O OE2 . GLU A 1 153 ? -5.525  3.103   -8.589  1.00 116.99 ? 176 GLU A OE2 1 
ATOM   1227 N N   . ALA A 1 154 ? -4.546  2.120   -2.715  1.00 113.14 ? 177 ALA A N   1 
ATOM   1228 C CA  . ALA A 1 154 ? -5.460  1.184   -2.066  1.00 114.23 ? 177 ALA A CA  1 
ATOM   1229 C C   . ALA A 1 154 ? -6.453  1.861   -1.125  1.00 114.69 ? 177 ALA A C   1 
ATOM   1230 O O   . ALA A 1 154 ? -7.667  1.761   -1.317  1.00 114.74 ? 177 ALA A O   1 
ATOM   1231 C CB  . ALA A 1 154 ? -4.665  0.129   -1.310  1.00 113.90 ? 177 ALA A CB  1 
ATOM   1232 N N   . GLY A 1 155 ? -5.940  2.544   -0.109  1.00 114.75 ? 178 GLY A N   1 
ATOM   1233 C CA  . GLY A 1 155 ? -6.819  3.214   0.831   1.00 116.14 ? 178 GLY A CA  1 
ATOM   1234 C C   . GLY A 1 155 ? -7.267  4.580   0.343   1.00 117.47 ? 178 GLY A C   1 
ATOM   1235 O O   . GLY A 1 155 ? -7.066  4.919   -0.827  1.00 117.59 ? 178 GLY A O   1 
ATOM   1236 N N   . PRO A 1 156 ? -7.899  5.388   1.217   1.00 118.18 ? 179 PRO A N   1 
ATOM   1237 C CA  . PRO A 1 156 ? -8.376  6.732   0.868   1.00 118.35 ? 179 PRO A CA  1 
ATOM   1238 C C   . PRO A 1 156 ? -7.260  7.585   0.263   1.00 118.14 ? 179 PRO A C   1 
ATOM   1239 O O   . PRO A 1 156 ? -6.185  7.727   0.852   1.00 117.98 ? 179 PRO A O   1 
ATOM   1240 C CB  . PRO A 1 156 ? -8.850  7.284   2.211   1.00 118.57 ? 179 PRO A CB  1 
ATOM   1241 C CG  . PRO A 1 156 ? -9.384  6.070   2.879   1.00 118.59 ? 179 PRO A CG  1 
ATOM   1242 C CD  . PRO A 1 156 ? -8.312  5.036   2.588   1.00 118.27 ? 179 PRO A CD  1 
ATOM   1243 N N   . PRO A 1 157 ? -7.509  8.168   -0.922  1.00 117.70 ? 180 PRO A N   1 
ATOM   1244 C CA  . PRO A 1 157 ? -6.510  9.004   -1.589  1.00 117.02 ? 180 PRO A CA  1 
ATOM   1245 C C   . PRO A 1 157 ? -5.695  9.889   -0.653  1.00 116.26 ? 180 PRO A C   1 
ATOM   1246 O O   . PRO A 1 157 ? -6.188  10.378  0.367   1.00 115.89 ? 180 PRO A O   1 
ATOM   1247 C CB  . PRO A 1 157 ? -7.346  9.807   -2.574  1.00 116.94 ? 180 PRO A CB  1 
ATOM   1248 C CG  . PRO A 1 157 ? -8.349  8.804   -3.010  1.00 117.22 ? 180 PRO A CG  1 
ATOM   1249 C CD  . PRO A 1 157 ? -8.762  8.148   -1.699  1.00 117.77 ? 180 PRO A CD  1 
ATOM   1250 N N   . LEU A 1 158 ? -4.431  10.068  -1.013  1.00 115.13 ? 181 LEU A N   1 
ATOM   1251 C CA  . LEU A 1 158 ? -3.517  10.889  -0.245  1.00 114.32 ? 181 LEU A CA  1 
ATOM   1252 C C   . LEU A 1 158 ? -3.788  12.348  -0.596  1.00 114.82 ? 181 LEU A C   1 
ATOM   1253 O O   . LEU A 1 158 ? -4.212  12.659  -1.711  1.00 115.37 ? 181 LEU A O   1 
ATOM   1254 C CB  . LEU A 1 158 ? -2.084  10.511  -0.602  1.00 112.91 ? 181 LEU A CB  1 
ATOM   1255 C CG  . LEU A 1 158 ? -1.745  9.049   -0.318  1.00 111.70 ? 181 LEU A CG  1 
ATOM   1256 C CD1 . LEU A 1 158 ? -0.747  8.529   -1.333  1.00 111.21 ? 181 LEU A CD1 1 
ATOM   1257 C CD2 . LEU A 1 158 ? -1.212  8.932   1.091   1.00 111.42 ? 181 LEU A CD2 1 
ATOM   1258 N N   . THR A 1 159 ? -3.551  13.238  0.358   1.00 114.74 ? 182 THR A N   1 
ATOM   1259 C CA  . THR A 1 159 ? -3.781  14.660  0.150   1.00 114.91 ? 182 THR A CA  1 
ATOM   1260 C C   . THR A 1 159 ? -2.471  15.451  0.109   1.00 115.10 ? 182 THR A C   1 
ATOM   1261 O O   . THR A 1 159 ? -1.535  15.157  0.854   1.00 115.68 ? 182 THR A O   1 
ATOM   1262 C CB  . THR A 1 159 ? -4.705  15.220  1.262   1.00 115.27 ? 182 THR A CB  1 
ATOM   1263 O OG1 . THR A 1 159 ? -4.618  16.650  1.298   1.00 115.55 ? 182 THR A OG1 1 
ATOM   1264 C CG2 . THR A 1 159 ? -4.320  14.641  2.620   1.00 115.50 ? 182 THR A CG2 1 
ATOM   1265 N N   . PHE A 1 160 ? -2.411  16.454  -0.763  1.00 114.43 ? 183 PHE A N   1 
ATOM   1266 C CA  . PHE A 1 160 ? -1.216  17.277  -0.902  1.00 113.48 ? 183 PHE A CA  1 
ATOM   1267 C C   . PHE A 1 160 ? -1.433  18.723  -0.502  1.00 114.48 ? 183 PHE A C   1 
ATOM   1268 O O   . PHE A 1 160 ? -2.526  19.268  -0.657  1.00 114.76 ? 183 PHE A O   1 
ATOM   1269 C CB  . PHE A 1 160 ? -0.723  17.251  -2.344  1.00 111.88 ? 183 PHE A CB  1 
ATOM   1270 C CG  . PHE A 1 160 ? -0.451  15.882  -2.862  1.00 109.85 ? 183 PHE A CG  1 
ATOM   1271 C CD1 . PHE A 1 160 ? -1.483  14.975  -3.032  1.00 109.42 ? 183 PHE A CD1 1 
ATOM   1272 C CD2 . PHE A 1 160 ? 0.836   15.498  -3.186  1.00 109.27 ? 183 PHE A CD2 1 
ATOM   1273 C CE1 . PHE A 1 160 ? -1.234  13.704  -3.519  1.00 109.45 ? 183 PHE A CE1 1 
ATOM   1274 C CE2 . PHE A 1 160 ? 1.094   14.228  -3.674  1.00 109.44 ? 183 PHE A CE2 1 
ATOM   1275 C CZ  . PHE A 1 160 ? 0.057   13.330  -3.841  1.00 108.56 ? 183 PHE A CZ  1 
ATOM   1276 N N   . SER A 1 161 ? -0.372  19.340  0.004   1.00 115.77 ? 184 SER A N   1 
ATOM   1277 C CA  . SER A 1 161 ? -0.404  20.738  0.410   1.00 116.69 ? 184 SER A CA  1 
ATOM   1278 C C   . SER A 1 161 ? 1.022   21.264  0.502   1.00 117.32 ? 184 SER A C   1 
ATOM   1279 O O   . SER A 1 161 ? 1.807   20.829  1.347   1.00 117.14 ? 184 SER A O   1 
ATOM   1280 C CB  . SER A 1 161 ? -1.119  20.898  1.756   1.00 116.05 ? 184 SER A CB  1 
ATOM   1281 O OG  . SER A 1 161 ? -0.486  20.141  2.769   1.00 116.62 ? 184 SER A OG  1 
ATOM   1282 N N   . TRP A 1 162 ? 1.355   22.194  -0.386  1.00 118.51 ? 185 TRP A N   1 
ATOM   1283 C CA  . TRP A 1 162 ? 2.687   22.780  -0.411  1.00 119.73 ? 185 TRP A CA  1 
ATOM   1284 C C   . TRP A 1 162 ? 2.757   24.011  0.487   1.00 120.82 ? 185 TRP A C   1 
ATOM   1285 O O   . TRP A 1 162 ? 1.734   24.619  0.805   1.00 120.30 ? 185 TRP A O   1 
ATOM   1286 C CB  . TRP A 1 162 ? 3.070   23.168  -1.840  1.00 119.36 ? 185 TRP A CB  1 
ATOM   1287 C CG  . TRP A 1 162 ? 2.926   22.057  -2.832  1.00 119.41 ? 185 TRP A CG  1 
ATOM   1288 C CD1 . TRP A 1 162 ? 1.762   21.486  -3.264  1.00 119.49 ? 185 TRP A CD1 1 
ATOM   1289 C CD2 . TRP A 1 162 ? 3.983   21.394  -3.537  1.00 119.50 ? 185 TRP A CD2 1 
ATOM   1290 N NE1 . TRP A 1 162 ? 2.028   20.513  -4.198  1.00 119.50 ? 185 TRP A NE1 1 
ATOM   1291 C CE2 . TRP A 1 162 ? 3.383   20.434  -4.385  1.00 119.45 ? 185 TRP A CE2 1 
ATOM   1292 C CE3 . TRP A 1 162 ? 5.380   21.518  -3.535  1.00 118.98 ? 185 TRP A CE3 1 
ATOM   1293 C CZ2 . TRP A 1 162 ? 4.133   19.602  -5.226  1.00 118.80 ? 185 TRP A CZ2 1 
ATOM   1294 C CZ3 . TRP A 1 162 ? 6.127   20.690  -4.372  1.00 118.55 ? 185 TRP A CZ3 1 
ATOM   1295 C CH2 . TRP A 1 162 ? 5.499   19.744  -5.206  1.00 118.58 ? 185 TRP A CH2 1 
ATOM   1296 N N   . THR A 1 163 ? 3.971   24.380  0.884   1.00 122.46 ? 186 THR A N   1 
ATOM   1297 C CA  . THR A 1 163 ? 4.170   25.537  1.749   1.00 123.44 ? 186 THR A CA  1 
ATOM   1298 C C   . THR A 1 163 ? 5.504   26.224  1.472   1.00 124.64 ? 186 THR A C   1 
ATOM   1299 O O   . THR A 1 163 ? 6.454   25.595  1.003   1.00 124.57 ? 186 THR A O   1 
ATOM   1300 C CB  . THR A 1 163 ? 4.139   25.127  3.227   1.00 122.89 ? 186 THR A CB  1 
ATOM   1301 O OG1 . THR A 1 163 ? 2.957   24.361  3.483   1.00 122.90 ? 186 THR A OG1 1 
ATOM   1302 C CG2 . THR A 1 163 ? 4.147   26.360  4.121   1.00 122.62 ? 186 THR A CG2 1 
ATOM   1303 N N   . GLY A 1 164 ? 5.565   27.519  1.774   1.00 125.72 ? 187 GLY A N   1 
ATOM   1304 C CA  . GLY A 1 164 ? 6.780   28.282  1.559   1.00 126.75 ? 187 GLY A CA  1 
ATOM   1305 C C   . GLY A 1 164 ? 6.445   29.669  1.058   1.00 127.61 ? 187 GLY A C   1 
ATOM   1306 O O   . GLY A 1 164 ? 5.457   29.842  0.345   1.00 127.37 ? 187 GLY A O   1 
ATOM   1307 N N   . ASN A 1 165 ? 7.256   30.656  1.428   1.00 128.69 ? 188 ASN A N   1 
ATOM   1308 C CA  . ASN A 1 165 ? 7.019   32.034  1.001   1.00 130.21 ? 188 ASN A CA  1 
ATOM   1309 C C   . ASN A 1 165 ? 6.913   32.126  -0.514  1.00 130.44 ? 188 ASN A C   1 
ATOM   1310 O O   . ASN A 1 165 ? 6.398   33.107  -1.052  1.00 130.82 ? 188 ASN A O   1 
ATOM   1311 C CB  . ASN A 1 165 ? 8.140   32.962  1.483   1.00 131.07 ? 188 ASN A CB  1 
ATOM   1312 C CG  . ASN A 1 165 ? 8.128   33.167  2.985   1.00 131.93 ? 188 ASN A CG  1 
ATOM   1313 O OD1 . ASN A 1 165 ? 7.100   33.521  3.568   1.00 132.55 ? 188 ASN A OD1 1 
ATOM   1314 N ND2 . ASN A 1 165 ? 9.276   32.956  3.620   1.00 132.04 ? 188 ASN A ND2 1 
ATOM   1315 N N   . ALA A 1 166 ? 7.407   31.100  -1.193  1.00 130.74 ? 189 ALA A N   1 
ATOM   1316 C CA  . ALA A 1 166 ? 7.368   31.056  -2.646  1.00 131.61 ? 189 ALA A CA  1 
ATOM   1317 C C   . ALA A 1 166 ? 5.952   30.762  -3.154  1.00 132.51 ? 189 ALA A C   1 
ATOM   1318 O O   . ALA A 1 166 ? 5.678   30.877  -4.352  1.00 131.94 ? 189 ALA A O   1 
ATOM   1319 C CB  . ALA A 1 166 ? 8.345   29.999  -3.152  1.00 131.31 ? 189 ALA A CB  1 
ATOM   1320 N N   . LEU A 1 167 ? 5.055   30.393  -2.241  1.00 133.44 ? 190 LEU A N   1 
ATOM   1321 C CA  . LEU A 1 167 ? 3.674   30.079  -2.599  1.00 134.20 ? 190 LEU A CA  1 
ATOM   1322 C C   . LEU A 1 167 ? 2.725   31.277  -2.518  1.00 135.46 ? 190 LEU A C   1 
ATOM   1323 O O   . LEU A 1 167 ? 1.867   31.455  -3.384  1.00 135.73 ? 190 LEU A O   1 
ATOM   1324 C CB  . LEU A 1 167 ? 3.152   28.949  -1.714  1.00 133.13 ? 190 LEU A CB  1 
ATOM   1325 C CG  . LEU A 1 167 ? 3.856   27.597  -1.839  1.00 132.56 ? 190 LEU A CG  1 
ATOM   1326 C CD1 . LEU A 1 167 ? 3.019   26.570  -1.123  1.00 132.29 ? 190 LEU A CD1 1 
ATOM   1327 C CD2 . LEU A 1 167 ? 4.026   27.202  -3.302  1.00 131.75 ? 190 LEU A CD2 1 
ATOM   1328 N N   . SER A 1 168 ? 2.889   32.097  -1.482  1.00 136.65 ? 191 SER A N   1 
ATOM   1329 C CA  . SER A 1 168 ? 2.054   33.281  -1.278  1.00 137.60 ? 191 SER A CA  1 
ATOM   1330 C C   . SER A 1 168 ? 1.635   33.985  -2.584  1.00 138.53 ? 191 SER A C   1 
ATOM   1331 O O   . SER A 1 168 ? 0.512   34.489  -2.687  1.00 138.42 ? 191 SER A O   1 
ATOM   1332 C CB  . SER A 1 168 ? 2.778   34.272  -0.361  1.00 137.35 ? 191 SER A CB  1 
ATOM   1333 O OG  . SER A 1 168 ? 1.878   35.226  0.172   1.00 137.85 ? 191 SER A OG  1 
ATOM   1334 N N   . PRO A 1 169 ? 2.535   34.043  -3.589  1.00 139.42 ? 192 PRO A N   1 
ATOM   1335 C CA  . PRO A 1 169 ? 2.214   34.692  -4.868  1.00 140.12 ? 192 PRO A CA  1 
ATOM   1336 C C   . PRO A 1 169 ? 1.104   34.022  -5.705  1.00 140.79 ? 192 PRO A C   1 
ATOM   1337 O O   . PRO A 1 169 ? 0.488   34.666  -6.557  1.00 140.66 ? 192 PRO A O   1 
ATOM   1338 C CB  . PRO A 1 169 ? 3.561   34.697  -5.593  1.00 139.80 ? 192 PRO A CB  1 
ATOM   1339 C CG  . PRO A 1 169 ? 4.536   34.849  -4.469  1.00 139.48 ? 192 PRO A CG  1 
ATOM   1340 C CD  . PRO A 1 169 ? 3.995   33.853  -3.470  1.00 139.43 ? 192 PRO A CD  1 
ATOM   1341 N N   . LEU A 1 170 ? 0.849   32.737  -5.468  1.00 141.65 ? 193 LEU A N   1 
ATOM   1342 C CA  . LEU A 1 170 ? -0.178  32.020  -6.221  1.00 142.31 ? 193 LEU A CA  1 
ATOM   1343 C C   . LEU A 1 170 ? -1.514  31.858  -5.491  1.00 142.95 ? 193 LEU A C   1 
ATOM   1344 O O   . LEU A 1 170 ? -1.756  32.479  -4.454  1.00 142.98 ? 193 LEU A O   1 
ATOM   1345 C CB  . LEU A 1 170 ? 0.343   30.643  -6.648  1.00 141.70 ? 193 LEU A CB  1 
ATOM   1346 C CG  . LEU A 1 170 ? 1.384   30.605  -7.770  1.00 141.31 ? 193 LEU A CG  1 
ATOM   1347 C CD1 . LEU A 1 170 ? 1.742   29.158  -8.061  1.00 141.22 ? 193 LEU A CD1 1 
ATOM   1348 C CD2 . LEU A 1 170 ? 0.832   31.278  -9.022  1.00 140.78 ? 193 LEU A CD2 1 
ATOM   1349 N N   . ASP A 1 171 ? -2.380  31.017  -6.054  1.00 143.51 ? 194 ASP A N   1 
ATOM   1350 C CA  . ASP A 1 171 ? -3.703  30.763  -5.491  1.00 144.01 ? 194 ASP A CA  1 
ATOM   1351 C C   . ASP A 1 171 ? -3.716  29.627  -4.477  1.00 143.98 ? 194 ASP A C   1 
ATOM   1352 O O   . ASP A 1 171 ? -3.354  28.493  -4.798  1.00 143.80 ? 194 ASP A O   1 
ATOM   1353 C CB  . ASP A 1 171 ? -4.700  30.428  -6.605  1.00 144.44 ? 194 ASP A CB  1 
ATOM   1354 C CG  . ASP A 1 171 ? -4.883  31.564  -7.588  1.00 145.01 ? 194 ASP A CG  1 
ATOM   1355 O OD1 . ASP A 1 171 ? -5.182  32.693  -7.141  1.00 145.70 ? 194 ASP A OD1 1 
ATOM   1356 O OD2 . ASP A 1 171 ? -4.737  31.327  -8.807  1.00 144.86 ? 194 ASP A OD2 1 
ATOM   1357 N N   . PRO A 1 172 ? -4.146  29.915  -3.236  1.00 143.82 ? 195 PRO A N   1 
ATOM   1358 C CA  . PRO A 1 172 ? -4.212  28.908  -2.172  1.00 143.69 ? 195 PRO A CA  1 
ATOM   1359 C C   . PRO A 1 172 ? -5.062  27.711  -2.603  1.00 143.57 ? 195 PRO A C   1 
ATOM   1360 O O   . PRO A 1 172 ? -5.124  26.687  -1.916  1.00 143.11 ? 195 PRO A O   1 
ATOM   1361 C CB  . PRO A 1 172 ? -4.843  29.680  -1.016  1.00 143.44 ? 195 PRO A CB  1 
ATOM   1362 C CG  . PRO A 1 172 ? -4.315  31.061  -1.222  1.00 143.41 ? 195 PRO A CG  1 
ATOM   1363 C CD  . PRO A 1 172 ? -4.485  31.251  -2.711  1.00 143.50 ? 195 PRO A CD  1 
ATOM   1364 N N   . GLU A 1 173 ? -5.708  27.856  -3.756  1.00 143.56 ? 196 GLU A N   1 
ATOM   1365 C CA  . GLU A 1 173 ? -6.564  26.819  -4.313  1.00 143.23 ? 196 GLU A CA  1 
ATOM   1366 C C   . GLU A 1 173 ? -5.750  25.679  -4.917  1.00 142.29 ? 196 GLU A C   1 
ATOM   1367 O O   . GLU A 1 173 ? -5.917  24.521  -4.536  1.00 142.54 ? 196 GLU A O   1 
ATOM   1368 C CB  . GLU A 1 173 ? -7.477  27.418  -5.386  1.00 144.44 ? 196 GLU A CB  1 
ATOM   1369 C CG  . GLU A 1 173 ? -8.354  28.565  -4.900  1.00 146.45 ? 196 GLU A CG  1 
ATOM   1370 C CD  . GLU A 1 173 ? -9.446  28.110  -3.947  1.00 147.61 ? 196 GLU A CD  1 
ATOM   1371 O OE1 . GLU A 1 173 ? -10.338 27.352  -4.387  1.00 147.90 ? 196 GLU A OE1 1 
ATOM   1372 O OE2 . GLU A 1 173 ? -9.413  28.506  -2.761  1.00 148.12 ? 196 GLU A OE2 1 
ATOM   1373 N N   . THR A 1 174 ? -4.868  26.015  -5.859  1.00 140.85 ? 197 THR A N   1 
ATOM   1374 C CA  . THR A 1 174 ? -4.040  25.017  -6.539  1.00 139.18 ? 197 THR A CA  1 
ATOM   1375 C C   . THR A 1 174 ? -2.762  24.629  -5.791  1.00 137.84 ? 197 THR A C   1 
ATOM   1376 O O   . THR A 1 174 ? -1.749  24.286  -6.406  1.00 137.56 ? 197 THR A O   1 
ATOM   1377 C CB  . THR A 1 174 ? -3.652  25.496  -7.957  1.00 138.94 ? 197 THR A CB  1 
ATOM   1378 O OG1 . THR A 1 174 ? -2.984  26.760  -7.876  1.00 138.52 ? 197 THR A OG1 1 
ATOM   1379 C CG2 . THR A 1 174 ? -4.888  25.640  -8.823  1.00 138.55 ? 197 THR A CG2 1 
ATOM   1380 N N   . THR A 1 175 ? -2.821  24.681  -4.465  1.00 135.82 ? 198 THR A N   1 
ATOM   1381 C CA  . THR A 1 175 ? -1.684  24.325  -3.624  1.00 133.75 ? 198 THR A CA  1 
ATOM   1382 C C   . THR A 1 175 ? -1.975  22.965  -3.006  1.00 132.55 ? 198 THR A C   1 
ATOM   1383 O O   . THR A 1 175 ? -1.229  22.470  -2.162  1.00 131.93 ? 198 THR A O   1 
ATOM   1384 C CB  . THR A 1 175 ? -1.495  25.358  -2.497  1.00 133.47 ? 198 THR A CB  1 
ATOM   1385 O OG1 . THR A 1 175 ? -1.263  26.650  -3.072  1.00 132.92 ? 198 THR A OG1 1 
ATOM   1386 C CG2 . THR A 1 175 ? -0.318  24.988  -1.613  1.00 133.62 ? 198 THR A CG2 1 
ATOM   1387 N N   . ARG A 1 176 ? -3.070  22.361  -3.455  1.00 131.30 ? 199 ARG A N   1 
ATOM   1388 C CA  . ARG A 1 176 ? -3.507  21.071  -2.947  1.00 129.95 ? 199 ARG A CA  1 
ATOM   1389 C C   . ARG A 1 176 ? -3.363  19.945  -3.960  1.00 128.71 ? 199 ARG A C   1 
ATOM   1390 O O   . ARG A 1 176 ? -3.697  18.801  -3.667  1.00 128.53 ? 199 ARG A O   1 
ATOM   1391 C CB  . ARG A 1 176 ? -4.965  21.173  -2.505  1.00 130.74 ? 199 ARG A CB  1 
ATOM   1392 C CG  . ARG A 1 176 ? -5.216  22.174  -1.388  1.00 131.38 ? 199 ARG A CG  1 
ATOM   1393 C CD  . ARG A 1 176 ? -4.740  21.629  -0.053  1.00 132.09 ? 199 ARG A CD  1 
ATOM   1394 N NE  . ARG A 1 176 ? -5.134  22.484  1.063   1.00 132.94 ? 199 ARG A NE  1 
ATOM   1395 C CZ  . ARG A 1 176 ? -5.019  22.140  2.343   1.00 133.31 ? 199 ARG A CZ  1 
ATOM   1396 N NH1 . ARG A 1 176 ? -4.523  20.955  2.675   1.00 133.09 ? 199 ARG A NH1 1 
ATOM   1397 N NH2 . ARG A 1 176 ? -5.402  22.981  3.294   1.00 133.73 ? 199 ARG A NH2 1 
ATOM   1398 N N   . SER A 1 177 ? -2.873  20.265  -5.151  1.00 127.65 ? 200 SER A N   1 
ATOM   1399 C CA  . SER A 1 177 ? -2.700  19.256  -6.189  1.00 126.51 ? 200 SER A CA  1 
ATOM   1400 C C   . SER A 1 177 ? -1.347  18.574  -6.034  1.00 125.83 ? 200 SER A C   1 
ATOM   1401 O O   . SER A 1 177 ? -0.368  19.212  -5.654  1.00 126.04 ? 200 SER A O   1 
ATOM   1402 C CB  . SER A 1 177 ? -2.806  19.903  -7.569  1.00 126.48 ? 200 SER A CB  1 
ATOM   1403 O OG  . SER A 1 177 ? -4.040  20.582  -7.711  1.00 126.12 ? 200 SER A OG  1 
ATOM   1404 N N   . SER A 1 178 ? -1.296  17.278  -6.326  1.00 125.24 ? 201 SER A N   1 
ATOM   1405 C CA  . SER A 1 178 ? -0.056  16.514  -6.203  1.00 125.03 ? 201 SER A CA  1 
ATOM   1406 C C   . SER A 1 178 ? 1.076   17.224  -6.924  1.00 124.40 ? 201 SER A C   1 
ATOM   1407 O O   . SER A 1 178 ? 2.194   17.327  -6.423  1.00 123.95 ? 201 SER A O   1 
ATOM   1408 C CB  . SER A 1 178 ? -0.221  15.117  -6.802  1.00 125.28 ? 201 SER A CB  1 
ATOM   1409 O OG  . SER A 1 178 ? -0.301  15.175  -8.215  1.00 126.30 ? 201 SER A OG  1 
ATOM   1410 N N   . GLU A 1 179 ? 0.769   17.706  -8.117  1.00 124.23 ? 202 GLU A N   1 
ATOM   1411 C CA  . GLU A 1 179 ? 1.747   18.409  -8.914  1.00 124.34 ? 202 GLU A CA  1 
ATOM   1412 C C   . GLU A 1 179 ? 1.500   19.901  -8.780  1.00 123.81 ? 202 GLU A C   1 
ATOM   1413 O O   . GLU A 1 179 ? 0.379   20.333  -8.504  1.00 123.19 ? 202 GLU A O   1 
ATOM   1414 C CB  . GLU A 1 179 ? 1.628   17.979  -10.370 1.00 125.46 ? 202 GLU A CB  1 
ATOM   1415 C CG  . GLU A 1 179 ? 2.519   18.746  -11.307 1.00 127.35 ? 202 GLU A CG  1 
ATOM   1416 C CD  . GLU A 1 179 ? 2.318   18.317  -12.732 1.00 128.72 ? 202 GLU A CD  1 
ATOM   1417 O OE1 . GLU A 1 179 ? 1.154   18.326  -13.183 1.00 129.71 ? 202 GLU A OE1 1 
ATOM   1418 O OE2 . GLU A 1 179 ? 3.315   17.971  -13.400 1.00 129.66 ? 202 GLU A OE2 1 
ATOM   1419 N N   . LEU A 1 180 ? 2.552   20.687  -8.973  1.00 123.49 ? 203 LEU A N   1 
ATOM   1420 C CA  . LEU A 1 180 ? 2.445   22.130  -8.858  1.00 122.93 ? 203 LEU A CA  1 
ATOM   1421 C C   . LEU A 1 180 ? 3.380   22.827  -9.832  1.00 122.22 ? 203 LEU A C   1 
ATOM   1422 O O   . LEU A 1 180 ? 4.581   22.565  -9.845  1.00 122.19 ? 203 LEU A O   1 
ATOM   1423 C CB  . LEU A 1 180 ? 2.782   22.559  -7.426  1.00 122.90 ? 203 LEU A CB  1 
ATOM   1424 C CG  . LEU A 1 180 ? 2.681   24.049  -7.103  1.00 122.97 ? 203 LEU A CG  1 
ATOM   1425 C CD1 . LEU A 1 180 ? 1.259   24.527  -7.360  1.00 123.50 ? 203 LEU A CD1 1 
ATOM   1426 C CD2 . LEU A 1 180 ? 3.075   24.288  -5.652  1.00 122.86 ? 203 LEU A CD2 1 
ATOM   1427 N N   . THR A 1 181 ? 2.821   23.701  -10.659 1.00 121.70 ? 204 THR A N   1 
ATOM   1428 C CA  . THR A 1 181 ? 3.623   24.457  -11.612 1.00 121.71 ? 204 THR A CA  1 
ATOM   1429 C C   . THR A 1 181 ? 3.908   25.794  -10.946 1.00 120.79 ? 204 THR A C   1 
ATOM   1430 O O   . THR A 1 181 ? 3.100   26.282  -10.153 1.00 120.30 ? 204 THR A O   1 
ATOM   1431 C CB  . THR A 1 181 ? 2.875   24.693  -12.936 1.00 122.16 ? 204 THR A CB  1 
ATOM   1432 O OG1 . THR A 1 181 ? 2.483   23.431  -13.488 1.00 123.42 ? 204 THR A OG1 1 
ATOM   1433 C CG2 . THR A 1 181 ? 3.773   25.415  -13.937 1.00 121.59 ? 204 THR A CG2 1 
ATOM   1434 N N   . LEU A 1 182 ? 5.047   26.394  -11.268 1.00 119.71 ? 205 LEU A N   1 
ATOM   1435 C CA  . LEU A 1 182 ? 5.407   27.651  -10.637 1.00 118.34 ? 205 LEU A CA  1 
ATOM   1436 C C   . LEU A 1 182 ? 6.283   28.555  -11.498 1.00 117.89 ? 205 LEU A C   1 
ATOM   1437 O O   . LEU A 1 182 ? 7.013   28.090  -12.370 1.00 117.66 ? 205 LEU A O   1 
ATOM   1438 C CB  . LEU A 1 182 ? 6.111   27.338  -9.314  1.00 117.35 ? 205 LEU A CB  1 
ATOM   1439 C CG  . LEU A 1 182 ? 6.576   28.455  -8.381  1.00 116.83 ? 205 LEU A CG  1 
ATOM   1440 C CD1 . LEU A 1 182 ? 5.422   29.387  -8.048  1.00 116.62 ? 205 LEU A CD1 1 
ATOM   1441 C CD2 . LEU A 1 182 ? 7.143   27.823  -7.120  1.00 115.21 ? 205 LEU A CD2 1 
ATOM   1442 N N   . THR A 1 183 ? 6.186   29.857  -11.246 1.00 117.72 ? 206 THR A N   1 
ATOM   1443 C CA  . THR A 1 183 ? 6.983   30.851  -11.954 1.00 117.38 ? 206 THR A CA  1 
ATOM   1444 C C   . THR A 1 183 ? 7.684   31.674  -10.871 1.00 117.17 ? 206 THR A C   1 
ATOM   1445 O O   . THR A 1 183 ? 7.118   32.622  -10.324 1.00 116.05 ? 206 THR A O   1 
ATOM   1446 C CB  . THR A 1 183 ? 6.105   31.765  -12.839 1.00 116.89 ? 206 THR A CB  1 
ATOM   1447 O OG1 . THR A 1 183 ? 5.463   30.975  -13.848 1.00 115.95 ? 206 THR A OG1 1 
ATOM   1448 C CG2 . THR A 1 183 ? 6.956   32.829  -13.516 1.00 115.96 ? 206 THR A CG2 1 
ATOM   1449 N N   . PRO A 1 184 ? 8.934   31.302  -10.548 1.00 117.66 ? 207 PRO A N   1 
ATOM   1450 C CA  . PRO A 1 184 ? 9.797   31.927  -9.540  1.00 117.80 ? 207 PRO A CA  1 
ATOM   1451 C C   . PRO A 1 184 ? 10.170  33.393  -9.743  1.00 118.32 ? 207 PRO A C   1 
ATOM   1452 O O   . PRO A 1 184 ? 10.162  33.914  -10.861 1.00 118.64 ? 207 PRO A O   1 
ATOM   1453 C CB  . PRO A 1 184 ? 11.023  31.020  -9.535  1.00 117.55 ? 207 PRO A CB  1 
ATOM   1454 C CG  . PRO A 1 184 ? 11.106  30.586  -10.960 1.00 117.07 ? 207 PRO A CG  1 
ATOM   1455 C CD  . PRO A 1 184 ? 9.672   30.248  -11.272 1.00 117.24 ? 207 PRO A CD  1 
ATOM   1456 N N   . ARG A 1 185 ? 10.504  34.038  -8.631  1.00 118.29 ? 208 ARG A N   1 
ATOM   1457 C CA  . ARG A 1 185 ? 10.902  35.439  -8.604  1.00 118.01 ? 208 ARG A CA  1 
ATOM   1458 C C   . ARG A 1 185 ? 12.237  35.502  -7.867  1.00 116.69 ? 208 ARG A C   1 
ATOM   1459 O O   . ARG A 1 185 ? 12.661  34.518  -7.255  1.00 116.52 ? 208 ARG A O   1 
ATOM   1460 C CB  . ARG A 1 185 ? 9.886   36.273  -7.820  1.00 119.36 ? 208 ARG A CB  1 
ATOM   1461 C CG  . ARG A 1 185 ? 8.480   36.338  -8.377  1.00 121.46 ? 208 ARG A CG  1 
ATOM   1462 C CD  . ARG A 1 185 ? 7.579   37.008  -7.338  1.00 124.12 ? 208 ARG A CD  1 
ATOM   1463 N NE  . ARG A 1 185 ? 6.265   37.386  -7.858  1.00 125.83 ? 208 ARG A NE  1 
ATOM   1464 C CZ  . ARG A 1 185 ? 5.322   37.991  -7.137  1.00 125.76 ? 208 ARG A CZ  1 
ATOM   1465 N NH1 . ARG A 1 185 ? 5.547   38.287  -5.863  1.00 125.51 ? 208 ARG A NH1 1 
ATOM   1466 N NH2 . ARG A 1 185 ? 4.156   38.309  -7.691  1.00 125.31 ? 208 ARG A NH2 1 
ATOM   1467 N N   . PRO A 1 186 ? 12.919  36.658  -7.918  1.00 115.57 ? 209 PRO A N   1 
ATOM   1468 C CA  . PRO A 1 186 ? 14.203  36.784  -7.222  1.00 113.53 ? 209 PRO A CA  1 
ATOM   1469 C C   . PRO A 1 186 ? 14.034  36.526  -5.725  1.00 111.14 ? 209 PRO A C   1 
ATOM   1470 O O   . PRO A 1 186 ? 14.911  35.951  -5.088  1.00 111.06 ? 209 PRO A O   1 
ATOM   1471 C CB  . PRO A 1 186 ? 14.611  38.226  -7.513  1.00 114.37 ? 209 PRO A CB  1 
ATOM   1472 C CG  . PRO A 1 186 ? 14.036  38.465  -8.875  1.00 114.89 ? 209 PRO A CG  1 
ATOM   1473 C CD  . PRO A 1 186 ? 12.660  37.842  -8.762  1.00 115.44 ? 209 PRO A CD  1 
ATOM   1474 N N   . GLU A 1 187 ? 12.899  36.953  -5.174  1.00 108.85 ? 210 GLU A N   1 
ATOM   1475 C CA  . GLU A 1 187 ? 12.620  36.775  -3.753  1.00 106.65 ? 210 GLU A CA  1 
ATOM   1476 C C   . GLU A 1 187 ? 12.604  35.303  -3.385  1.00 105.53 ? 210 GLU A C   1 
ATOM   1477 O O   . GLU A 1 187 ? 13.101  34.916  -2.324  1.00 105.42 ? 210 GLU A O   1 
ATOM   1478 C CB  . GLU A 1 187 ? 11.260  37.363  -3.365  1.00 106.48 ? 210 GLU A CB  1 
ATOM   1479 C CG  . GLU A 1 187 ? 10.927  38.735  -3.922  1.00 107.22 ? 210 GLU A CG  1 
ATOM   1480 C CD  . GLU A 1 187 ? 10.263  38.669  -5.287  1.00 107.61 ? 210 GLU A CD  1 
ATOM   1481 O OE1 . GLU A 1 187 ? 10.982  38.528  -6.297  1.00 107.80 ? 210 GLU A OE1 1 
ATOM   1482 O OE2 . GLU A 1 187 ? 9.016   38.749  -5.344  1.00 106.46 ? 210 GLU A OE2 1 
ATOM   1483 N N   . ASP A 1 188 ? 12.022  34.493  -4.267  1.00 103.99 ? 211 ASP A N   1 
ATOM   1484 C CA  . ASP A 1 188 ? 11.902  33.049  -4.061  1.00 103.30 ? 211 ASP A CA  1 
ATOM   1485 C C   . ASP A 1 188 ? 13.235  32.316  -3.896  1.00 102.41 ? 211 ASP A C   1 
ATOM   1486 O O   . ASP A 1 188 ? 13.304  31.270  -3.250  1.00 101.92 ? 211 ASP A O   1 
ATOM   1487 C CB  . ASP A 1 188 ? 11.125  32.419  -5.218  1.00 103.77 ? 211 ASP A CB  1 
ATOM   1488 C CG  . ASP A 1 188 ? 9.761   33.049  -5.417  1.00 104.08 ? 211 ASP A CG  1 
ATOM   1489 O OD1 . ASP A 1 188 ? 9.049   33.263  -4.413  1.00 104.42 ? 211 ASP A OD1 1 
ATOM   1490 O OD2 . ASP A 1 188 ? 9.397   33.323  -6.579  1.00 104.49 ? 211 ASP A OD2 1 
ATOM   1491 N N   . HIS A 1 189 ? 14.286  32.871  -4.486  1.00 101.40 ? 212 HIS A N   1 
ATOM   1492 C CA  . HIS A 1 189 ? 15.625  32.290  -4.420  1.00 100.11 ? 212 HIS A CA  1 
ATOM   1493 C C   . HIS A 1 189 ? 16.138  32.076  -2.989  1.00 99.19  ? 212 HIS A C   1 
ATOM   1494 O O   . HIS A 1 189 ? 16.294  33.027  -2.223  1.00 99.59  ? 212 HIS A O   1 
ATOM   1495 C CB  . HIS A 1 189 ? 16.599  33.192  -5.170  1.00 100.32 ? 212 HIS A CB  1 
ATOM   1496 C CG  . HIS A 1 189 ? 18.021  32.741  -5.085  1.00 100.93 ? 212 HIS A CG  1 
ATOM   1497 N ND1 . HIS A 1 189 ? 18.555  31.800  -5.939  1.00 101.27 ? 212 HIS A ND1 1 
ATOM   1498 C CD2 . HIS A 1 189 ? 19.017  33.093  -4.239  1.00 101.49 ? 212 HIS A CD2 1 
ATOM   1499 C CE1 . HIS A 1 189 ? 19.822  31.597  -5.626  1.00 102.32 ? 212 HIS A CE1 1 
ATOM   1500 N NE2 . HIS A 1 189 ? 20.127  32.368  -4.598  1.00 102.77 ? 212 HIS A NE2 1 
ATOM   1501 N N   . GLY A 1 190 ? 16.422  30.825  -2.643  1.00 97.62  ? 213 GLY A N   1 
ATOM   1502 C CA  . GLY A 1 190 ? 16.919  30.527  -1.313  1.00 95.18  ? 213 GLY A CA  1 
ATOM   1503 C C   . GLY A 1 190 ? 15.791  30.252  -0.340  1.00 94.29  ? 213 GLY A C   1 
ATOM   1504 O O   . GLY A 1 190 ? 16.016  29.961  0.835   1.00 94.23  ? 213 GLY A O   1 
ATOM   1505 N N   . THR A 1 191 ? 14.565  30.339  -0.838  1.00 93.14  ? 214 THR A N   1 
ATOM   1506 C CA  . THR A 1 191 ? 13.389  30.099  -0.020  1.00 91.54  ? 214 THR A CA  1 
ATOM   1507 C C   . THR A 1 191 ? 13.088  28.613  0.179   1.00 91.32  ? 214 THR A C   1 
ATOM   1508 O O   . THR A 1 191 ? 13.529  27.760  -0.601  1.00 89.51  ? 214 THR A O   1 
ATOM   1509 C CB  . THR A 1 191 ? 12.161  30.815  -0.630  1.00 91.14  ? 214 THR A CB  1 
ATOM   1510 O OG1 . THR A 1 191 ? 11.908  32.016  0.109   1.00 89.85  ? 214 THR A OG1 1 
ATOM   1511 C CG2 . THR A 1 191 ? 10.922  29.912  -0.618  1.00 90.85  ? 214 THR A CG2 1 
ATOM   1512 N N   . ASN A 1 192 ? 12.346  28.316  1.245   1.00 91.52  ? 215 ASN A N   1 
ATOM   1513 C CA  . ASN A 1 192 ? 11.961  26.949  1.561   1.00 91.58  ? 215 ASN A CA  1 
ATOM   1514 C C   . ASN A 1 192 ? 10.604  26.583  1.004   1.00 90.78  ? 215 ASN A C   1 
ATOM   1515 O O   . ASN A 1 192 ? 9.617   27.280  1.228   1.00 90.98  ? 215 ASN A O   1 
ATOM   1516 C CB  . ASN A 1 192 ? 11.933  26.716  3.066   1.00 92.08  ? 215 ASN A CB  1 
ATOM   1517 C CG  . ASN A 1 192 ? 13.280  26.350  3.613   1.00 93.80  ? 215 ASN A CG  1 
ATOM   1518 O OD1 . ASN A 1 192 ? 14.189  25.977  2.865   1.00 94.37  ? 215 ASN A OD1 1 
ATOM   1519 N ND2 . ASN A 1 192 ? 13.421  26.437  4.928   1.00 95.14  ? 215 ASN A ND2 1 
ATOM   1520 N N   . LEU A 1 193 ? 10.569  25.488  0.263   1.00 89.91  ? 216 LEU A N   1 
ATOM   1521 C CA  . LEU A 1 193 ? 9.330   25.009  -0.299  1.00 89.41  ? 216 LEU A CA  1 
ATOM   1522 C C   . LEU A 1 193 ? 9.096   23.689  0.394   1.00 89.47  ? 216 LEU A C   1 
ATOM   1523 O O   . LEU A 1 193 ? 10.042  22.937  0.630   1.00 87.86  ? 216 LEU A O   1 
ATOM   1524 C CB  . LEU A 1 193 ? 9.446   24.802  -1.802  1.00 88.24  ? 216 LEU A CB  1 
ATOM   1525 C CG  . LEU A 1 193 ? 8.103   24.368  -2.380  1.00 88.57  ? 216 LEU A CG  1 
ATOM   1526 C CD1 . LEU A 1 193 ? 7.081   25.475  -2.152  1.00 86.75  ? 216 LEU A CD1 1 
ATOM   1527 C CD2 . LEU A 1 193 ? 8.249   24.050  -3.861  1.00 88.46  ? 216 LEU A CD2 1 
ATOM   1528 N N   . THR A 1 194 ? 7.839   23.416  0.725   1.00 90.85  ? 217 THR A N   1 
ATOM   1529 C CA  . THR A 1 194 ? 7.483   22.197  1.436   1.00 91.87  ? 217 THR A CA  1 
ATOM   1530 C C   . THR A 1 194 ? 6.285   21.482  0.825   1.00 92.88  ? 217 THR A C   1 
ATOM   1531 O O   . THR A 1 194 ? 5.435   22.105  0.193   1.00 92.31  ? 217 THR A O   1 
ATOM   1532 C CB  . THR A 1 194 ? 7.148   22.519  2.910   1.00 91.11  ? 217 THR A CB  1 
ATOM   1533 O OG1 . THR A 1 194 ? 8.202   23.306  3.479   1.00 90.69  ? 217 THR A OG1 1 
ATOM   1534 C CG2 . THR A 1 194 ? 6.987   21.243  3.720   1.00 90.80  ? 217 THR A CG2 1 
ATOM   1535 N N   . CYS A 1 195 ? 6.244   20.166  1.007   1.00 94.81  ? 218 CYS A N   1 
ATOM   1536 C CA  . CYS A 1 195 ? 5.130   19.356  0.530   1.00 97.02  ? 218 CYS A CA  1 
ATOM   1537 C C   . CYS A 1 195 ? 4.701   18.453  1.681   1.00 98.71  ? 218 CYS A C   1 
ATOM   1538 O O   . CYS A 1 195 ? 5.530   17.778  2.290   1.00 98.71  ? 218 CYS A O   1 
ATOM   1539 C CB  . CYS A 1 195 ? 5.517   18.494  -0.684  1.00 96.26  ? 218 CYS A CB  1 
ATOM   1540 S SG  . CYS A 1 195 ? 4.144   17.411  -1.219  1.00 96.96  ? 218 CYS A SG  1 
ATOM   1541 N N   . GLN A 1 196 ? 3.408   18.463  1.986   1.00 100.80 ? 219 GLN A N   1 
ATOM   1542 C CA  . GLN A 1 196 ? 2.863   17.640  3.061   1.00 103.19 ? 219 GLN A CA  1 
ATOM   1543 C C   . GLN A 1 196 ? 1.812   16.702  2.486   1.00 103.66 ? 219 GLN A C   1 
ATOM   1544 O O   . GLN A 1 196 ? 0.938   17.126  1.724   1.00 103.09 ? 219 GLN A O   1 
ATOM   1545 C CB  . GLN A 1 196 ? 2.227   18.527  4.131   1.00 105.70 ? 219 GLN A CB  1 
ATOM   1546 C CG  . GLN A 1 196 ? 3.178   19.549  4.738   1.00 108.85 ? 219 GLN A CG  1 
ATOM   1547 C CD  . GLN A 1 196 ? 2.445   20.733  5.355   1.00 110.30 ? 219 GLN A CD  1 
ATOM   1548 O OE1 . GLN A 1 196 ? 1.839   21.540  4.644   1.00 109.95 ? 219 GLN A OE1 1 
ATOM   1549 N NE2 . GLN A 1 196 ? 2.494   20.839  6.684   1.00 110.02 ? 219 GLN A NE2 1 
ATOM   1550 N N   . MET A 1 197 ? 1.902   15.431  2.856   1.00 104.72 ? 220 MET A N   1 
ATOM   1551 C CA  . MET A 1 197 ? 0.963   14.423  2.374   1.00 106.06 ? 220 MET A CA  1 
ATOM   1552 C C   . MET A 1 197 ? 0.261   13.686  3.510   1.00 107.37 ? 220 MET A C   1 
ATOM   1553 O O   . MET A 1 197 ? 0.909   13.218  4.441   1.00 106.98 ? 220 MET A O   1 
ATOM   1554 C CB  . MET A 1 197 ? 1.692   13.412  1.485   1.00 105.10 ? 220 MET A CB  1 
ATOM   1555 C CG  . MET A 1 197 ? 2.068   13.948  0.109   1.00 104.88 ? 220 MET A CG  1 
ATOM   1556 S SD  . MET A 1 197 ? 3.085   12.801  -0.849  1.00 104.14 ? 220 MET A SD  1 
ATOM   1557 C CE  . MET A 1 197 ? 1.879   11.620  -1.401  1.00 103.69 ? 220 MET A CE  1 
ATOM   1558 N N   . LYS A 1 198 ? -1.066  13.590  3.431   1.00 109.49 ? 221 LYS A N   1 
ATOM   1559 C CA  . LYS A 1 198 ? -1.854  12.889  4.445   1.00 111.56 ? 221 LYS A CA  1 
ATOM   1560 C C   . LYS A 1 198 ? -2.794  11.873  3.799   1.00 113.72 ? 221 LYS A C   1 
ATOM   1561 O O   . LYS A 1 198 ? -3.041  11.925  2.592   1.00 113.87 ? 221 LYS A O   1 
ATOM   1562 C CB  . LYS A 1 198 ? -2.651  13.887  5.294   1.00 110.21 ? 221 LYS A CB  1 
ATOM   1563 C CG  . LYS A 1 198 ? -1.767  14.822  6.100   1.00 109.91 ? 221 LYS A CG  1 
ATOM   1564 C CD  . LYS A 1 198 ? -0.722  14.023  6.879   1.00 109.52 ? 221 LYS A CD  1 
ATOM   1565 C CE  . LYS A 1 198 ? 0.644   14.699  6.824   1.00 109.53 ? 221 LYS A CE  1 
ATOM   1566 N NZ  . LYS A 1 198 ? 1.763   13.814  7.272   1.00 107.93 ? 221 LYS A NZ  1 
ATOM   1567 N N   . ARG A 1 199 ? -3.316  10.947  4.602   1.00 116.33 ? 222 ARG A N   1 
ATOM   1568 C CA  . ARG A 1 199 ? -4.219  9.908   4.094   1.00 118.08 ? 222 ARG A CA  1 
ATOM   1569 C C   . ARG A 1 199 ? -5.680  10.158  4.476   1.00 118.80 ? 222 ARG A C   1 
ATOM   1570 O O   . ARG A 1 199 ? -6.343  9.272   5.012   1.00 119.13 ? 222 ARG A O   1 
ATOM   1571 C CB  . ARG A 1 199 ? -3.792  8.534   4.626   1.00 118.18 ? 222 ARG A CB  1 
ATOM   1572 C CG  . ARG A 1 199 ? -4.307  7.360   3.801   1.00 118.56 ? 222 ARG A CG  1 
ATOM   1573 C CD  . ARG A 1 199 ? -3.284  6.927   2.754   1.00 118.65 ? 222 ARG A CD  1 
ATOM   1574 N NE  . ARG A 1 199 ? -3.879  6.116   1.694   1.00 118.14 ? 222 ARG A NE  1 
ATOM   1575 C CZ  . ARG A 1 199 ? -3.181  5.427   0.797   1.00 117.95 ? 222 ARG A CZ  1 
ATOM   1576 N NH1 . ARG A 1 199 ? -1.854  5.443   0.829   1.00 117.37 ? 222 ARG A NH1 1 
ATOM   1577 N NH2 . ARG A 1 199 ? -3.811  4.724   -0.136  1.00 118.46 ? 222 ARG A NH2 1 
ATOM   1578 N N   . GLN A 1 200 ? -6.178  11.358  4.196   1.00 119.71 ? 223 GLN A N   1 
ATOM   1579 C CA  . GLN A 1 200 ? -7.559  11.714  4.522   1.00 120.52 ? 223 GLN A CA  1 
ATOM   1580 C C   . GLN A 1 200 ? -7.793  11.698  6.030   1.00 120.00 ? 223 GLN A C   1 
ATOM   1581 O O   . GLN A 1 200 ? -7.595  10.679  6.695   1.00 119.06 ? 223 GLN A O   1 
ATOM   1582 C CB  . GLN A 1 200 ? -8.535  10.746  3.845   1.00 121.86 ? 223 GLN A CB  1 
ATOM   1583 C CG  . GLN A 1 200 ? -8.377  10.644  2.333   1.00 123.24 ? 223 GLN A CG  1 
ATOM   1584 C CD  . GLN A 1 200 ? -8.514  11.983  1.641   1.00 123.85 ? 223 GLN A CD  1 
ATOM   1585 O OE1 . GLN A 1 200 ? -7.703  12.883  1.838   1.00 123.43 ? 223 GLN A OE1 1 
ATOM   1586 N NE2 . GLN A 1 200 ? -9.555  12.119  0.820   1.00 124.64 ? 223 GLN A NE2 1 
ATOM   1587 N N   . GLN A 1 203 ? -3.537  10.582  11.011  1.00 134.86 ? 226 GLN A N   1 
ATOM   1588 C CA  . GLN A 1 203 ? -2.779  11.774  11.381  1.00 135.44 ? 226 GLN A CA  1 
ATOM   1589 C C   . GLN A 1 203 ? -1.286  11.475  11.356  1.00 135.27 ? 226 GLN A C   1 
ATOM   1590 O O   . GLN A 1 203 ? -0.686  11.180  12.395  1.00 135.57 ? 226 GLN A O   1 
ATOM   1591 C CB  . GLN A 1 203 ? -3.163  12.238  12.784  1.00 135.91 ? 226 GLN A CB  1 
ATOM   1592 C CG  . GLN A 1 203 ? -4.232  11.394  13.448  1.00 136.73 ? 226 GLN A CG  1 
ATOM   1593 C CD  . GLN A 1 203 ? -4.266  11.589  14.950  1.00 136.91 ? 226 GLN A CD  1 
ATOM   1594 O OE1 . GLN A 1 203 ? -3.341  11.188  15.659  1.00 136.80 ? 226 GLN A OE1 1 
ATOM   1595 N NE2 . GLN A 1 203 ? -5.331  12.215  15.443  1.00 136.79 ? 226 GLN A NE2 1 
ATOM   1596 N N   . VAL A 1 204 ? -0.687  11.565  10.171  1.00 134.49 ? 227 VAL A N   1 
ATOM   1597 C CA  . VAL A 1 204 ? 0.738   11.287  10.008  1.00 133.15 ? 227 VAL A CA  1 
ATOM   1598 C C   . VAL A 1 204 ? 1.544   12.562  9.756   1.00 131.68 ? 227 VAL A C   1 
ATOM   1599 O O   . VAL A 1 204 ? 0.982   13.608  9.452   1.00 131.92 ? 227 VAL A O   1 
ATOM   1600 C CB  . VAL A 1 204 ? 0.985   10.319  8.825   1.00 133.26 ? 227 VAL A CB  1 
ATOM   1601 C CG1 . VAL A 1 204 ? 2.447   9.929   8.782   1.00 133.24 ? 227 VAL A CG1 1 
ATOM   1602 C CG2 . VAL A 1 204 ? 0.104   9.081   8.954   1.00 132.98 ? 227 VAL A CG2 1 
ATOM   1603 N N   . THR A 1 205 ? 2.865   12.466  9.889   1.00 129.45 ? 228 THR A N   1 
ATOM   1604 C CA  . THR A 1 205 ? 3.754   13.601  9.661   1.00 126.65 ? 228 THR A CA  1 
ATOM   1605 C C   . THR A 1 205 ? 4.727   13.249  8.538   1.00 124.29 ? 228 THR A C   1 
ATOM   1606 O O   . THR A 1 205 ? 5.738   12.577  8.757   1.00 124.71 ? 228 THR A O   1 
ATOM   1607 C CB  . THR A 1 205 ? 4.557   13.967  10.953  1.00 127.19 ? 228 THR A CB  1 
ATOM   1608 O OG1 . THR A 1 205 ? 3.652   14.440  11.957  1.00 127.73 ? 228 THR A OG1 1 
ATOM   1609 C CG2 . THR A 1 205 ? 5.604   15.062  10.676  1.00 126.00 ? 228 THR A CG2 1 
ATOM   1610 N N   . THR A 1 206 ? 4.398   13.674  7.325   1.00 120.75 ? 229 THR A N   1 
ATOM   1611 C CA  . THR A 1 206 ? 5.263   13.431  6.178   1.00 116.92 ? 229 THR A CA  1 
ATOM   1612 C C   . THR A 1 206 ? 5.341   14.701  5.363   1.00 113.81 ? 229 THR A C   1 
ATOM   1613 O O   . THR A 1 206 ? 4.342   15.182  4.823   1.00 112.53 ? 229 THR A O   1 
ATOM   1614 C CB  . THR A 1 206 ? 4.741   12.329  5.271   1.00 116.97 ? 229 THR A CB  1 
ATOM   1615 O OG1 . THR A 1 206 ? 3.442   12.685  4.789   1.00 116.11 ? 229 THR A OG1 1 
ATOM   1616 C CG2 . THR A 1 206 ? 4.676   11.032  6.021   1.00 118.35 ? 229 THR A CG2 1 
ATOM   1617 N N   . GLU A 1 207 ? 6.549   15.237  5.283   1.00 110.41 ? 230 GLU A N   1 
ATOM   1618 C CA  . GLU A 1 207 ? 6.794   16.459  4.552   1.00 106.35 ? 230 GLU A CA  1 
ATOM   1619 C C   . GLU A 1 207 ? 8.237   16.436  4.098   1.00 102.79 ? 230 GLU A C   1 
ATOM   1620 O O   . GLU A 1 207 ? 9.078   15.787  4.712   1.00 102.17 ? 230 GLU A O   1 
ATOM   1621 C CB  . GLU A 1 207 ? 6.570   17.669  5.464   1.00 107.28 ? 230 GLU A CB  1 
ATOM   1622 C CG  . GLU A 1 207 ? 7.456   17.659  6.711   1.00 108.11 ? 230 GLU A CG  1 
ATOM   1623 C CD  . GLU A 1 207 ? 7.377   18.948  7.510   1.00 108.51 ? 230 GLU A CD  1 
ATOM   1624 O OE1 . GLU A 1 207 ? 6.266   19.301  7.955   1.00 108.98 ? 230 GLU A OE1 1 
ATOM   1625 O OE2 . GLU A 1 207 ? 8.427   19.607  7.690   1.00 107.83 ? 230 GLU A OE2 1 
ATOM   1626 N N   . ARG A 1 208 ? 8.504   17.136  3.006   1.00 98.97  ? 231 ARG A N   1 
ATOM   1627 C CA  . ARG A 1 208 ? 9.843   17.255  2.466   1.00 94.54  ? 231 ARG A CA  1 
ATOM   1628 C C   . ARG A 1 208 ? 9.973   18.723  2.128   1.00 92.82  ? 231 ARG A C   1 
ATOM   1629 O O   . ARG A 1 208 ? 9.177   19.260  1.356   1.00 92.61  ? 231 ARG A O   1 
ATOM   1630 C CB  . ARG A 1 208 ? 10.008  16.432  1.195   1.00 93.95  ? 231 ARG A CB  1 
ATOM   1631 C CG  . ARG A 1 208 ? 11.328  16.685  0.493   1.00 92.63  ? 231 ARG A CG  1 
ATOM   1632 C CD  . ARG A 1 208 ? 12.476  16.016  1.217   1.00 91.91  ? 231 ARG A CD  1 
ATOM   1633 N NE  . ARG A 1 208 ? 12.754  14.701  0.652   1.00 92.05  ? 231 ARG A NE  1 
ATOM   1634 C CZ  . ARG A 1 208 ? 13.634  13.839  1.150   1.00 92.54  ? 231 ARG A CZ  1 
ATOM   1635 N NH1 . ARG A 1 208 ? 14.328  14.146  2.237   1.00 93.41  ? 231 ARG A NH1 1 
ATOM   1636 N NH2 . ARG A 1 208 ? 13.833  12.675  0.551   1.00 92.63  ? 231 ARG A NH2 1 
ATOM   1637 N N   . THR A 1 209 ? 10.954  19.380  2.730   1.00 90.86  ? 232 THR A N   1 
ATOM   1638 C CA  . THR A 1 209 ? 11.181  20.788  2.472   1.00 89.27  ? 232 THR A CA  1 
ATOM   1639 C C   . THR A 1 209 ? 12.461  20.918  1.677   1.00 87.62  ? 232 THR A C   1 
ATOM   1640 O O   . THR A 1 209 ? 13.477  20.327  2.033   1.00 87.06  ? 232 THR A O   1 
ATOM   1641 C CB  . THR A 1 209 ? 11.325  21.581  3.775   1.00 89.83  ? 232 THR A CB  1 
ATOM   1642 O OG1 . THR A 1 209 ? 10.119  21.463  4.544   1.00 91.76  ? 232 THR A OG1 1 
ATOM   1643 C CG2 . THR A 1 209 ? 11.588  23.045  3.469   1.00 89.81  ? 232 THR A CG2 1 
ATOM   1644 N N   . VAL A 1 210 ? 12.409  21.671  0.589   1.00 86.17  ? 233 VAL A N   1 
ATOM   1645 C CA  . VAL A 1 210 ? 13.592  21.854  -0.223  1.00 86.88  ? 233 VAL A CA  1 
ATOM   1646 C C   . VAL A 1 210 ? 13.946  23.319  -0.330  1.00 88.45  ? 233 VAL A C   1 
ATOM   1647 O O   . VAL A 1 210 ? 13.065  24.182  -0.315  1.00 88.13  ? 233 VAL A O   1 
ATOM   1648 C CB  . VAL A 1 210 ? 13.419  21.283  -1.646  1.00 85.76  ? 233 VAL A CB  1 
ATOM   1649 C CG1 . VAL A 1 210 ? 13.244  19.782  -1.567  1.00 83.59  ? 233 VAL A CG1 1 
ATOM   1650 C CG2 . VAL A 1 210 ? 12.241  21.953  -2.349  1.00 83.50  ? 233 VAL A CG2 1 
ATOM   1651 N N   . GLN A 1 211 ? 15.246  23.593  -0.418  1.00 89.38  ? 234 GLN A N   1 
ATOM   1652 C CA  . GLN A 1 211 ? 15.716  24.962  -0.535  1.00 89.83  ? 234 GLN A CA  1 
ATOM   1653 C C   . GLN A 1 211 ? 15.864  25.287  -2.007  1.00 89.86  ? 234 GLN A C   1 
ATOM   1654 O O   . GLN A 1 211 ? 16.594  24.609  -2.732  1.00 90.40  ? 234 GLN A O   1 
ATOM   1655 C CB  . GLN A 1 211 ? 17.051  25.145  0.176   1.00 89.50  ? 234 GLN A CB  1 
ATOM   1656 C CG  . GLN A 1 211 ? 17.470  26.600  0.252   1.00 89.90  ? 234 GLN A CG  1 
ATOM   1657 C CD  . GLN A 1 211 ? 18.758  26.787  1.004   1.00 89.76  ? 234 GLN A CD  1 
ATOM   1658 O OE1 . GLN A 1 211 ? 18.845  26.472  2.191   1.00 90.20  ? 234 GLN A OE1 1 
ATOM   1659 N NE2 . GLN A 1 211 ? 19.777  27.294  0.318   1.00 90.85  ? 234 GLN A NE2 1 
ATOM   1660 N N   . LEU A 1 212 ? 15.164  26.332  -2.438  1.00 89.57  ? 235 LEU A N   1 
ATOM   1661 C CA  . LEU A 1 212 ? 15.173  26.756  -3.831  1.00 89.71  ? 235 LEU A CA  1 
ATOM   1662 C C   . LEU A 1 212 ? 16.465  27.403  -4.302  1.00 90.93  ? 235 LEU A C   1 
ATOM   1663 O O   . LEU A 1 212 ? 17.109  28.141  -3.566  1.00 92.41  ? 235 LEU A O   1 
ATOM   1664 C CB  . LEU A 1 212 ? 14.011  27.717  -4.073  1.00 87.40  ? 235 LEU A CB  1 
ATOM   1665 C CG  . LEU A 1 212 ? 12.640  27.152  -3.695  1.00 86.31  ? 235 LEU A CG  1 
ATOM   1666 C CD1 . LEU A 1 212 ? 11.564  28.209  -3.912  1.00 84.38  ? 235 LEU A CD1 1 
ATOM   1667 C CD2 . LEU A 1 212 ? 12.362  25.900  -4.517  1.00 82.78  ? 235 LEU A CD2 1 
ATOM   1668 N N   . ASN A 1 213 ? 16.836  27.119  -5.543  1.00 92.32  ? 236 ASN A N   1 
ATOM   1669 C CA  . ASN A 1 213 ? 18.039  27.688  -6.137  1.00 93.39  ? 236 ASN A CA  1 
ATOM   1670 C C   . ASN A 1 213 ? 17.679  28.382  -7.453  1.00 93.30  ? 236 ASN A C   1 
ATOM   1671 O O   . ASN A 1 213 ? 18.137  27.977  -8.518  1.00 93.06  ? 236 ASN A O   1 
ATOM   1672 C CB  . ASN A 1 213 ? 19.073  26.595  -6.406  1.00 94.74  ? 236 ASN A CB  1 
ATOM   1673 C CG  . ASN A 1 213 ? 20.388  27.148  -6.947  1.00 96.74  ? 236 ASN A CG  1 
ATOM   1674 O OD1 . ASN A 1 213 ? 20.415  28.175  -7.632  1.00 97.74  ? 236 ASN A OD1 1 
ATOM   1675 N ND2 . ASN A 1 213 ? 21.485  26.454  -6.656  1.00 97.29  ? 236 ASN A ND2 1 
ATOM   1676 N N   . VAL A 1 214 ? 16.847  29.418  -7.379  1.00 93.13  ? 237 VAL A N   1 
ATOM   1677 C CA  . VAL A 1 214 ? 16.451  30.165  -8.575  1.00 93.94  ? 237 VAL A CA  1 
ATOM   1678 C C   . VAL A 1 214 ? 17.712  30.797  -9.172  1.00 94.39  ? 237 VAL A C   1 
ATOM   1679 O O   . VAL A 1 214 ? 18.662  31.088  -8.441  1.00 94.76  ? 237 VAL A O   1 
ATOM   1680 C CB  . VAL A 1 214 ? 15.448  31.281  -8.229  1.00 93.82  ? 237 VAL A CB  1 
ATOM   1681 C CG1 . VAL A 1 214 ? 14.778  31.791  -9.489  1.00 92.83  ? 237 VAL A CG1 1 
ATOM   1682 C CG2 . VAL A 1 214 ? 14.423  30.757  -7.245  1.00 94.67  ? 237 VAL A CG2 1 
ATOM   1683 N N   . SER A 1 215 ? 17.730  31.027  -10.481 1.00 94.84  ? 238 SER A N   1 
ATOM   1684 C CA  . SER A 1 215 ? 18.929  31.594  -11.095 1.00 96.29  ? 238 SER A CA  1 
ATOM   1685 C C   . SER A 1 215 ? 18.738  32.385  -12.385 1.00 97.15  ? 238 SER A C   1 
ATOM   1686 O O   . SER A 1 215 ? 17.780  32.165  -13.135 1.00 96.91  ? 238 SER A O   1 
ATOM   1687 C CB  . SER A 1 215 ? 19.954  30.490  -11.346 1.00 96.05  ? 238 SER A CB  1 
ATOM   1688 O OG  . SER A 1 215 ? 19.478  29.572  -12.303 1.00 96.80  ? 238 SER A OG  1 
ATOM   1689 N N   . LEU A 1 216 ? 19.678  33.300  -12.634 1.00 98.20  ? 239 LEU A N   1 
ATOM   1690 C CA  . LEU A 1 216 ? 19.666  34.166  -13.820 1.00 100.00 ? 239 LEU A CA  1 
ATOM   1691 C C   . LEU A 1 216 ? 18.358  34.953  -13.965 1.00 100.88 ? 239 LEU A C   1 
ATOM   1692 O O   . LEU A 1 216 ? 17.564  34.944  -13.000 1.00 101.76 ? 239 LEU A O   1 
ATOM   1693 C CB  . LEU A 1 216 ? 19.904  33.346  -15.092 1.00 99.96  ? 239 LEU A CB  1 
ATOM   1694 C CG  . LEU A 1 216 ? 21.252  32.646  -15.240 1.00 99.91  ? 239 LEU A CG  1 
ATOM   1695 C CD1 . LEU A 1 216 ? 21.168  31.679  -16.409 1.00 100.25 ? 239 LEU A CD1 1 
ATOM   1696 C CD2 . LEU A 1 216 ? 22.356  33.671  -15.433 1.00 100.13 ? 239 LEU A CD2 1 
ATOM   1697 O OXT . LEU A 1 216 ? 18.139  35.576  -15.036 1.00 100.73 ? 239 LEU A OXT 1 
HETATM 1698 O O   . HOH B 2 .   ? -12.628 -32.235 -2.305  1.00 69.35  ? 240 HOH A O   1 
HETATM 1699 O O   . HOH B 2 .   ? -15.702 -6.430  0.958   1.00 34.37  ? 241 HOH A O   1 
HETATM 1700 O O   . HOH B 2 .   ? -4.289  -9.604  -8.433  1.00 71.50  ? 242 HOH A O   1 
HETATM 1701 O O   . HOH B 2 .   ? -9.656  -8.151  1.464   1.00 55.89  ? 243 HOH A O   1 
HETATM 1702 O O   . HOH B 2 .   ? -5.093  -8.035  -6.450  1.00 78.72  ? 244 HOH A O   1 
HETATM 1703 O O   . HOH B 2 .   ? -1.187  22.443  -19.078 1.00 65.87  ? 245 HOH A O   1 
HETATM 1704 O O   . HOH B 2 .   ? 3.267   32.222  1.728   1.00 68.94  ? 246 HOH A O   1 
HETATM 1705 O O   . HOH B 2 .   ? 6.457   -19.020 6.662   1.00 52.60  ? 247 HOH A O   1 
HETATM 1706 O O   . HOH B 2 .   ? 14.997  17.085  -8.496  1.00 72.01  ? 248 HOH A O   1 
HETATM 1707 O O   . HOH B 2 .   ? -17.736 -7.653  2.485   1.00 47.04  ? 249 HOH A O   1 
HETATM 1708 O O   . HOH B 2 .   ? -4.830  6.100   -2.302  1.00 77.09  ? 250 HOH A O   1 
HETATM 1709 O O   . HOH B 2 .   ? 9.126   -6.402  5.281   1.00 95.73  ? 251 HOH A O   1 
HETATM 1710 O O   . HOH B 2 .   ? -1.021  -27.729 -6.057  1.00 61.31  ? 252 HOH A O   1 
HETATM 1711 O O   . HOH B 2 .   ? -2.807  -6.293  16.326  1.00 82.79  ? 253 HOH A O   1 
HETATM 1712 O O   . HOH B 2 .   ? -14.740 -25.102 -3.505  1.00 65.25  ? 254 HOH A O   1 
HETATM 1713 O O   . HOH B 2 .   ? -12.761 -16.808 15.295  1.00 63.92  ? 255 HOH A O   1 
HETATM 1714 O O   . HOH B 2 .   ? -13.303 -23.851 10.753  1.00 73.61  ? 256 HOH A O   1 
HETATM 1715 O O   . HOH B 2 .   ? -0.143  -14.774 -11.005 1.00 45.98  ? 257 HOH A O   1 
HETATM 1716 O O   . HOH B 2 .   ? 0.827   -17.413 -18.235 1.00 81.14  ? 258 HOH A O   1 
HETATM 1717 O O   . HOH B 2 .   ? -7.111  -1.686  -8.280  1.00 65.45  ? 259 HOH A O   1 
HETATM 1718 O O   . HOH B 2 .   ? -6.143  3.922   3.751   1.00 80.78  ? 260 HOH A O   1 
HETATM 1719 O O   . HOH B 2 .   ? 7.318   14.961  8.306   1.00 90.13  ? 261 HOH A O   1 
HETATM 1720 O O   . HOH B 2 .   ? 7.394   -13.353 0.259   1.00 41.36  ? 262 HOH A O   1 
HETATM 1721 O O   . HOH B 2 .   ? 0.004   -16.616 -15.720 1.00 68.22  ? 263 HOH A O   1 
HETATM 1722 O O   . HOH B 2 .   ? -5.638  -19.552 14.401  1.00 72.85  ? 264 HOH A O   1 
HETATM 1723 O O   . HOH B 2 .   ? 2.320   35.764  3.567   1.00 90.09  ? 265 HOH A O   1 
HETATM 1724 O O   . HOH B 2 .   ? -13.161 -13.394 -6.419  1.00 49.06  ? 266 HOH A O   1 
HETATM 1725 O O   . HOH B 2 .   ? -2.069  -23.257 -13.770 1.00 66.78  ? 267 HOH A O   1 
HETATM 1726 O O   . HOH B 2 .   ? -11.042 -33.612 -10.515 1.00 94.07  ? 268 HOH A O   1 
HETATM 1727 O O   . HOH B 2 .   ? -21.598 -12.276 1.940   0.50 78.79  ? 269 HOH A O   1 
HETATM 1728 O O   . HOH B 2 .   ? -21.266 -8.909  2.461   0.50 79.94  ? 270 HOH A O   1 
# 
